data_6U6X
#
_entry.id   6U6X
#
_cell.length_a   69.360
_cell.length_b   81.870
_cell.length_c   106.000
_cell.angle_alpha   69.720
_cell.angle_beta   76.300
_cell.angle_gamma   82.770
#
_symmetry.space_group_name_H-M   'P 1'
#
loop_
_entity.id
_entity.type
_entity.pdbx_description
1 polymer 'Deoxynucleoside triphosphate triphosphohydrolase SAMHD1'
2 polymer 'DNA SC-GS-SC-SC-DT'
3 non-polymer 'ZINC ION'
4 water water
#
loop_
_entity_poly.entity_id
_entity_poly.type
_entity_poly.pdbx_seq_one_letter_code
_entity_poly.pdbx_strand_id
1 'polypeptide(L)'
;MWSHPQFEKGSGSENLYFQGTMKVINDPIHGHIELHPLLVRIIDTPQFQRLRYIKQLGGGYYVFPGASHNRFEHSLGVGY
LAGCLVHALGEKQPELQISERDVLCVQIAGLCHDLGHGPFSHMFDGRFIPLARPEVKWTHEQGSVMMFEHLINSNGIKPV
MEQYGLIPEEDICFIKEQIVGPLESPVEDSLWPYKGRPENKSFLYEIVSNKRNGIDVAKWDYFARDCHHLGIQNNFDYKR
FIKFARVCEVDNELRICARDKEVGNLYDMFHTRNSLHRRAYQHKVGNIIDTMITDAFLKADDYIEITGAGGKKYRISTAI
DDMEAYTKLTDNIFLEILYSTDPKLKDAREILKQIEYRNLFKYVGETQPTGQIKIKREDYESLPKEVASAKPKVLLDVKL
KAEDFIVDVINMDYGMQEKNPIDHVSFYCKTAPNRAIRITKNQVSQLLPEKFAEQLIRVYCKKVDRKSLYAARQYFVQWC
ADRNFTKPQDGDVIAPLITPQKKEWNDSTSVQNPTRLREASKSRVQLFKDDPM
;
A,B,C,D
2 'polydeoxyribonucleotide' (SC)(GS)(SC)(SC)(DT) E,G,F,H
#
loop_
_chem_comp.id
_chem_comp.type
_chem_comp.name
_chem_comp.formula
DT DNA linking THYMIDINE-5'-MONOPHOSPHATE 'C10 H15 N2 O8 P'
GS DNA linking GUANOSINE-5'-THIO-MONOPHOSPHATE 'C10 H14 N5 O6 P S'
SC DNA linking 2-DEOXY-CYTIDINE-5'-THIOPHOSPHORATE 'C9 H14 N3 O6 P S'
ZN non-polymer 'ZINC ION' 'Zn 2'
#
# COMPACT_ATOMS: atom_id res chain seq x y z
N THR A 21 15.73 -1.24 -32.21
CA THR A 21 15.60 -1.78 -30.85
C THR A 21 16.87 -1.45 -30.06
N MET A 22 16.70 -1.13 -28.78
CA MET A 22 17.73 -0.48 -27.99
C MET A 22 17.87 -1.18 -26.63
N LYS A 23 18.92 -0.80 -25.91
CA LYS A 23 19.23 -1.42 -24.63
C LYS A 23 18.20 -1.04 -23.57
N VAL A 24 17.88 -2.01 -22.71
CA VAL A 24 16.81 -1.90 -21.73
C VAL A 24 17.38 -2.19 -20.35
N ILE A 25 17.04 -1.33 -19.39
CA ILE A 25 17.44 -1.52 -18.00
C ILE A 25 16.17 -1.63 -17.15
N ASN A 26 16.04 -2.74 -16.42
CA ASN A 26 14.86 -2.96 -15.60
C ASN A 26 15.01 -2.21 -14.29
N ASP A 27 14.03 -1.37 -13.98
CA ASP A 27 14.11 -0.57 -12.79
C ASP A 27 12.91 -0.81 -11.89
N PRO A 28 13.11 -0.89 -10.58
CA PRO A 28 11.96 -1.16 -9.70
C PRO A 28 10.97 -0.03 -9.64
N ILE A 29 11.38 1.21 -9.93
CA ILE A 29 10.42 2.32 -9.92
C ILE A 29 9.73 2.44 -11.27
N HIS A 30 10.49 2.45 -12.36
CA HIS A 30 9.97 2.76 -13.68
C HIS A 30 9.80 1.56 -14.59
N GLY A 31 10.09 0.35 -14.12
CA GLY A 31 10.01 -0.80 -15.01
C GLY A 31 11.13 -0.74 -16.03
N HIS A 32 10.79 -0.98 -17.29
CA HIS A 32 11.79 -0.97 -18.35
C HIS A 32 12.15 0.45 -18.75
N ILE A 33 13.45 0.73 -18.81
CA ILE A 33 13.97 2.00 -19.27
C ILE A 33 14.72 1.73 -20.56
N GLU A 34 14.17 2.18 -21.69
CA GLU A 34 14.88 2.06 -22.95
C GLU A 34 15.86 3.21 -23.10
N LEU A 35 17.08 2.91 -23.51
CA LEU A 35 18.17 3.86 -23.56
C LEU A 35 18.71 3.95 -24.97
N HIS A 36 18.68 5.16 -25.53
CA HIS A 36 19.29 5.42 -26.83
C HIS A 36 20.75 4.97 -26.81
N PRO A 37 21.25 4.42 -27.91
CA PRO A 37 22.66 3.98 -27.91
C PRO A 37 23.64 5.02 -27.41
N LEU A 38 23.38 6.30 -27.71
CA LEU A 38 24.27 7.37 -27.26
C LEU A 38 24.27 7.48 -25.74
N LEU A 39 23.10 7.38 -25.12
CA LEU A 39 23.05 7.39 -23.66
C LEU A 39 23.83 6.22 -23.09
N VAL A 40 23.75 5.06 -23.74
CA VAL A 40 24.47 3.88 -23.30
C VAL A 40 25.97 4.15 -23.31
N ARG A 41 26.43 4.95 -24.27
CA ARG A 41 27.88 5.13 -24.37
C ARG A 41 28.42 6.21 -23.44
N ILE A 42 27.58 7.00 -22.79
CA ILE A 42 28.08 7.82 -21.68
C ILE A 42 27.92 7.11 -20.34
N ILE A 43 26.87 6.31 -20.18
CA ILE A 43 26.65 5.56 -18.95
C ILE A 43 27.79 4.57 -18.73
N ASP A 44 28.25 3.95 -19.81
CA ASP A 44 29.28 2.91 -19.72
C ASP A 44 30.69 3.48 -19.70
N THR A 45 30.89 4.59 -19.01
CA THR A 45 32.17 5.23 -18.75
C THR A 45 32.49 5.23 -17.26
N PRO A 46 33.76 5.32 -16.88
CA PRO A 46 34.09 5.36 -15.45
C PRO A 46 33.51 6.59 -14.74
N GLN A 47 33.31 7.68 -15.46
CA GLN A 47 32.81 8.89 -14.81
C GLN A 47 31.35 8.74 -14.41
N PHE A 48 30.57 7.99 -15.20
CA PHE A 48 29.19 7.75 -14.81
C PHE A 48 29.02 6.59 -13.84
N GLN A 49 29.73 5.47 -14.07
CA GLN A 49 29.60 4.33 -13.16
C GLN A 49 30.08 4.69 -11.77
N ARG A 50 30.89 5.75 -11.66
CA ARG A 50 31.28 6.30 -10.37
C ARG A 50 30.09 6.48 -9.46
N LEU A 51 28.94 6.83 -10.02
CA LEU A 51 27.77 7.08 -9.20
C LEU A 51 27.20 5.84 -8.56
N ARG A 52 27.70 4.64 -8.92
CA ARG A 52 27.33 3.41 -8.22
C ARG A 52 27.86 3.36 -6.79
N TYR A 53 28.87 4.18 -6.48
CA TYR A 53 29.59 4.15 -5.22
C TYR A 53 29.34 5.40 -4.36
N ILE A 54 28.23 6.09 -4.56
CA ILE A 54 27.84 7.26 -3.78
C ILE A 54 26.38 7.09 -3.35
N LYS A 55 26.16 6.98 -2.04
CA LYS A 55 24.82 6.71 -1.53
C LYS A 55 23.92 7.91 -1.71
N GLN A 56 22.68 7.66 -2.12
CA GLN A 56 21.76 8.76 -2.39
C GLN A 56 21.49 9.57 -1.14
N LEU A 57 21.23 8.91 -0.01
CA LEU A 57 20.87 9.63 1.19
C LEU A 57 22.07 9.86 2.11
N GLY A 58 23.28 9.59 1.64
CA GLY A 58 24.44 9.83 2.49
C GLY A 58 24.41 8.91 3.70
N GLY A 59 24.51 9.50 4.89
CA GLY A 59 24.45 8.71 6.10
C GLY A 59 23.07 8.24 6.52
N GLY A 60 22.00 8.62 5.81
CA GLY A 60 20.68 8.14 6.20
C GLY A 60 20.58 6.62 6.22
N TYR A 61 21.45 5.93 5.44
CA TYR A 61 21.49 4.47 5.44
C TYR A 61 21.83 3.91 6.82
N TYR A 62 22.56 4.67 7.64
CA TYR A 62 22.88 4.21 9.00
C TYR A 62 21.70 4.36 9.94
N VAL A 63 20.55 4.83 9.41
CA VAL A 63 19.29 4.96 10.15
C VAL A 63 18.17 4.17 9.50
N PHE A 64 18.05 4.27 8.17
CA PHE A 64 17.10 3.51 7.38
C PHE A 64 17.83 2.44 6.58
N PRO A 65 17.77 1.17 6.99
CA PRO A 65 18.55 0.14 6.28
C PRO A 65 18.05 -0.14 4.88
N GLY A 66 16.80 0.20 4.58
CA GLY A 66 16.31 0.07 3.24
C GLY A 66 16.92 1.03 2.26
N ALA A 67 17.63 2.04 2.76
CA ALA A 67 18.13 3.14 1.93
C ALA A 67 19.58 2.88 1.55
N SER A 68 19.76 1.82 0.79
CA SER A 68 21.07 1.43 0.30
C SER A 68 21.31 1.98 -1.09
N HIS A 69 20.36 2.74 -1.65
CA HIS A 69 20.44 3.11 -3.05
C HIS A 69 21.49 4.19 -3.28
N ASN A 70 21.99 4.23 -4.50
CA ASN A 70 23.07 5.12 -4.90
C ASN A 70 22.57 6.09 -5.96
N ARG A 71 23.42 7.09 -6.25
CA ARG A 71 23.07 8.09 -7.25
C ARG A 71 22.90 7.50 -8.64
N PHE A 72 23.55 6.36 -8.93
CA PHE A 72 23.52 5.77 -10.26
C PHE A 72 22.10 5.48 -10.71
N GLU A 73 21.39 4.65 -9.94
CA GLU A 73 20.03 4.29 -10.34
C GLU A 73 19.10 5.49 -10.29
N HIS A 74 19.38 6.47 -9.44
CA HIS A 74 18.57 7.69 -9.43
C HIS A 74 18.73 8.46 -10.74
N SER A 75 19.96 8.57 -11.24
CA SER A 75 20.19 9.34 -12.45
C SER A 75 19.64 8.63 -13.68
N LEU A 76 19.65 7.30 -13.69
CA LEU A 76 18.95 6.57 -14.75
C LEU A 76 17.48 6.96 -14.76
N GLY A 77 16.88 7.12 -13.57
CA GLY A 77 15.47 7.49 -13.51
C GLY A 77 15.22 8.89 -14.04
N VAL A 78 16.17 9.80 -13.80
CA VAL A 78 15.99 11.19 -14.21
C VAL A 78 16.12 11.32 -15.73
N GLY A 79 17.07 10.61 -16.32
CA GLY A 79 17.19 10.60 -17.77
C GLY A 79 15.96 10.01 -18.43
N TYR A 80 15.38 9.01 -17.79
CA TYR A 80 14.18 8.36 -18.36
C TYR A 80 13.02 9.34 -18.33
N LEU A 81 12.71 9.83 -17.14
CA LEU A 81 11.59 10.76 -16.92
C LEU A 81 11.76 12.03 -17.75
N ALA A 82 12.97 12.56 -17.83
CA ALA A 82 13.17 13.78 -18.61
C ALA A 82 12.75 13.53 -20.05
N GLY A 83 13.18 12.43 -20.64
CA GLY A 83 12.83 12.12 -22.02
C GLY A 83 11.36 11.78 -22.14
N CYS A 84 10.80 11.17 -21.11
CA CYS A 84 9.37 10.84 -21.22
C CYS A 84 8.57 12.12 -21.38
N LEU A 85 8.81 13.08 -20.51
CA LEU A 85 8.02 14.33 -20.50
C LEU A 85 8.27 15.13 -21.77
N VAL A 86 9.51 15.28 -22.17
CA VAL A 86 9.80 16.09 -23.38
C VAL A 86 9.22 15.39 -24.61
N HIS A 87 9.27 14.07 -24.66
CA HIS A 87 8.68 13.37 -25.83
C HIS A 87 7.17 13.59 -25.78
N ALA A 88 6.61 13.64 -24.58
CA ALA A 88 5.18 13.83 -24.48
C ALA A 88 4.79 15.26 -24.88
N LEU A 89 5.64 16.23 -24.56
CA LEU A 89 5.37 17.61 -24.94
C LEU A 89 5.42 17.77 -26.45
N GLY A 90 6.45 17.22 -27.09
CA GLY A 90 6.56 17.30 -28.53
C GLY A 90 5.48 16.53 -29.26
N GLU A 91 4.89 15.53 -28.59
CA GLU A 91 3.86 14.73 -29.22
C GLU A 91 2.51 15.44 -29.22
N LYS A 92 2.21 16.17 -28.14
CA LYS A 92 0.96 16.92 -28.01
C LYS A 92 1.00 18.30 -28.64
N GLN A 93 2.18 18.85 -28.93
CA GLN A 93 2.31 20.21 -29.47
C GLN A 93 3.48 20.22 -30.43
N PRO A 94 3.29 19.70 -31.65
CA PRO A 94 4.38 19.72 -32.64
C PRO A 94 4.76 21.12 -33.08
N GLU A 95 3.86 22.09 -32.92
CA GLU A 95 4.18 23.50 -33.17
C GLU A 95 5.47 23.93 -32.48
N LEU A 96 5.89 23.20 -31.44
CA LEU A 96 7.00 23.64 -30.60
C LEU A 96 8.36 23.26 -31.16
N GLN A 97 8.41 22.44 -32.22
CA GLN A 97 9.62 22.24 -33.01
C GLN A 97 10.66 21.35 -32.32
N ILE A 98 10.21 20.37 -31.52
CA ILE A 98 11.06 19.55 -30.66
C ILE A 98 11.63 18.38 -31.49
N SER A 99 12.88 18.51 -31.78
CA SER A 99 13.61 17.53 -32.53
C SER A 99 14.13 16.47 -31.63
N GLU A 100 14.73 15.47 -32.23
CA GLU A 100 15.37 14.39 -31.54
C GLU A 100 16.54 14.92 -30.75
N ARG A 101 17.25 15.86 -31.33
CA ARG A 101 18.38 16.45 -30.71
C ARG A 101 17.98 17.06 -29.40
N ASP A 102 16.86 17.75 -29.34
CA ASP A 102 16.47 18.36 -28.09
C ASP A 102 16.16 17.29 -27.04
N VAL A 103 15.46 16.22 -27.41
CA VAL A 103 15.16 15.21 -26.39
C VAL A 103 16.41 14.43 -25.99
N LEU A 104 17.33 14.18 -26.93
CA LEU A 104 18.57 13.50 -26.56
C LEU A 104 19.41 14.36 -25.63
N CYS A 105 19.32 15.69 -25.77
CA CYS A 105 20.09 16.58 -24.90
C CYS A 105 19.41 16.79 -23.56
N VAL A 106 18.09 16.71 -23.53
CA VAL A 106 17.39 16.75 -22.26
C VAL A 106 17.64 15.46 -21.49
N GLN A 107 17.64 14.32 -22.18
CA GLN A 107 17.96 13.06 -21.54
C GLN A 107 19.38 13.07 -20.99
N ILE A 108 20.34 13.55 -21.79
CA ILE A 108 21.71 13.59 -21.30
C ILE A 108 21.81 14.50 -20.10
N ALA A 109 21.07 15.61 -20.11
CA ALA A 109 21.11 16.50 -18.95
C ALA A 109 20.56 15.80 -17.71
N GLY A 110 19.44 15.08 -17.84
CA GLY A 110 18.92 14.35 -16.70
C GLY A 110 19.88 13.29 -16.19
N LEU A 111 20.52 12.57 -17.11
CA LEU A 111 21.42 11.49 -16.70
C LEU A 111 22.60 12.03 -15.91
N CYS A 112 23.06 13.23 -16.26
CA CYS A 112 24.33 13.74 -15.78
C CYS A 112 24.19 14.91 -14.83
N HIS A 113 22.96 15.22 -14.37
N HIS A 113 22.97 15.25 -14.39
CA HIS A 113 22.72 16.28 -13.39
CA HIS A 113 22.81 16.31 -13.40
C HIS A 113 23.32 15.99 -12.01
C HIS A 113 23.61 16.03 -12.14
N ASP A 114 23.78 14.76 -11.76
CA ASP A 114 24.36 14.40 -10.47
C ASP A 114 25.81 13.93 -10.58
N LEU A 115 26.44 14.06 -11.74
CA LEU A 115 27.79 13.55 -11.89
C LEU A 115 28.74 14.18 -10.88
N GLY A 116 28.43 15.39 -10.41
CA GLY A 116 29.38 16.12 -9.58
C GLY A 116 29.25 15.90 -8.10
N HIS A 117 28.36 15.01 -7.68
CA HIS A 117 28.24 14.70 -6.27
C HIS A 117 29.48 13.99 -5.76
N GLY A 118 29.76 14.20 -4.47
CA GLY A 118 30.86 13.56 -3.80
C GLY A 118 30.36 12.57 -2.78
N PRO A 119 31.29 12.04 -1.99
CA PRO A 119 30.95 11.01 -1.01
C PRO A 119 29.78 11.41 -0.12
N PHE A 120 28.79 10.54 -0.04
CA PHE A 120 27.62 10.75 0.81
C PHE A 120 26.80 11.97 0.38
N SER A 121 26.86 12.30 -0.92
CA SER A 121 25.98 13.31 -1.54
C SER A 121 26.03 14.69 -0.89
N HIS A 122 24.88 15.17 -0.42
CA HIS A 122 24.79 16.58 0.01
C HIS A 122 25.69 16.91 1.18
N MET A 123 26.13 15.90 1.92
CA MET A 123 27.10 16.12 3.01
C MET A 123 28.39 16.73 2.47
N PHE A 124 28.80 16.30 1.28
CA PHE A 124 30.12 16.65 0.79
C PHE A 124 30.21 18.14 0.45
N ASP A 125 29.32 18.62 -0.42
CA ASP A 125 29.35 20.02 -0.81
C ASP A 125 28.57 20.92 0.15
N GLY A 126 27.65 20.35 0.92
CA GLY A 126 26.85 21.12 1.85
C GLY A 126 27.48 21.35 3.20
N ARG A 127 28.47 20.54 3.57
CA ARG A 127 29.12 20.70 4.88
C ARG A 127 30.63 20.50 4.79
N PHE A 128 31.07 19.37 4.23
CA PHE A 128 32.49 19.04 4.29
C PHE A 128 33.34 20.10 3.63
N ILE A 129 32.99 20.51 2.42
CA ILE A 129 33.87 21.42 1.68
C ILE A 129 33.77 22.84 2.25
N PRO A 130 32.61 23.30 2.74
CA PRO A 130 32.62 24.55 3.53
C PRO A 130 33.52 24.54 4.74
N LEU A 131 33.61 23.40 5.46
CA LEU A 131 34.46 23.33 6.63
C LEU A 131 35.91 23.03 6.30
N ALA A 132 36.18 22.33 5.19
CA ALA A 132 37.56 22.04 4.84
C ALA A 132 38.20 23.20 4.08
N ARG A 133 37.42 23.95 3.31
CA ARG A 133 37.92 25.10 2.54
C ARG A 133 36.86 26.18 2.48
N PRO A 134 36.68 26.94 3.57
CA PRO A 134 35.65 28.00 3.58
C PRO A 134 35.90 29.08 2.55
N GLU A 135 37.10 29.10 2.00
CA GLU A 135 37.49 30.06 0.97
C GLU A 135 36.72 29.83 -0.33
N VAL A 136 36.80 28.61 -0.87
CA VAL A 136 36.24 28.28 -2.18
C VAL A 136 34.72 28.16 -2.11
N LYS A 137 34.07 28.51 -3.21
CA LYS A 137 32.64 28.32 -3.43
C LYS A 137 32.42 27.16 -4.40
N TRP A 138 31.88 26.05 -3.90
CA TRP A 138 31.72 24.82 -4.66
C TRP A 138 30.30 24.28 -4.50
N THR A 139 29.75 23.80 -5.60
CA THR A 139 28.47 23.11 -5.62
C THR A 139 28.64 21.83 -6.44
N HIS A 140 27.78 20.83 -6.17
CA HIS A 140 27.87 19.60 -6.97
C HIS A 140 27.49 19.83 -8.42
N GLU A 141 26.61 20.82 -8.68
CA GLU A 141 26.24 21.12 -10.06
C GLU A 141 27.43 21.64 -10.86
N GLN A 142 28.25 22.50 -10.26
CA GLN A 142 29.50 22.85 -10.92
C GLN A 142 30.36 21.62 -11.11
N GLY A 143 30.37 20.72 -10.12
CA GLY A 143 31.04 19.44 -10.31
C GLY A 143 30.47 18.65 -11.47
N SER A 144 29.14 18.64 -11.63
CA SER A 144 28.57 17.84 -12.68
C SER A 144 28.98 18.37 -14.04
N VAL A 145 28.99 19.70 -14.20
CA VAL A 145 29.46 20.32 -15.43
C VAL A 145 30.90 19.93 -15.69
N MET A 146 31.77 20.10 -14.69
CA MET A 146 33.19 19.76 -14.87
C MET A 146 33.35 18.29 -15.22
N MET A 147 32.70 17.43 -14.44
CA MET A 147 32.78 15.99 -14.67
C MET A 147 32.15 15.57 -16.00
N PHE A 148 31.08 16.26 -16.43
CA PHE A 148 30.48 15.94 -17.71
C PHE A 148 31.46 16.18 -18.84
N GLU A 149 32.23 17.27 -18.77
CA GLU A 149 33.18 17.51 -19.84
C GLU A 149 34.35 16.54 -19.77
N HIS A 150 34.73 16.12 -18.56
CA HIS A 150 35.76 15.09 -18.42
C HIS A 150 35.26 13.76 -19.00
N LEU A 151 33.98 13.45 -18.81
CA LEU A 151 33.41 12.25 -19.41
C LEU A 151 33.48 12.31 -20.92
N ILE A 152 33.13 13.46 -21.52
CA ILE A 152 32.99 13.54 -22.97
C ILE A 152 34.35 13.38 -23.65
N ASN A 153 35.39 14.02 -23.12
CA ASN A 153 36.67 14.01 -23.81
C ASN A 153 37.45 12.72 -23.60
N SER A 154 37.39 12.17 -22.37
CA SER A 154 38.11 10.95 -22.08
C SER A 154 37.52 9.75 -22.81
N ASN A 155 36.24 9.77 -23.16
CA ASN A 155 35.57 8.61 -23.72
C ASN A 155 35.18 8.79 -25.19
N GLY A 156 35.65 9.85 -25.85
CA GLY A 156 35.40 10.02 -27.26
C GLY A 156 33.92 10.05 -27.61
N ILE A 157 33.15 10.84 -26.85
CA ILE A 157 31.71 10.89 -27.03
C ILE A 157 31.32 11.89 -28.12
N LYS A 158 32.16 12.90 -28.36
CA LYS A 158 31.82 13.91 -29.35
C LYS A 158 31.59 13.35 -30.74
N PRO A 159 32.38 12.41 -31.27
CA PRO A 159 32.00 11.76 -32.52
C PRO A 159 30.69 10.99 -32.44
N VAL A 160 30.48 10.27 -31.34
CA VAL A 160 29.24 9.51 -31.21
C VAL A 160 28.04 10.44 -31.23
N MET A 161 28.21 11.65 -30.69
CA MET A 161 27.10 12.60 -30.70
C MET A 161 26.80 13.04 -32.13
N GLU A 162 27.85 13.23 -32.89
CA GLU A 162 27.70 13.69 -34.22
C GLU A 162 26.94 12.65 -35.00
N GLN A 163 27.20 11.40 -34.70
CA GLN A 163 26.54 10.33 -35.39
C GLN A 163 25.05 10.35 -35.26
N TYR A 164 24.53 10.72 -34.11
CA TYR A 164 23.11 10.70 -33.94
C TYR A 164 22.41 11.99 -34.20
N GLY A 165 23.10 12.93 -34.80
CA GLY A 165 22.47 14.17 -35.16
C GLY A 165 22.64 15.32 -34.21
N LEU A 166 23.67 15.30 -33.37
CA LEU A 166 23.87 16.37 -32.41
C LEU A 166 25.01 17.25 -32.91
N ILE A 167 24.87 18.56 -32.68
CA ILE A 167 25.89 19.53 -32.98
C ILE A 167 26.67 19.78 -31.67
N PRO A 168 27.90 19.30 -31.56
CA PRO A 168 28.53 19.26 -30.22
C PRO A 168 28.57 20.56 -29.42
N GLU A 169 28.94 21.68 -30.02
CA GLU A 169 29.24 22.88 -29.23
C GLU A 169 27.97 23.42 -28.57
N GLU A 170 26.91 23.61 -29.40
CA GLU A 170 25.67 24.15 -28.89
C GLU A 170 24.91 23.13 -28.08
N ASP A 171 25.13 21.85 -28.33
CA ASP A 171 24.31 20.87 -27.63
C ASP A 171 24.96 20.50 -26.30
N ILE A 172 26.29 20.59 -26.22
CA ILE A 172 26.98 20.39 -24.95
C ILE A 172 26.71 21.56 -24.01
N CYS A 173 26.72 22.78 -24.55
CA CYS A 173 26.42 23.91 -23.68
C CYS A 173 24.98 23.90 -23.24
N PHE A 174 24.07 23.48 -24.11
CA PHE A 174 22.68 23.24 -23.72
C PHE A 174 22.58 22.27 -22.55
N ILE A 175 23.38 21.20 -22.58
CA ILE A 175 23.36 20.23 -21.49
C ILE A 175 23.92 20.85 -20.19
N LYS A 176 25.07 21.53 -20.29
CA LYS A 176 25.63 22.20 -19.12
C LYS A 176 24.69 23.26 -18.56
N GLU A 177 23.99 24.00 -19.41
CA GLU A 177 23.07 25.02 -18.93
C GLU A 177 21.90 24.39 -18.17
N GLN A 178 21.42 23.24 -18.65
CA GLN A 178 20.33 22.56 -17.93
C GLN A 178 20.76 22.13 -16.54
N ILE A 179 22.05 21.86 -16.35
CA ILE A 179 22.53 21.38 -15.07
C ILE A 179 22.79 22.54 -14.11
N VAL A 180 23.66 23.48 -14.52
CA VAL A 180 24.15 24.51 -13.60
C VAL A 180 23.55 25.88 -13.88
N GLY A 181 22.80 26.04 -14.96
CA GLY A 181 22.13 27.30 -15.23
C GLY A 181 22.90 28.19 -16.18
N PRO A 182 22.42 29.40 -16.39
CA PRO A 182 23.04 30.31 -17.35
C PRO A 182 24.25 31.02 -16.76
N LEU A 183 24.85 31.90 -17.56
CA LEU A 183 25.96 32.74 -17.12
C LEU A 183 25.44 34.07 -16.57
N LEU A 191 16.51 39.99 -20.22
CA LEU A 191 16.62 39.29 -21.51
C LEU A 191 17.20 37.87 -21.37
N TRP A 192 17.54 37.24 -22.50
CA TRP A 192 17.83 35.81 -22.54
C TRP A 192 19.25 35.51 -22.09
N PRO A 193 19.44 34.75 -21.00
CA PRO A 193 20.79 34.41 -20.55
C PRO A 193 21.40 33.15 -21.17
N TYR A 194 20.60 32.31 -21.83
CA TYR A 194 21.05 31.00 -22.28
C TYR A 194 21.62 31.06 -23.70
N LYS A 195 22.70 30.31 -23.92
CA LYS A 195 23.37 30.26 -25.22
C LYS A 195 23.16 28.95 -25.95
N GLY A 196 22.50 27.96 -25.32
CA GLY A 196 22.39 26.65 -25.91
C GLY A 196 21.10 26.41 -26.68
N ARG A 197 20.07 27.22 -26.41
CA ARG A 197 18.80 27.12 -27.10
C ARG A 197 18.14 28.50 -27.11
N PRO A 198 17.35 28.82 -28.17
CA PRO A 198 16.60 30.10 -28.19
C PRO A 198 15.44 30.13 -27.19
N GLU A 199 14.66 31.23 -27.09
CA GLU A 199 13.56 31.23 -26.13
C GLU A 199 12.27 30.64 -26.66
N ASN A 200 12.12 30.43 -27.97
CA ASN A 200 10.98 29.64 -28.42
C ASN A 200 11.02 28.24 -27.82
N LYS A 201 12.20 27.82 -27.35
CA LYS A 201 12.39 26.55 -26.65
C LYS A 201 12.64 26.76 -25.16
N SER A 202 12.26 27.91 -24.61
CA SER A 202 12.41 28.25 -23.19
C SER A 202 12.00 27.12 -22.23
N PHE A 203 10.95 26.39 -22.57
CA PHE A 203 10.41 25.37 -21.67
C PHE A 203 11.41 24.25 -21.37
N LEU A 204 12.30 23.94 -22.33
CA LEU A 204 13.20 22.79 -22.14
C LEU A 204 14.07 22.94 -20.90
N TYR A 205 14.32 24.18 -20.46
CA TYR A 205 15.15 24.36 -19.29
C TYR A 205 14.39 24.12 -17.98
N GLU A 206 13.08 23.87 -18.07
CA GLU A 206 12.27 23.65 -16.90
C GLU A 206 12.18 22.16 -16.51
N ILE A 207 12.84 21.29 -17.27
CA ILE A 207 12.62 19.85 -17.10
C ILE A 207 13.61 19.23 -16.13
N VAL A 208 14.91 19.36 -16.39
CA VAL A 208 15.89 18.62 -15.58
C VAL A 208 16.06 19.25 -14.20
N SER A 209 16.32 20.55 -14.15
CA SER A 209 16.45 21.24 -12.88
C SER A 209 15.69 22.55 -12.94
N ASN A 210 14.96 22.87 -11.88
CA ASN A 210 14.10 24.06 -11.94
C ASN A 210 14.47 25.07 -10.84
N ASN A 213 10.67 27.05 -9.95
CA ASN A 213 9.49 26.57 -9.22
C ASN A 213 9.87 25.52 -8.15
N GLY A 214 10.76 24.62 -8.50
CA GLY A 214 11.03 23.46 -7.69
C GLY A 214 10.22 22.23 -8.04
N ILE A 215 9.78 22.08 -9.29
CA ILE A 215 9.12 20.87 -9.78
C ILE A 215 9.82 20.44 -11.08
N ASP A 216 10.82 19.59 -10.96
CA ASP A 216 11.60 19.06 -12.07
C ASP A 216 11.53 17.53 -12.03
N VAL A 217 11.91 16.90 -13.14
CA VAL A 217 11.85 15.44 -13.18
C VAL A 217 12.81 14.77 -12.22
N ALA A 218 13.80 15.49 -11.67
CA ALA A 218 14.72 14.87 -10.71
C ALA A 218 14.04 14.61 -9.37
N LYS A 219 13.23 15.55 -8.90
CA LYS A 219 12.51 15.33 -7.65
C LYS A 219 11.39 14.31 -7.80
N TRP A 220 10.86 14.14 -9.00
CA TRP A 220 9.88 13.08 -9.24
C TRP A 220 10.48 11.71 -8.97
N ASP A 221 11.68 11.47 -9.50
CA ASP A 221 12.32 10.17 -9.29
C ASP A 221 12.68 9.97 -7.83
N TYR A 222 13.39 10.91 -7.21
CA TYR A 222 13.85 10.60 -5.87
C TYR A 222 12.74 10.64 -4.83
N PHE A 223 11.62 11.30 -5.12
CA PHE A 223 10.47 11.12 -4.25
C PHE A 223 9.97 9.68 -4.32
N ALA A 224 9.80 9.16 -5.53
CA ALA A 224 9.37 7.78 -5.68
C ALA A 224 10.43 6.81 -5.21
N ARG A 225 11.68 7.02 -5.63
CA ARG A 225 12.74 6.09 -5.28
C ARG A 225 12.98 6.08 -3.77
N ASP A 226 13.08 7.27 -3.15
CA ASP A 226 13.36 7.31 -1.71
C ASP A 226 12.22 6.68 -0.94
N CYS A 227 10.99 6.90 -1.38
CA CYS A 227 9.85 6.35 -0.64
C CYS A 227 9.80 4.84 -0.80
N HIS A 228 10.20 4.35 -1.97
CA HIS A 228 10.28 2.91 -2.20
C HIS A 228 11.23 2.25 -1.19
N HIS A 229 12.44 2.81 -1.06
CA HIS A 229 13.46 2.25 -0.17
C HIS A 229 13.27 2.61 1.30
N LEU A 230 12.51 3.67 1.61
CA LEU A 230 12.29 4.05 3.00
C LEU A 230 11.01 3.46 3.59
N GLY A 231 10.13 2.89 2.78
CA GLY A 231 8.84 2.42 3.22
C GLY A 231 7.83 3.51 3.48
N ILE A 232 8.00 4.66 2.85
CA ILE A 232 7.09 5.78 2.98
C ILE A 232 6.19 5.72 1.78
N GLN A 233 4.96 6.13 1.93
CA GLN A 233 4.14 5.93 0.75
C GLN A 233 3.85 7.21 -0.02
N ASN A 234 4.05 7.04 -1.34
CA ASN A 234 4.02 8.05 -2.38
C ASN A 234 2.89 7.70 -3.32
N ASN A 235 1.86 8.52 -3.32
CA ASN A 235 0.76 8.32 -4.24
C ASN A 235 0.66 9.49 -5.21
N PHE A 236 1.71 10.29 -5.30
CA PHE A 236 1.80 11.24 -6.38
C PHE A 236 2.02 10.47 -7.68
N ASP A 237 1.21 10.77 -8.69
CA ASP A 237 1.29 10.09 -9.98
C ASP A 237 1.97 11.02 -10.98
N TYR A 238 3.20 10.68 -11.34
CA TYR A 238 3.92 11.45 -12.33
C TYR A 238 3.43 11.10 -13.74
N LYS A 239 3.02 9.86 -13.96
CA LYS A 239 2.71 9.42 -15.32
C LYS A 239 1.50 10.16 -15.89
N ARG A 240 0.54 10.50 -15.03
CA ARG A 240 -0.60 11.27 -15.48
C ARG A 240 -0.37 12.77 -15.39
N PHE A 241 0.57 13.20 -14.54
CA PHE A 241 0.97 14.60 -14.59
C PHE A 241 1.67 14.91 -15.90
N ILE A 242 2.45 13.95 -16.43
CA ILE A 242 3.08 14.14 -17.72
C ILE A 242 2.03 14.11 -18.83
N LYS A 243 1.03 13.23 -18.69
CA LYS A 243 0.06 13.08 -19.77
C LYS A 243 -0.84 14.30 -19.92
N PHE A 244 -1.14 14.99 -18.82
CA PHE A 244 -1.97 16.18 -18.86
C PHE A 244 -1.16 17.46 -18.76
N ALA A 245 0.15 17.37 -18.95
CA ALA A 245 1.01 18.55 -18.98
C ALA A 245 1.10 19.08 -20.40
N ARG A 246 1.33 20.39 -20.51
CA ARG A 246 1.64 21.00 -21.79
C ARG A 246 2.34 22.31 -21.52
N VAL A 247 2.94 22.87 -22.55
CA VAL A 247 3.58 24.17 -22.43
C VAL A 247 2.53 25.24 -22.68
N CYS A 248 2.60 26.30 -21.92
CA CYS A 248 1.63 27.37 -22.09
C CYS A 248 2.34 28.71 -22.01
N GLU A 249 1.61 29.78 -22.41
CA GLU A 249 2.12 31.14 -22.36
C GLU A 249 1.78 31.74 -21.00
N VAL A 250 2.80 32.20 -20.28
CA VAL A 250 2.61 32.92 -19.02
C VAL A 250 3.57 34.10 -19.02
N ASP A 251 3.05 35.29 -18.74
CA ASP A 251 3.82 36.54 -18.60
C ASP A 251 5.03 36.57 -19.54
N ASN A 252 4.74 36.59 -20.84
CA ASN A 252 5.73 36.74 -21.91
C ASN A 252 6.56 35.49 -22.15
N GLU A 253 6.18 34.35 -21.56
CA GLU A 253 7.10 33.22 -21.42
C GLU A 253 6.43 31.91 -21.79
N LEU A 254 7.22 31.02 -22.39
CA LEU A 254 6.78 29.64 -22.64
C LEU A 254 7.21 28.78 -21.46
N ARG A 255 6.23 28.17 -20.78
CA ARG A 255 6.47 27.42 -19.55
C ARG A 255 5.64 26.16 -19.55
N ILE A 256 6.10 25.16 -18.78
CA ILE A 256 5.37 23.90 -18.65
C ILE A 256 4.21 24.10 -17.69
N CYS A 257 3.03 23.61 -18.08
CA CYS A 257 1.80 23.83 -17.34
C CYS A 257 0.98 22.54 -17.32
N ALA A 258 0.22 22.36 -16.26
CA ALA A 258 -0.67 21.22 -16.09
C ALA A 258 -2.11 21.68 -16.04
N ARG A 259 -3.03 20.73 -16.22
CA ARG A 259 -4.43 21.03 -16.01
C ARG A 259 -4.65 21.46 -14.57
N ASP A 260 -5.48 22.50 -14.38
CA ASP A 260 -5.92 22.83 -13.02
C ASP A 260 -6.77 21.71 -12.44
N LYS A 261 -7.21 20.78 -13.29
CA LYS A 261 -7.65 19.45 -12.88
C LYS A 261 -6.79 18.86 -11.77
N GLU A 262 -5.46 18.88 -11.89
CA GLU A 262 -4.58 18.08 -11.06
C GLU A 262 -3.90 18.84 -9.94
N VAL A 263 -4.57 19.86 -9.36
CA VAL A 263 -4.11 20.37 -8.08
C VAL A 263 -4.15 19.25 -7.04
N GLY A 264 -5.07 18.31 -7.20
CA GLY A 264 -5.14 17.20 -6.27
C GLY A 264 -3.94 16.28 -6.34
N ASN A 265 -3.38 16.11 -7.54
CA ASN A 265 -2.15 15.35 -7.67
C ASN A 265 -0.97 16.07 -7.03
N LEU A 266 -0.93 17.40 -7.12
CA LEU A 266 0.21 18.14 -6.60
C LEU A 266 0.12 18.35 -5.09
N TYR A 267 -1.10 18.45 -4.54
CA TYR A 267 -1.22 18.49 -3.08
C TYR A 267 -0.63 17.23 -2.46
N ASP A 268 -0.78 16.09 -3.13
CA ASP A 268 -0.22 14.85 -2.61
C ASP A 268 1.30 14.81 -2.80
N MET A 269 1.79 15.31 -3.93
CA MET A 269 3.23 15.39 -4.12
C MET A 269 3.89 16.20 -3.00
N PHE A 270 3.31 17.36 -2.69
CA PHE A 270 3.88 18.19 -1.63
C PHE A 270 3.78 17.51 -0.27
N HIS A 271 2.74 16.71 -0.05
CA HIS A 271 2.68 16.01 1.23
C HIS A 271 3.80 14.98 1.36
N THR A 272 4.13 14.28 0.27
CA THR A 272 5.20 13.29 0.37
C THR A 272 6.57 13.98 0.49
N ARG A 273 6.74 15.11 -0.18
CA ARG A 273 7.92 15.94 0.06
C ARG A 273 8.02 16.32 1.53
N ASN A 274 6.91 16.74 2.15
CA ASN A 274 6.94 17.05 3.57
C ASN A 274 7.26 15.83 4.41
N SER A 275 6.73 14.66 4.03
CA SER A 275 6.97 13.46 4.80
C SER A 275 8.42 13.00 4.71
N LEU A 276 9.01 13.09 3.51
CA LEU A 276 10.40 12.68 3.36
C LEU A 276 11.34 13.58 4.14
N HIS A 277 10.99 14.86 4.26
CA HIS A 277 11.87 15.81 4.94
C HIS A 277 11.82 15.63 6.45
N ARG A 278 10.61 15.66 7.03
CA ARG A 278 10.54 15.49 8.49
C ARG A 278 10.97 14.09 8.91
N ARG A 279 10.63 13.05 8.14
CA ARG A 279 10.93 11.69 8.59
C ARG A 279 12.30 11.19 8.18
N ALA A 280 12.86 11.66 7.07
CA ALA A 280 14.10 11.09 6.56
C ALA A 280 15.21 12.11 6.37
N TYR A 281 15.05 13.06 5.44
CA TYR A 281 16.16 13.94 5.07
C TYR A 281 16.69 14.72 6.27
N GLN A 282 15.79 15.14 7.18
CA GLN A 282 16.15 15.94 8.34
C GLN A 282 16.13 15.11 9.63
N HIS A 283 16.27 13.79 9.53
CA HIS A 283 16.28 12.93 10.71
C HIS A 283 17.40 13.33 11.66
N LYS A 284 17.11 13.32 12.96
CA LYS A 284 18.05 13.82 13.94
C LYS A 284 19.30 12.94 14.03
N VAL A 285 19.14 11.62 14.06
CA VAL A 285 20.33 10.77 14.17
C VAL A 285 21.04 10.70 12.83
N GLY A 286 20.30 10.65 11.72
CA GLY A 286 20.93 10.63 10.42
C GLY A 286 21.79 11.85 10.18
N ASN A 287 21.32 13.02 10.61
CA ASN A 287 22.10 14.23 10.45
C ASN A 287 23.30 14.26 11.40
N ILE A 288 23.16 13.71 12.61
CA ILE A 288 24.32 13.59 13.50
C ILE A 288 25.40 12.72 12.86
N ILE A 289 25.00 11.60 12.27
CA ILE A 289 25.98 10.70 11.66
C ILE A 289 26.65 11.35 10.44
N ASP A 290 25.90 12.13 9.66
CA ASP A 290 26.53 12.89 8.58
C ASP A 290 27.63 13.80 9.12
N THR A 291 27.38 14.50 10.22
CA THR A 291 28.44 15.36 10.77
C THR A 291 29.56 14.55 11.43
N MET A 292 29.30 13.30 11.86
CA MET A 292 30.41 12.45 12.31
C MET A 292 31.28 12.00 11.13
N ILE A 293 30.66 11.66 10.00
CA ILE A 293 31.46 11.28 8.84
C ILE A 293 32.29 12.45 8.37
N THR A 294 31.71 13.65 8.38
CA THR A 294 32.43 14.85 7.97
C THR A 294 33.61 15.12 8.90
N ASP A 295 33.40 14.86 10.20
CA ASP A 295 34.48 15.04 11.18
C ASP A 295 35.64 14.10 10.90
N ALA A 296 35.37 12.85 10.58
CA ALA A 296 36.46 11.94 10.21
C ALA A 296 37.14 12.36 8.91
N PHE A 297 36.38 12.90 7.96
CA PHE A 297 36.99 13.40 6.73
C PHE A 297 37.93 14.56 7.02
N LEU A 298 37.50 15.50 7.88
CA LEU A 298 38.36 16.62 8.23
C LEU A 298 39.65 16.16 8.90
N LYS A 299 39.57 15.20 9.82
CA LYS A 299 40.76 14.68 10.48
C LYS A 299 41.57 13.76 9.58
N ALA A 300 41.02 13.28 8.48
CA ALA A 300 41.80 12.48 7.55
C ALA A 300 42.34 13.30 6.38
N ASP A 301 41.90 14.56 6.24
CA ASP A 301 42.09 15.29 5.00
C ASP A 301 43.56 15.55 4.68
N ASP A 302 44.41 15.67 5.68
CA ASP A 302 45.82 15.93 5.43
C ASP A 302 46.60 14.68 5.03
N TYR A 303 46.11 13.50 5.35
CA TYR A 303 46.87 12.26 5.20
C TYR A 303 46.36 11.31 4.13
N ILE A 304 45.28 11.65 3.45
CA ILE A 304 44.73 10.82 2.38
C ILE A 304 45.18 11.39 1.06
N GLU A 305 45.66 10.52 0.17
CA GLU A 305 46.18 10.91 -1.14
C GLU A 305 45.37 10.22 -2.23
N ILE A 306 44.90 11.01 -3.20
CA ILE A 306 44.22 10.52 -4.39
C ILE A 306 45.01 11.00 -5.59
N THR A 307 45.39 10.08 -6.46
CA THR A 307 46.24 10.43 -7.59
C THR A 307 45.40 10.92 -8.76
N GLY A 308 45.69 12.12 -9.24
CA GLY A 308 44.94 12.71 -10.33
C GLY A 308 45.73 12.67 -11.62
N ALA A 309 45.47 13.64 -12.51
CA ALA A 309 46.16 13.68 -13.79
C ALA A 309 47.66 13.87 -13.58
N GLY A 310 48.44 13.09 -14.31
CA GLY A 310 49.88 13.18 -14.25
C GLY A 310 50.52 12.76 -12.94
N GLY A 311 49.91 11.81 -12.23
CA GLY A 311 50.50 11.33 -10.99
C GLY A 311 50.38 12.29 -9.83
N LYS A 312 49.95 13.52 -10.10
CA LYS A 312 49.79 14.56 -9.09
C LYS A 312 48.81 14.14 -8.00
N LYS A 313 49.22 14.28 -6.74
CA LYS A 313 48.45 13.77 -5.60
C LYS A 313 47.53 14.85 -5.03
N TYR A 314 46.29 14.45 -4.69
CA TYR A 314 45.28 15.34 -4.15
C TYR A 314 44.78 14.80 -2.81
N ARG A 315 44.01 15.63 -2.12
CA ARG A 315 43.42 15.28 -0.83
C ARG A 315 41.90 15.32 -0.96
N ILE A 316 41.22 14.86 0.10
CA ILE A 316 39.76 14.75 0.02
C ILE A 316 39.14 16.08 -0.36
N SER A 317 39.65 17.17 0.23
CA SER A 317 39.09 18.50 0.03
C SER A 317 39.55 19.17 -1.25
N THR A 318 40.66 18.74 -1.83
CA THR A 318 41.12 19.34 -3.08
C THR A 318 40.95 18.43 -4.29
N ALA A 319 40.37 17.24 -4.12
CA ALA A 319 40.11 16.41 -5.29
C ALA A 319 39.11 17.04 -6.25
N ILE A 320 38.26 17.94 -5.75
CA ILE A 320 37.32 18.62 -6.63
C ILE A 320 38.01 19.48 -7.67
N ASP A 321 39.32 19.67 -7.54
CA ASP A 321 40.07 20.49 -8.47
C ASP A 321 40.57 19.72 -9.69
N ASP A 322 40.55 18.38 -9.65
CA ASP A 322 40.95 17.58 -10.81
C ASP A 322 39.98 16.41 -10.94
N MET A 323 39.28 16.35 -12.07
CA MET A 323 38.23 15.34 -12.24
C MET A 323 38.80 13.93 -12.35
N GLU A 324 40.05 13.78 -12.82
CA GLU A 324 40.63 12.45 -12.85
C GLU A 324 40.83 11.90 -11.45
N ALA A 325 41.11 12.76 -10.48
CA ALA A 325 41.14 12.31 -9.09
C ALA A 325 39.74 12.20 -8.52
N TYR A 326 38.87 13.17 -8.81
CA TYR A 326 37.51 13.15 -8.28
C TYR A 326 36.75 11.90 -8.72
N THR A 327 37.06 11.36 -9.90
CA THR A 327 36.43 10.12 -10.34
C THR A 327 36.59 9.01 -9.31
N LYS A 328 37.72 9.00 -8.60
CA LYS A 328 38.01 7.97 -7.63
C LYS A 328 37.71 8.40 -6.20
N LEU A 329 36.91 9.45 -6.01
CA LEU A 329 36.49 9.91 -4.68
C LEU A 329 35.03 9.59 -4.48
N THR A 330 34.76 8.54 -3.72
CA THR A 330 33.38 8.09 -3.49
C THR A 330 33.22 7.72 -2.03
N ASP A 331 32.13 7.02 -1.70
CA ASP A 331 31.93 6.53 -0.35
C ASP A 331 33.02 5.56 0.07
N ASN A 332 33.77 5.02 -0.89
CA ASN A 332 34.87 4.12 -0.56
C ASN A 332 35.85 4.76 0.42
N ILE A 333 35.98 6.09 0.34
CA ILE A 333 36.89 6.81 1.22
C ILE A 333 36.50 6.62 2.68
N PHE A 334 35.23 6.39 2.94
CA PHE A 334 34.81 6.01 4.29
C PHE A 334 35.54 4.75 4.75
N LEU A 335 35.50 3.69 3.92
CA LEU A 335 36.11 2.42 4.30
C LEU A 335 37.63 2.45 4.24
N GLU A 336 38.20 3.32 3.40
CA GLU A 336 39.67 3.47 3.41
C GLU A 336 40.16 4.03 4.73
N ILE A 337 39.45 5.00 5.30
CA ILE A 337 39.76 5.49 6.65
C ILE A 337 39.53 4.40 7.68
N LEU A 338 38.41 3.69 7.59
CA LEU A 338 38.06 2.70 8.60
C LEU A 338 39.04 1.52 8.63
N TYR A 339 39.56 1.12 7.47
CA TYR A 339 40.44 -0.06 7.34
C TYR A 339 41.92 0.29 7.39
N SER A 340 42.26 1.56 7.58
CA SER A 340 43.65 2.02 7.56
C SER A 340 44.42 1.54 8.79
N THR A 341 45.72 1.32 8.59
CA THR A 341 46.67 1.12 9.70
C THR A 341 47.53 2.34 10.00
N ASP A 342 47.59 3.30 9.07
CA ASP A 342 48.44 4.47 9.20
C ASP A 342 48.19 5.15 10.54
N PRO A 343 49.24 5.42 11.33
CA PRO A 343 49.03 6.15 12.60
C PRO A 343 48.54 7.56 12.40
N LYS A 344 48.88 8.20 11.28
CA LYS A 344 48.35 9.54 11.06
C LYS A 344 46.83 9.52 10.84
N LEU A 345 46.20 8.34 10.70
CA LEU A 345 44.78 8.26 10.40
C LEU A 345 43.92 7.67 11.52
N LYS A 346 44.40 7.65 12.73
CA LYS A 346 43.70 7.06 13.85
C LYS A 346 42.69 8.00 14.47
N ASP A 347 42.93 9.31 14.39
CA ASP A 347 41.94 10.25 14.88
C ASP A 347 40.68 10.11 14.03
N ALA A 348 40.85 10.06 12.71
CA ALA A 348 39.74 9.83 11.80
C ALA A 348 39.16 8.44 11.98
N ARG A 349 40.02 7.42 12.00
CA ARG A 349 39.55 6.06 12.10
C ARG A 349 38.76 5.83 13.37
N GLU A 350 39.09 6.54 14.44
CA GLU A 350 38.35 6.30 15.67
C GLU A 350 37.03 7.04 15.71
N ILE A 351 36.80 8.01 14.83
CA ILE A 351 35.46 8.57 14.76
C ILE A 351 34.54 7.61 14.04
N LEU A 352 35.01 7.03 12.93
CA LEU A 352 34.21 6.04 12.22
C LEU A 352 33.98 4.82 13.09
N LYS A 353 34.91 4.51 13.98
CA LYS A 353 34.70 3.38 14.87
C LYS A 353 33.62 3.67 15.91
N GLN A 354 33.35 4.93 16.21
CA GLN A 354 32.26 5.18 17.14
C GLN A 354 30.93 5.17 16.43
N ILE A 355 30.94 5.21 15.10
CA ILE A 355 29.73 4.96 14.33
C ILE A 355 29.38 3.49 14.36
N GLU A 356 30.39 2.62 14.21
CA GLU A 356 30.10 1.19 14.26
C GLU A 356 29.60 0.80 15.64
N TYR A 357 30.22 1.32 16.71
CA TYR A 357 29.80 1.01 18.07
C TYR A 357 28.55 1.78 18.50
N ARG A 358 28.01 2.62 17.61
CA ARG A 358 26.79 3.36 17.89
C ARG A 358 26.96 4.29 19.10
N ASN A 359 28.19 4.76 19.34
CA ASN A 359 28.43 5.79 20.34
C ASN A 359 28.60 7.10 19.60
N LEU A 360 27.50 7.84 19.45
CA LEU A 360 27.48 8.97 18.54
C LEU A 360 27.44 10.26 19.32
N PHE A 361 27.74 11.35 18.61
CA PHE A 361 27.51 12.69 19.14
C PHE A 361 26.07 12.79 19.59
N LYS A 362 25.83 13.61 20.59
CA LYS A 362 24.49 13.67 21.16
C LYS A 362 23.85 15.01 20.85
N TYR A 363 22.52 15.00 20.75
CA TYR A 363 21.74 16.14 20.28
C TYR A 363 21.56 17.12 21.45
N VAL A 364 22.05 18.33 21.27
CA VAL A 364 21.91 19.33 22.32
C VAL A 364 20.66 20.19 22.14
N GLY A 365 20.33 20.58 20.91
CA GLY A 365 19.18 21.44 20.73
C GLY A 365 19.07 21.94 19.30
N GLU A 366 17.97 22.65 19.06
CA GLU A 366 17.59 23.15 17.75
C GLU A 366 17.15 24.60 17.91
N THR A 367 17.36 25.39 16.86
CA THR A 367 16.96 26.79 16.86
C THR A 367 16.83 27.27 15.43
N GLN A 368 16.34 28.48 15.25
CA GLN A 368 16.19 29.03 13.94
C GLN A 368 16.49 30.48 13.97
N PRO A 369 17.04 31.03 12.91
CA PRO A 369 17.26 32.45 12.89
C PRO A 369 16.08 33.17 12.31
N THR A 370 14.97 33.16 13.00
CA THR A 370 13.80 33.83 12.50
C THR A 370 14.03 35.30 12.59
N GLY A 371 13.80 36.02 11.52
CA GLY A 371 14.02 37.44 11.54
C GLY A 371 15.44 37.90 11.32
N GLN A 372 16.32 36.93 11.06
CA GLN A 372 17.73 37.26 10.89
C GLN A 372 18.47 36.81 9.66
N ILE A 373 19.58 37.49 9.43
CA ILE A 373 20.46 37.19 8.34
C ILE A 373 20.85 35.76 8.61
N LYS A 374 20.64 34.91 7.62
CA LYS A 374 20.93 33.49 7.75
C LYS A 374 22.41 33.16 7.76
N ILE A 375 22.73 32.03 8.37
CA ILE A 375 24.10 31.58 8.41
C ILE A 375 24.53 31.21 7.00
N LYS A 376 25.78 31.50 6.68
CA LYS A 376 26.33 31.25 5.35
C LYS A 376 27.50 30.28 5.47
N ARG A 377 27.70 29.50 4.41
CA ARG A 377 28.74 28.47 4.40
C ARG A 377 30.09 29.02 4.80
N GLU A 378 30.35 30.30 4.49
CA GLU A 378 31.63 30.89 4.87
C GLU A 378 31.78 30.94 6.39
N ASP A 379 30.67 31.11 7.12
CA ASP A 379 30.73 31.21 8.57
C ASP A 379 30.71 29.87 9.29
N TYR A 380 30.57 28.75 8.56
CA TYR A 380 30.32 27.46 9.20
C TYR A 380 31.41 27.11 10.20
N GLU A 381 32.68 27.27 9.79
CA GLU A 381 33.79 26.89 10.65
C GLU A 381 33.78 27.66 11.96
N SER A 382 33.34 28.90 11.95
CA SER A 382 33.45 29.73 13.15
C SER A 382 32.41 29.38 14.20
N LEU A 383 31.37 28.62 13.83
CA LEU A 383 30.22 28.45 14.71
C LEU A 383 30.53 27.72 16.01
N PRO A 384 31.28 26.63 16.03
CA PRO A 384 31.57 25.98 17.32
C PRO A 384 32.32 26.90 18.28
N LYS A 385 33.26 27.70 17.77
CA LYS A 385 33.99 28.61 18.66
C LYS A 385 33.08 29.63 19.32
N GLU A 386 32.03 30.07 18.63
CA GLU A 386 31.05 30.95 19.25
C GLU A 386 30.32 30.25 20.40
N VAL A 387 29.78 29.05 20.13
CA VAL A 387 28.97 28.37 21.14
C VAL A 387 29.77 28.16 22.41
N ALA A 388 31.04 27.78 22.27
CA ALA A 388 31.88 27.54 23.44
C ALA A 388 32.34 28.84 24.10
N SER A 389 32.24 29.98 23.41
CA SER A 389 32.59 31.27 23.97
C SER A 389 31.44 31.93 24.71
N ALA A 390 30.21 31.72 24.26
CA ALA A 390 29.05 32.11 25.05
C ALA A 390 29.04 31.33 26.35
N LYS A 391 28.63 31.98 27.45
CA LYS A 391 28.38 31.20 28.66
C LYS A 391 27.41 31.97 29.54
N PRO A 392 26.43 31.30 30.13
CA PRO A 392 25.35 32.02 30.83
C PRO A 392 25.81 32.67 32.12
N LYS A 393 24.90 33.51 32.65
CA LYS A 393 25.04 34.13 33.97
C LYS A 393 25.29 33.12 35.06
N VAL A 394 24.96 31.85 34.83
CA VAL A 394 25.09 30.78 35.81
C VAL A 394 26.26 29.91 35.40
N LEU A 395 27.27 29.82 36.26
CA LEU A 395 28.43 29.00 35.98
C LEU A 395 28.26 27.62 36.60
N LEU A 396 28.87 26.62 35.97
CA LEU A 396 28.94 25.28 36.55
C LEU A 396 30.36 24.76 36.37
N ASP A 397 30.67 23.70 37.12
CA ASP A 397 32.04 23.18 37.20
C ASP A 397 32.56 22.76 35.84
N VAL A 398 31.77 22.01 35.08
CA VAL A 398 32.23 21.49 33.78
C VAL A 398 32.24 22.60 32.74
N LYS A 399 33.33 22.69 31.98
CA LYS A 399 33.49 23.73 30.97
C LYS A 399 34.11 23.17 29.69
N LEU A 400 33.44 23.42 28.56
CA LEU A 400 33.70 22.78 27.29
C LEU A 400 34.57 23.65 26.37
N LYS A 401 35.16 23.01 25.37
CA LYS A 401 35.96 23.68 24.36
C LYS A 401 35.34 23.46 22.97
N ALA A 402 35.85 24.21 21.99
CA ALA A 402 35.13 24.35 20.71
C ALA A 402 35.03 23.02 19.97
N GLU A 403 36.09 22.20 20.01
CA GLU A 403 36.06 20.95 19.28
C GLU A 403 35.04 19.97 19.85
N ASP A 404 34.50 20.26 21.03
CA ASP A 404 33.44 19.45 21.61
C ASP A 404 32.06 19.75 21.03
N PHE A 405 31.96 20.69 20.09
CA PHE A 405 30.69 21.10 19.53
C PHE A 405 30.63 20.82 18.04
N ILE A 406 29.42 20.48 17.58
CA ILE A 406 29.07 20.43 16.17
C ILE A 406 27.89 21.36 15.95
N VAL A 407 27.99 22.21 14.94
CA VAL A 407 26.92 23.14 14.59
C VAL A 407 26.47 22.78 13.18
N ASP A 408 25.20 22.39 13.06
CA ASP A 408 24.66 21.79 11.85
C ASP A 408 23.64 22.73 11.24
N VAL A 409 23.92 23.20 10.05
CA VAL A 409 23.08 24.19 9.40
C VAL A 409 22.32 23.49 8.28
N ILE A 410 21.01 23.37 8.47
CA ILE A 410 20.13 22.65 7.56
C ILE A 410 19.32 23.68 6.77
N ASN A 411 19.56 23.74 5.47
CA ASN A 411 18.84 24.65 4.59
C ASN A 411 17.75 23.89 3.84
N MET A 412 16.54 24.42 3.87
CA MET A 412 15.47 23.83 3.07
C MET A 412 15.66 24.12 1.60
N ASP A 413 15.95 25.37 1.25
CA ASP A 413 16.21 25.74 -0.14
C ASP A 413 17.33 26.77 -0.21
N VAL A 425 3.88 27.52 -10.02
CA VAL A 425 3.23 26.56 -10.93
C VAL A 425 2.18 27.31 -11.76
N SER A 426 2.20 27.07 -13.07
CA SER A 426 1.27 27.70 -13.99
C SER A 426 0.28 26.65 -14.50
N PHE A 427 -0.99 27.02 -14.52
CA PHE A 427 -2.08 26.13 -14.94
C PHE A 427 -2.80 26.70 -16.15
N TYR A 428 -3.74 25.90 -16.67
CA TYR A 428 -4.63 26.30 -17.75
C TYR A 428 -5.93 25.53 -17.59
N CYS A 429 -7.03 26.16 -17.98
CA CYS A 429 -8.34 25.51 -17.95
C CYS A 429 -8.76 25.06 -19.34
N ALA A 453 10.27 26.25 7.56
CA ALA A 453 11.44 26.87 8.18
C ALA A 453 12.63 26.85 7.22
N GLU A 454 13.10 28.02 6.81
CA GLU A 454 14.11 28.10 5.76
C GLU A 454 15.48 27.60 6.25
N GLN A 455 15.87 27.93 7.48
CA GLN A 455 17.15 27.50 8.02
C GLN A 455 16.94 26.96 9.43
N LEU A 456 17.46 25.78 9.69
CA LEU A 456 17.52 25.20 11.03
C LEU A 456 18.98 25.07 11.41
N ILE A 457 19.30 25.44 12.64
CA ILE A 457 20.61 25.18 13.23
C ILE A 457 20.42 24.21 14.38
N ARG A 458 21.10 23.08 14.30
CA ARG A 458 21.18 22.12 15.40
C ARG A 458 22.60 22.05 15.92
N VAL A 459 22.72 21.70 17.20
CA VAL A 459 24.00 21.67 17.88
C VAL A 459 24.12 20.33 18.55
N TYR A 460 25.26 19.66 18.37
CA TYR A 460 25.54 18.39 19.00
C TYR A 460 26.81 18.56 19.83
N CYS A 461 26.99 17.66 20.78
CA CYS A 461 28.18 17.68 21.62
C CYS A 461 28.87 16.33 21.52
N LYS A 462 30.20 16.33 21.51
CA LYS A 462 30.92 15.09 21.37
C LYS A 462 31.22 14.44 22.72
N LYS A 463 30.91 15.12 23.82
CA LYS A 463 31.02 14.58 25.16
C LYS A 463 29.61 14.25 25.60
N VAL A 464 29.40 13.01 26.05
CA VAL A 464 28.05 12.49 26.16
C VAL A 464 27.72 12.07 27.59
N ASP A 465 28.62 12.32 28.53
CA ASP A 465 28.34 12.20 29.95
C ASP A 465 27.33 13.25 30.39
N ARG A 466 26.61 12.93 31.45
CA ARG A 466 25.44 13.74 31.79
C ARG A 466 25.81 15.17 32.15
N LYS A 467 26.99 15.39 32.72
CA LYS A 467 27.35 16.74 33.13
C LYS A 467 27.86 17.59 31.97
N SER A 468 28.60 16.99 31.04
CA SER A 468 28.99 17.71 29.83
C SER A 468 27.77 18.11 29.00
N LEU A 469 26.78 17.23 28.92
CA LEU A 469 25.61 17.53 28.09
C LEU A 469 24.79 18.66 28.69
N TYR A 470 24.70 18.73 30.02
CA TYR A 470 23.99 19.82 30.66
C TYR A 470 24.67 21.15 30.39
N ALA A 471 26.00 21.21 30.54
CA ALA A 471 26.73 22.42 30.20
C ALA A 471 26.51 22.80 28.74
N ALA A 472 26.63 21.81 27.84
CA ALA A 472 26.50 22.09 26.41
C ALA A 472 25.15 22.72 26.11
N ARG A 473 24.11 22.31 26.84
CA ARG A 473 22.80 22.88 26.64
C ARG A 473 22.67 24.26 27.27
N GLN A 474 23.61 24.65 28.12
CA GLN A 474 23.61 26.02 28.63
C GLN A 474 24.57 26.92 27.85
N TYR A 475 25.43 26.36 26.99
CA TYR A 475 26.16 27.19 26.06
C TYR A 475 25.37 27.40 24.80
N PHE A 476 24.46 26.46 24.49
CA PHE A 476 23.60 26.59 23.33
C PHE A 476 22.48 27.58 23.57
N VAL A 477 21.87 27.54 24.77
CA VAL A 477 20.76 28.43 25.05
C VAL A 477 21.24 29.87 25.09
N GLN A 478 22.51 30.08 25.41
CA GLN A 478 23.04 31.43 25.52
C GLN A 478 23.68 31.90 24.23
N TRP A 479 24.07 30.97 23.36
CA TRP A 479 24.44 31.33 22.01
C TRP A 479 23.25 31.73 21.14
N CYS A 480 22.04 31.31 21.49
CA CYS A 480 20.92 31.76 20.68
C CYS A 480 20.29 33.03 21.23
N ALA A 481 20.62 33.43 22.45
CA ALA A 481 20.30 34.78 22.87
C ALA A 481 21.32 35.77 22.32
N ASP A 482 22.57 35.34 22.22
CA ASP A 482 23.64 36.22 21.67
C ASP A 482 23.40 36.47 20.17
N ARG A 483 22.86 35.48 19.46
CA ARG A 483 22.61 35.60 17.99
C ARG A 483 21.17 36.01 17.72
N ASN A 484 20.38 36.23 18.76
CA ASN A 484 18.94 36.64 18.65
C ASN A 484 18.14 35.56 17.92
N PHE A 485 18.56 34.30 18.03
CA PHE A 485 17.82 33.18 17.46
C PHE A 485 16.72 32.79 18.44
N THR A 486 15.77 31.99 17.96
CA THR A 486 14.66 31.61 18.83
C THR A 486 15.15 30.81 20.03
N LYS A 487 14.43 30.96 21.13
CA LYS A 487 14.78 30.23 22.35
C LYS A 487 14.53 28.74 22.13
N PRO A 488 15.48 27.88 22.45
CA PRO A 488 15.25 26.44 22.30
C PRO A 488 14.15 25.96 23.23
N GLN A 489 13.32 25.05 22.74
CA GLN A 489 12.26 24.44 23.54
C GLN A 489 12.67 23.03 23.95
N ASP A 490 11.85 22.42 24.80
CA ASP A 490 12.13 21.10 25.35
C ASP A 490 11.27 20.02 24.70
N MET B 22 -15.20 8.95 -21.95
CA MET B 22 -16.09 7.99 -21.23
C MET B 22 -16.13 8.35 -19.74
N LYS B 23 -17.29 8.21 -19.11
CA LYS B 23 -17.46 8.53 -17.67
C LYS B 23 -16.60 7.58 -16.82
N VAL B 24 -16.04 8.10 -15.73
CA VAL B 24 -15.18 7.29 -14.82
C VAL B 24 -15.87 7.20 -13.45
N ILE B 25 -16.00 5.99 -12.91
CA ILE B 25 -16.65 5.79 -11.58
C ILE B 25 -15.59 5.28 -10.59
N ASN B 26 -15.46 5.95 -9.45
CA ASN B 26 -14.48 5.56 -8.45
C ASN B 26 -15.05 4.44 -7.59
N ASP B 27 -14.32 3.32 -7.51
CA ASP B 27 -14.74 2.16 -6.73
C ASP B 27 -13.65 1.74 -5.75
N PRO B 28 -14.03 1.33 -4.53
CA PRO B 28 -13.01 0.92 -3.56
C PRO B 28 -12.28 -0.37 -3.94
N ILE B 29 -12.94 -1.27 -4.68
CA ILE B 29 -12.29 -2.52 -5.06
C ILE B 29 -11.45 -2.34 -6.32
N HIS B 30 -12.04 -1.78 -7.37
CA HIS B 30 -11.40 -1.72 -8.69
C HIS B 30 -10.80 -0.36 -9.00
N GLY B 31 -10.85 0.59 -8.07
CA GLY B 31 -10.33 1.91 -8.36
C GLY B 31 -11.22 2.61 -9.38
N HIS B 32 -10.59 3.22 -10.38
CA HIS B 32 -11.33 3.95 -11.40
C HIS B 32 -11.92 2.97 -12.41
N ILE B 33 -13.21 3.10 -12.67
CA ILE B 33 -13.92 2.26 -13.63
C ILE B 33 -14.37 3.17 -14.76
N GLU B 34 -13.75 3.01 -15.93
CA GLU B 34 -14.16 3.76 -17.10
C GLU B 34 -15.34 3.07 -17.79
N LEU B 35 -16.33 3.86 -18.18
CA LEU B 35 -17.59 3.35 -18.71
C LEU B 35 -17.85 3.96 -20.08
N HIS B 36 -17.97 3.09 -21.08
CA HIS B 36 -18.36 3.53 -22.41
C HIS B 36 -19.70 4.26 -22.34
N PRO B 37 -19.89 5.32 -23.12
CA PRO B 37 -21.17 6.07 -23.05
C PRO B 37 -22.41 5.19 -23.14
N LEU B 38 -22.35 4.10 -23.92
CA LEU B 38 -23.50 3.20 -24.02
C LEU B 38 -23.80 2.55 -22.68
N LEU B 39 -22.76 2.11 -21.96
CA LEU B 39 -23.00 1.58 -20.62
C LEU B 39 -23.61 2.66 -19.73
N VAL B 40 -23.08 3.85 -19.83
CA VAL B 40 -23.56 4.91 -19.00
C VAL B 40 -24.98 5.19 -19.30
N ARG B 41 -25.41 4.88 -20.51
CA ARG B 41 -26.75 5.17 -20.85
C ARG B 41 -27.70 4.13 -20.37
N ILE B 42 -27.20 2.97 -20.01
CA ILE B 42 -28.03 1.92 -19.50
C ILE B 42 -28.08 2.02 -18.00
N ILE B 43 -26.97 2.45 -17.42
CA ILE B 43 -26.86 2.58 -15.98
C ILE B 43 -27.83 3.62 -15.45
N ASP B 44 -27.95 4.72 -16.15
CA ASP B 44 -28.73 5.85 -15.64
C ASP B 44 -30.22 5.73 -15.91
N THR B 45 -30.77 4.53 -15.84
CA THR B 45 -32.19 4.29 -15.97
C THR B 45 -32.76 3.82 -14.63
N PRO B 46 -34.06 3.99 -14.40
CA PRO B 46 -34.64 3.57 -13.11
C PRO B 46 -34.53 2.08 -12.88
N GLN B 47 -34.50 1.28 -13.94
CA GLN B 47 -34.43 -0.16 -13.79
C GLN B 47 -33.05 -0.60 -13.32
N PHE B 48 -32.01 0.12 -13.70
CA PHE B 48 -30.67 -0.19 -13.23
C PHE B 48 -30.35 0.46 -11.88
N GLN B 49 -30.72 1.75 -11.72
CA GLN B 49 -30.49 2.42 -10.45
C GLN B 49 -31.27 1.76 -9.32
N ARG B 50 -32.30 0.97 -9.67
CA ARG B 50 -33.07 0.20 -8.70
C ARG B 50 -32.18 -0.60 -7.77
N LEU B 51 -31.06 -1.13 -8.29
CA LEU B 51 -30.23 -2.03 -7.51
C LEU B 51 -29.45 -1.34 -6.39
N ARG B 52 -29.53 0.01 -6.30
CA ARG B 52 -28.98 0.71 -5.15
C ARG B 52 -29.74 0.40 -3.87
N TYR B 53 -30.94 -0.15 -3.98
CA TYR B 53 -31.85 -0.39 -2.87
C TYR B 53 -32.09 -1.88 -2.63
N ILE B 54 -31.19 -2.73 -3.09
CA ILE B 54 -31.25 -4.16 -2.81
C ILE B 54 -29.88 -4.58 -2.30
N LYS B 55 -29.82 -4.95 -1.02
CA LYS B 55 -28.55 -5.27 -0.39
C LYS B 55 -28.00 -6.60 -0.92
N GLN B 56 -26.70 -6.63 -1.16
CA GLN B 56 -26.06 -7.79 -1.77
C GLN B 56 -26.27 -9.04 -0.94
N LEU B 57 -26.04 -8.96 0.36
CA LEU B 57 -26.07 -10.14 1.23
C LEU B 57 -27.38 -10.31 1.97
N GLY B 58 -28.41 -9.52 1.64
CA GLY B 58 -29.71 -9.71 2.25
C GLY B 58 -29.69 -9.44 3.74
N GLY B 59 -30.20 -10.41 4.51
CA GLY B 59 -30.24 -10.26 5.96
C GLY B 59 -28.89 -10.40 6.65
N GLY B 60 -27.84 -10.73 5.91
CA GLY B 60 -26.52 -10.76 6.52
C GLY B 60 -26.09 -9.42 7.10
N TYR B 61 -26.66 -8.33 6.60
CA TYR B 61 -26.34 -7.01 7.12
C TYR B 61 -26.68 -6.89 8.60
N TYR B 62 -27.67 -7.65 9.07
CA TYR B 62 -28.06 -7.63 10.47
C TYR B 62 -27.16 -8.48 11.36
N VAL B 63 -26.13 -9.10 10.79
CA VAL B 63 -25.10 -9.80 11.55
C VAL B 63 -23.73 -9.17 11.32
N PHE B 64 -23.40 -8.86 10.07
CA PHE B 64 -22.17 -8.17 9.73
C PHE B 64 -22.49 -6.72 9.41
N PRO B 65 -22.26 -5.79 10.33
CA PRO B 65 -22.69 -4.41 10.07
C PRO B 65 -21.89 -3.71 8.97
N GLY B 66 -20.70 -4.19 8.65
CA GLY B 66 -19.96 -3.63 7.54
C GLY B 66 -20.54 -3.96 6.17
N ALA B 67 -21.48 -4.89 6.10
CA ALA B 67 -22.00 -5.36 4.82
C ALA B 67 -23.31 -4.67 4.47
N SER B 68 -23.20 -3.38 4.20
CA SER B 68 -24.36 -2.58 3.79
C SER B 68 -24.44 -2.45 2.28
N HIS B 69 -23.53 -3.07 1.54
CA HIS B 69 -23.42 -2.79 0.12
C HIS B 69 -24.59 -3.43 -0.65
N ASN B 70 -24.87 -2.86 -1.82
CA ASN B 70 -26.03 -3.26 -2.61
C ASN B 70 -25.58 -3.80 -3.97
N ARG B 71 -26.54 -4.38 -4.69
CA ARG B 71 -26.23 -4.96 -5.99
C ARG B 71 -25.76 -3.93 -7.02
N PHE B 72 -26.06 -2.65 -6.82
CA PHE B 72 -25.68 -1.62 -7.80
C PHE B 72 -24.17 -1.59 -7.99
N GLU B 73 -23.42 -1.35 -6.90
CA GLU B 73 -21.97 -1.24 -7.00
C GLU B 73 -21.33 -2.56 -7.40
N HIS B 74 -21.95 -3.67 -7.00
CA HIS B 74 -21.47 -4.98 -7.41
C HIS B 74 -21.59 -5.14 -8.92
N SER B 75 -22.72 -4.73 -9.49
CA SER B 75 -22.91 -4.92 -10.92
C SER B 75 -22.02 -3.99 -11.73
N LEU B 76 -21.70 -2.80 -11.19
CA LEU B 76 -20.66 -1.97 -11.79
C LEU B 76 -19.32 -2.71 -11.83
N GLY B 77 -19.00 -3.42 -10.75
CA GLY B 77 -17.74 -4.17 -10.70
C GLY B 77 -17.74 -5.34 -11.67
N VAL B 78 -18.88 -6.00 -11.85
CA VAL B 78 -18.93 -7.19 -12.70
C VAL B 78 -18.80 -6.79 -14.16
N GLY B 79 -19.43 -5.68 -14.55
CA GLY B 79 -19.24 -5.18 -15.89
C GLY B 79 -17.80 -4.77 -16.18
N TYR B 80 -17.14 -4.19 -15.17
CA TYR B 80 -15.74 -3.73 -15.32
C TYR B 80 -14.82 -4.93 -15.52
N LEU B 81 -14.93 -5.89 -14.62
CA LEU B 81 -14.07 -7.08 -14.71
C LEU B 81 -14.35 -7.76 -16.05
N ALA B 82 -15.62 -7.95 -16.36
CA ALA B 82 -16.05 -8.60 -17.62
C ALA B 82 -15.34 -7.92 -18.77
N GLY B 83 -15.48 -6.61 -18.91
CA GLY B 83 -14.81 -5.92 -20.02
C GLY B 83 -13.31 -5.99 -19.89
N CYS B 84 -12.80 -5.92 -18.67
CA CYS B 84 -11.34 -5.97 -18.46
C CYS B 84 -10.83 -7.27 -19.07
N LEU B 85 -11.46 -8.38 -18.71
CA LEU B 85 -11.04 -9.71 -19.19
C LEU B 85 -10.97 -9.74 -20.71
N VAL B 86 -12.11 -9.55 -21.36
CA VAL B 86 -12.20 -9.60 -22.85
C VAL B 86 -11.10 -8.73 -23.46
N HIS B 87 -11.13 -7.43 -23.20
CA HIS B 87 -10.08 -6.61 -23.78
C HIS B 87 -8.72 -7.28 -23.63
N ALA B 88 -8.49 -8.00 -22.53
CA ALA B 88 -7.24 -8.72 -22.35
C ALA B 88 -7.15 -9.94 -23.27
N LEU B 89 -8.27 -10.62 -23.51
CA LEU B 89 -8.25 -11.80 -24.36
C LEU B 89 -7.95 -11.43 -25.81
N GLY B 90 -8.66 -10.44 -26.36
CA GLY B 90 -8.43 -10.03 -27.73
C GLY B 90 -7.09 -9.34 -27.97
N GLU B 91 -6.54 -8.67 -26.93
CA GLU B 91 -5.25 -7.95 -26.87
C GLU B 91 -4.12 -8.94 -26.90
N LYS B 92 -4.30 -9.97 -26.06
CA LYS B 92 -3.33 -11.03 -25.99
C LYS B 92 -3.39 -11.94 -27.20
N GLN B 93 -4.54 -12.01 -27.89
CA GLN B 93 -4.75 -13.03 -28.93
C GLN B 93 -5.65 -12.47 -30.02
N PRO B 94 -5.06 -11.85 -31.03
CA PRO B 94 -5.89 -11.36 -32.14
C PRO B 94 -6.64 -12.47 -32.91
N GLU B 95 -6.19 -13.73 -32.79
CA GLU B 95 -6.84 -14.86 -33.47
C GLU B 95 -8.36 -14.96 -33.27
N LEU B 96 -8.89 -14.50 -32.14
CA LEU B 96 -10.24 -14.87 -31.73
C LEU B 96 -11.33 -13.91 -32.24
N GLN B 97 -10.98 -12.99 -33.15
CA GLN B 97 -11.89 -12.14 -33.94
C GLN B 97 -12.70 -11.21 -33.06
N ILE B 98 -12.10 -10.78 -31.95
CA ILE B 98 -12.80 -10.09 -30.87
C ILE B 98 -12.99 -8.67 -31.36
N SER B 99 -14.18 -8.42 -31.85
CA SER B 99 -14.60 -7.08 -32.18
C SER B 99 -14.52 -6.19 -30.91
N GLU B 100 -14.48 -4.87 -31.12
CA GLU B 100 -14.68 -3.88 -30.06
C GLU B 100 -16.14 -3.70 -29.67
N ARG B 101 -17.02 -4.17 -30.50
CA ARG B 101 -18.43 -4.28 -30.25
C ARG B 101 -18.79 -5.46 -29.36
N ASP B 102 -18.12 -6.59 -29.51
CA ASP B 102 -18.39 -7.75 -28.68
C ASP B 102 -18.04 -7.45 -27.22
N VAL B 103 -17.04 -6.60 -26.99
CA VAL B 103 -16.65 -6.26 -25.63
C VAL B 103 -17.76 -5.45 -24.95
N LEU B 104 -18.49 -4.62 -25.71
CA LEU B 104 -19.58 -3.85 -25.14
C LEU B 104 -20.77 -4.73 -24.76
N CYS B 105 -20.97 -5.87 -25.47
CA CYS B 105 -22.08 -6.74 -25.11
C CYS B 105 -21.77 -7.63 -23.94
N VAL B 106 -20.49 -7.97 -23.74
CA VAL B 106 -20.11 -8.68 -22.55
C VAL B 106 -20.19 -7.76 -21.34
N GLN B 107 -19.81 -6.49 -21.52
CA GLN B 107 -19.94 -5.51 -20.46
C GLN B 107 -21.39 -5.29 -20.07
N ILE B 108 -22.27 -5.16 -21.07
CA ILE B 108 -23.68 -4.99 -20.77
C ILE B 108 -24.23 -6.19 -20.02
N ALA B 109 -23.77 -7.39 -20.39
CA ALA B 109 -24.23 -8.60 -19.72
C ALA B 109 -23.76 -8.64 -18.28
N GLY B 110 -22.49 -8.32 -18.04
CA GLY B 110 -22.00 -8.24 -16.67
C GLY B 110 -22.74 -7.17 -15.89
N LEU B 111 -23.00 -6.03 -16.53
CA LEU B 111 -23.66 -4.92 -15.85
C LEU B 111 -25.06 -5.30 -15.38
N CYS B 112 -25.76 -6.12 -16.18
CA CYS B 112 -27.19 -6.33 -15.97
C CYS B 112 -27.54 -7.76 -15.55
N HIS B 113 -26.54 -8.58 -15.23
CA HIS B 113 -26.86 -9.95 -14.82
C HIS B 113 -27.74 -9.99 -13.58
N ASP B 114 -27.56 -9.04 -12.68
CA ASP B 114 -28.30 -9.01 -11.42
C ASP B 114 -29.56 -8.15 -11.50
N LEU B 115 -29.96 -7.73 -12.70
CA LEU B 115 -31.10 -6.82 -12.80
C LEU B 115 -32.35 -7.42 -12.20
N GLY B 116 -32.46 -8.76 -12.16
CA GLY B 116 -33.67 -9.43 -11.74
C GLY B 116 -33.78 -9.85 -10.28
N HIS B 117 -32.80 -9.48 -9.44
CA HIS B 117 -32.89 -9.80 -8.02
C HIS B 117 -34.01 -8.98 -7.38
N GLY B 118 -34.60 -9.55 -6.33
CA GLY B 118 -35.64 -8.89 -5.60
C GLY B 118 -35.16 -8.51 -4.22
N PRO B 119 -36.07 -8.05 -3.37
CA PRO B 119 -35.68 -7.58 -2.03
C PRO B 119 -34.84 -8.62 -1.31
N PHE B 120 -33.71 -8.16 -0.76
CA PHE B 120 -32.79 -8.98 0.04
C PHE B 120 -32.21 -10.14 -0.77
N SER B 121 -32.11 -9.93 -2.09
CA SER B 121 -31.40 -10.81 -3.02
C SER B 121 -31.81 -12.28 -2.97
N HIS B 122 -30.86 -13.16 -2.67
CA HIS B 122 -31.06 -14.61 -2.82
C HIS B 122 -32.18 -15.14 -1.95
N MET B 123 -32.54 -14.41 -0.89
CA MET B 123 -33.70 -14.78 -0.09
C MET B 123 -34.98 -14.74 -0.93
N PHE B 124 -35.07 -13.82 -1.89
CA PHE B 124 -36.32 -13.57 -2.60
C PHE B 124 -36.70 -14.73 -3.49
N ASP B 125 -35.83 -15.08 -4.44
CA ASP B 125 -36.12 -16.19 -5.36
C ASP B 125 -35.74 -17.54 -4.79
N GLY B 126 -34.89 -17.58 -3.78
CA GLY B 126 -34.49 -18.83 -3.18
C GLY B 126 -35.45 -19.31 -2.12
N ARG B 127 -36.26 -18.40 -1.57
CA ARG B 127 -37.19 -18.78 -0.50
C ARG B 127 -38.58 -18.16 -0.64
N PHE B 128 -38.67 -16.84 -0.81
CA PHE B 128 -39.95 -16.17 -0.65
C PHE B 128 -40.98 -16.69 -1.65
N ILE B 129 -40.68 -16.65 -2.94
CA ILE B 129 -41.68 -17.03 -3.93
C ILE B 129 -41.83 -18.55 -4.06
N PRO B 130 -40.81 -19.38 -3.77
CA PRO B 130 -41.11 -20.82 -3.67
C PRO B 130 -42.16 -21.14 -2.62
N LEU B 131 -42.17 -20.41 -1.50
CA LEU B 131 -43.19 -20.64 -0.50
C LEU B 131 -44.48 -19.90 -0.83
N ALA B 132 -44.38 -18.77 -1.52
CA ALA B 132 -45.56 -17.98 -1.89
C ALA B 132 -46.23 -18.50 -3.16
N ARG B 133 -45.46 -19.07 -4.08
CA ARG B 133 -46.01 -19.60 -5.33
C ARG B 133 -45.20 -20.84 -5.70
N PRO B 134 -45.47 -21.97 -5.04
CA PRO B 134 -44.71 -23.19 -5.36
C PRO B 134 -44.88 -23.69 -6.79
N GLU B 135 -45.87 -23.23 -7.59
CA GLU B 135 -45.93 -23.74 -8.95
C GLU B 135 -44.79 -23.16 -9.78
N VAL B 136 -44.56 -21.85 -9.66
CA VAL B 136 -43.68 -21.18 -10.61
C VAL B 136 -42.24 -21.63 -10.40
N LYS B 137 -41.53 -21.72 -11.50
CA LYS B 137 -40.08 -21.92 -11.51
C LYS B 137 -39.49 -20.57 -11.92
N TRP B 138 -38.94 -19.86 -10.94
CA TRP B 138 -38.49 -18.49 -11.13
C TRP B 138 -37.05 -18.35 -10.66
N THR B 139 -36.25 -17.67 -11.47
CA THR B 139 -34.87 -17.38 -11.14
C THR B 139 -34.66 -15.88 -11.26
N HIS B 140 -33.69 -15.37 -10.50
CA HIS B 140 -33.40 -13.94 -10.62
C HIS B 140 -32.86 -13.65 -12.01
N GLU B 141 -32.22 -14.65 -12.64
CA GLU B 141 -31.75 -14.50 -14.02
C GLU B 141 -32.93 -14.36 -14.97
N GLN B 142 -34.00 -15.13 -14.75
CA GLN B 142 -35.23 -14.90 -15.50
C GLN B 142 -35.76 -13.51 -15.22
N GLY B 143 -35.63 -13.04 -13.98
CA GLY B 143 -35.95 -11.65 -13.69
C GLY B 143 -35.10 -10.69 -14.49
N SER B 144 -33.81 -11.01 -14.65
CA SER B 144 -32.89 -10.09 -15.31
C SER B 144 -33.15 -10.02 -16.81
N VAL B 145 -33.39 -11.17 -17.46
CA VAL B 145 -33.73 -11.15 -18.88
C VAL B 145 -34.98 -10.30 -19.11
N MET B 146 -36.02 -10.53 -18.31
CA MET B 146 -37.23 -9.71 -18.42
C MET B 146 -36.90 -8.25 -18.12
N MET B 147 -36.21 -8.00 -17.01
CA MET B 147 -35.89 -6.62 -16.64
C MET B 147 -34.97 -5.95 -17.65
N PHE B 148 -34.05 -6.70 -18.25
CA PHE B 148 -33.19 -6.12 -19.28
C PHE B 148 -33.99 -5.65 -20.49
N GLU B 149 -35.02 -6.40 -20.88
CA GLU B 149 -35.80 -5.98 -22.04
C GLU B 149 -36.71 -4.81 -21.71
N HIS B 150 -37.25 -4.76 -20.50
CA HIS B 150 -38.05 -3.61 -20.08
C HIS B 150 -37.20 -2.35 -20.01
N LEU B 151 -35.94 -2.49 -19.60
CA LEU B 151 -35.05 -1.34 -19.51
C LEU B 151 -34.79 -0.76 -20.90
N ILE B 152 -34.43 -1.61 -21.87
CA ILE B 152 -34.00 -1.13 -23.18
C ILE B 152 -35.18 -0.56 -23.95
N ASN B 153 -36.38 -1.12 -23.76
CA ASN B 153 -37.53 -0.64 -24.52
C ASN B 153 -38.04 0.67 -23.95
N SER B 154 -38.05 0.79 -22.61
CA SER B 154 -38.59 1.97 -21.95
C SER B 154 -37.68 3.19 -22.08
N ASN B 155 -36.39 2.99 -22.34
CA ASN B 155 -35.43 4.08 -22.41
C ASN B 155 -34.88 4.28 -23.80
N GLY B 156 -35.46 3.64 -24.81
CA GLY B 156 -35.08 3.87 -26.18
C GLY B 156 -33.62 3.57 -26.41
N ILE B 157 -33.17 2.41 -25.94
CA ILE B 157 -31.76 2.07 -26.04
C ILE B 157 -31.43 1.45 -27.39
N LYS B 158 -32.39 0.83 -28.06
CA LYS B 158 -32.10 0.23 -29.36
C LYS B 158 -31.53 1.25 -30.34
N PRO B 159 -32.00 2.50 -30.40
CA PRO B 159 -31.27 3.51 -31.19
C PRO B 159 -29.87 3.86 -30.69
N VAL B 160 -29.67 4.04 -29.38
CA VAL B 160 -28.31 4.36 -28.97
C VAL B 160 -27.38 3.18 -29.23
N MET B 161 -27.91 1.97 -29.26
CA MET B 161 -27.04 0.82 -29.51
C MET B 161 -26.48 0.85 -30.94
N GLU B 162 -27.27 1.31 -31.93
CA GLU B 162 -26.69 1.27 -33.27
C GLU B 162 -25.73 2.42 -33.46
N GLN B 163 -25.91 3.50 -32.68
CA GLN B 163 -25.04 4.66 -32.81
C GLN B 163 -23.60 4.26 -32.61
N TYR B 164 -23.36 3.30 -31.72
CA TYR B 164 -22.03 2.84 -31.40
C TYR B 164 -21.69 1.55 -32.12
N GLY B 165 -22.46 1.19 -33.15
CA GLY B 165 -22.11 0.04 -33.97
C GLY B 165 -22.73 -1.26 -33.55
N LEU B 166 -23.88 -1.23 -32.90
CA LEU B 166 -24.52 -2.46 -32.45
C LEU B 166 -25.72 -2.84 -33.31
N ILE B 167 -25.88 -4.16 -33.50
CA ILE B 167 -26.93 -4.97 -34.12
C ILE B 167 -27.90 -5.33 -32.99
N PRO B 168 -28.95 -4.56 -32.69
CA PRO B 168 -29.77 -4.92 -31.50
C PRO B 168 -30.42 -6.31 -31.55
N GLU B 169 -30.94 -6.71 -32.72
CA GLU B 169 -31.82 -7.87 -32.78
C GLU B 169 -31.01 -9.19 -32.61
N GLU B 170 -29.73 -9.24 -33.08
CA GLU B 170 -28.90 -10.41 -32.73
C GLU B 170 -28.19 -10.27 -31.38
N ASP B 171 -27.82 -9.05 -30.95
CA ASP B 171 -26.95 -8.90 -29.78
C ASP B 171 -27.67 -8.75 -28.46
N ILE B 172 -28.89 -8.26 -28.48
CA ILE B 172 -29.65 -8.20 -27.25
C ILE B 172 -29.86 -9.61 -26.71
N CYS B 173 -30.18 -10.56 -27.60
CA CYS B 173 -30.35 -11.95 -27.19
C CYS B 173 -29.01 -12.60 -26.86
N PHE B 174 -27.91 -12.18 -27.50
CA PHE B 174 -26.59 -12.58 -27.03
C PHE B 174 -26.39 -12.19 -25.58
N ILE B 175 -26.78 -10.96 -25.23
CA ILE B 175 -26.67 -10.50 -23.85
C ILE B 175 -27.59 -11.31 -22.95
N LYS B 176 -28.85 -11.49 -23.39
CA LYS B 176 -29.78 -12.32 -22.63
C LYS B 176 -29.27 -13.75 -22.53
N GLU B 177 -28.64 -14.26 -23.61
CA GLU B 177 -28.05 -15.59 -23.55
C GLU B 177 -26.90 -15.63 -22.56
N GLN B 178 -26.14 -14.54 -22.48
CA GLN B 178 -25.03 -14.46 -21.54
C GLN B 178 -25.52 -14.53 -20.09
N ILE B 179 -26.73 -14.06 -19.83
CA ILE B 179 -27.23 -13.98 -18.47
C ILE B 179 -27.81 -15.31 -18.01
N VAL B 180 -28.67 -15.92 -18.82
CA VAL B 180 -29.39 -17.12 -18.41
C VAL B 180 -28.97 -18.37 -19.18
N GLY B 181 -28.23 -18.25 -20.27
CA GLY B 181 -27.73 -19.39 -21.00
C GLY B 181 -28.75 -20.13 -21.85
N LEU B 191 -24.31 -30.20 -30.64
CA LEU B 191 -24.75 -29.06 -31.44
C LEU B 191 -24.34 -27.74 -30.80
N TRP B 192 -24.91 -26.64 -31.29
CA TRP B 192 -24.67 -25.31 -30.73
C TRP B 192 -25.99 -24.69 -30.30
N PRO B 193 -26.20 -24.45 -29.00
CA PRO B 193 -27.52 -23.96 -28.54
C PRO B 193 -27.67 -22.45 -28.59
N TYR B 194 -26.58 -21.71 -28.63
CA TYR B 194 -26.64 -20.25 -28.56
C TYR B 194 -26.90 -19.66 -29.94
N LYS B 195 -27.87 -18.74 -30.01
CA LYS B 195 -28.25 -18.07 -31.25
C LYS B 195 -27.60 -16.70 -31.40
N GLY B 196 -26.92 -16.19 -30.38
CA GLY B 196 -26.39 -14.84 -30.41
C GLY B 196 -24.98 -14.73 -30.97
N ARG B 197 -24.19 -15.79 -30.87
CA ARG B 197 -22.82 -15.84 -31.38
C ARG B 197 -22.52 -17.25 -31.86
N PRO B 198 -21.67 -17.41 -32.89
CA PRO B 198 -21.27 -18.75 -33.33
C PRO B 198 -20.37 -19.44 -32.31
N GLU B 199 -19.94 -20.66 -32.60
CA GLU B 199 -18.96 -21.30 -31.73
C GLU B 199 -17.56 -20.84 -32.07
N ASN B 200 -17.42 -20.10 -33.17
CA ASN B 200 -16.18 -19.39 -33.46
C ASN B 200 -15.82 -18.43 -32.34
N LYS B 201 -16.83 -17.88 -31.63
CA LYS B 201 -16.66 -16.98 -30.49
C LYS B 201 -17.20 -17.54 -29.17
N SER B 202 -17.36 -18.86 -29.08
CA SER B 202 -17.85 -19.62 -27.92
C SER B 202 -17.29 -19.23 -26.54
N PHE B 203 -16.00 -18.86 -26.49
CA PHE B 203 -15.39 -18.55 -25.19
C PHE B 203 -16.11 -17.41 -24.48
N LEU B 204 -16.67 -16.48 -25.24
CA LEU B 204 -17.29 -15.30 -24.67
C LEU B 204 -18.41 -15.63 -23.69
N TYR B 205 -19.01 -16.81 -23.80
CA TYR B 205 -20.11 -17.17 -22.90
C TYR B 205 -19.62 -17.69 -21.55
N GLU B 206 -18.31 -17.85 -21.37
CA GLU B 206 -17.75 -18.32 -20.12
C GLU B 206 -17.31 -17.19 -19.18
N ILE B 207 -17.53 -15.93 -19.55
CA ILE B 207 -16.93 -14.81 -18.84
C ILE B 207 -17.85 -14.30 -17.74
N VAL B 208 -19.06 -13.88 -18.10
CA VAL B 208 -19.94 -13.25 -17.14
C VAL B 208 -20.60 -14.28 -16.23
N SER B 209 -21.18 -15.32 -16.84
CA SER B 209 -21.81 -16.40 -16.09
C SER B 209 -21.32 -17.72 -16.66
N ASN B 210 -20.38 -18.35 -15.97
CA ASN B 210 -19.95 -19.70 -16.27
C ASN B 210 -20.50 -20.62 -15.19
N LYS B 211 -21.36 -21.55 -15.60
CA LYS B 211 -21.92 -22.52 -14.67
C LYS B 211 -21.38 -23.93 -14.90
N ARG B 212 -20.32 -24.06 -15.69
CA ARG B 212 -19.58 -25.32 -15.76
C ARG B 212 -18.60 -25.37 -14.59
N ASN B 213 -17.48 -24.65 -14.71
CA ASN B 213 -16.45 -24.69 -13.68
C ASN B 213 -16.72 -23.71 -12.54
N GLY B 214 -17.49 -22.65 -12.78
CA GLY B 214 -17.79 -21.70 -11.73
C GLY B 214 -16.70 -20.69 -11.47
N ILE B 215 -15.97 -20.28 -12.49
CA ILE B 215 -15.01 -19.19 -12.40
C ILE B 215 -15.46 -18.13 -13.40
N ASP B 216 -16.15 -17.11 -12.89
CA ASP B 216 -16.64 -16.00 -13.70
C ASP B 216 -16.28 -14.68 -13.04
N VAL B 217 -16.32 -13.61 -13.83
CA VAL B 217 -16.02 -12.30 -13.28
C VAL B 217 -17.05 -11.81 -12.29
N ALA B 218 -18.23 -12.42 -12.25
CA ALA B 218 -19.22 -12.03 -11.26
C ALA B 218 -18.77 -12.44 -9.87
N LYS B 219 -18.33 -13.67 -9.73
CA LYS B 219 -17.91 -14.13 -8.41
C LYS B 219 -16.56 -13.55 -8.01
N TRP B 220 -15.73 -13.16 -8.98
CA TRP B 220 -14.51 -12.42 -8.67
C TRP B 220 -14.82 -11.11 -7.95
N ASP B 221 -15.80 -10.37 -8.43
CA ASP B 221 -16.08 -9.08 -7.81
C ASP B 221 -16.58 -9.27 -6.39
N TYR B 222 -17.59 -10.10 -6.21
CA TYR B 222 -18.17 -10.18 -4.90
C TYR B 222 -17.34 -11.01 -3.92
N PHE B 223 -16.38 -11.81 -4.39
CA PHE B 223 -15.40 -12.37 -3.46
C PHE B 223 -14.58 -11.25 -2.84
N ALA B 224 -14.05 -10.36 -3.69
CA ALA B 224 -13.29 -9.20 -3.25
C ALA B 224 -14.17 -8.23 -2.49
N ARG B 225 -15.35 -7.91 -3.03
CA ARG B 225 -16.23 -6.94 -2.40
C ARG B 225 -16.73 -7.46 -1.05
N ASP B 226 -17.25 -8.68 -1.01
CA ASP B 226 -17.81 -9.17 0.25
C ASP B 226 -16.74 -9.29 1.32
N CYS B 227 -15.53 -9.69 0.94
CA CYS B 227 -14.48 -9.81 1.95
C CYS B 227 -14.03 -8.45 2.44
N HIS B 228 -14.10 -7.47 1.56
CA HIS B 228 -13.82 -6.09 1.93
C HIS B 228 -14.78 -5.62 3.02
N HIS B 229 -16.08 -5.87 2.82
CA HIS B 229 -17.10 -5.40 3.73
C HIS B 229 -17.24 -6.27 4.98
N LEU B 230 -16.82 -7.52 4.92
CA LEU B 230 -16.97 -8.42 6.06
C LEU B 230 -15.76 -8.45 6.99
N GLY B 231 -14.63 -7.86 6.57
CA GLY B 231 -13.43 -8.01 7.36
C GLY B 231 -12.78 -9.37 7.23
N ILE B 232 -13.04 -10.06 6.13
CA ILE B 232 -12.43 -11.35 5.82
C ILE B 232 -11.34 -11.09 4.79
N GLN B 233 -10.22 -11.80 4.90
CA GLN B 233 -9.16 -11.58 3.94
C GLN B 233 -9.43 -12.38 2.69
N ASN B 234 -9.15 -11.78 1.55
CA ASN B 234 -9.38 -12.40 0.26
C ASN B 234 -8.00 -12.64 -0.35
N ASN B 235 -7.66 -13.92 -0.53
CA ASN B 235 -6.35 -14.28 -1.05
C ASN B 235 -6.39 -14.57 -2.55
N PHE B 236 -7.55 -14.47 -3.17
CA PHE B 236 -7.64 -14.51 -4.62
C PHE B 236 -7.26 -13.17 -5.24
N ASP B 237 -6.34 -13.22 -6.20
CA ASP B 237 -5.92 -12.06 -6.97
C ASP B 237 -6.54 -12.23 -8.35
N TYR B 238 -7.58 -11.46 -8.64
CA TYR B 238 -8.25 -11.63 -9.93
C TYR B 238 -7.43 -11.01 -11.05
N LYS B 239 -6.78 -9.87 -10.79
CA LYS B 239 -6.04 -9.20 -11.85
C LYS B 239 -4.82 -9.98 -12.27
N ARG B 240 -4.33 -10.89 -11.42
CA ARG B 240 -3.23 -11.76 -11.79
C ARG B 240 -3.73 -12.94 -12.60
N PHE B 241 -5.00 -13.29 -12.44
CA PHE B 241 -5.61 -14.26 -13.35
C PHE B 241 -5.85 -13.65 -14.72
N ILE B 242 -6.23 -12.37 -14.77
CA ILE B 242 -6.54 -11.74 -16.04
C ILE B 242 -5.28 -11.63 -16.91
N LYS B 243 -4.13 -11.35 -16.28
CA LYS B 243 -2.93 -11.15 -17.08
C LYS B 243 -2.46 -12.45 -17.72
N PHE B 244 -2.70 -13.59 -17.06
CA PHE B 244 -2.27 -14.88 -17.58
C PHE B 244 -3.42 -15.76 -18.09
N ALA B 245 -4.58 -15.13 -18.34
CA ALA B 245 -5.76 -15.85 -18.85
C ALA B 245 -5.65 -15.96 -20.38
N ARG B 246 -5.80 -17.18 -20.92
CA ARG B 246 -5.72 -17.40 -22.38
C ARG B 246 -6.83 -18.37 -22.80
N VAL B 247 -7.21 -18.34 -24.09
CA VAL B 247 -8.28 -19.23 -24.61
C VAL B 247 -7.98 -20.67 -24.20
N ILE B 256 -12.18 -21.19 -21.52
CA ILE B 256 -11.05 -20.32 -21.21
C ILE B 256 -10.11 -20.98 -20.19
N CYS B 257 -8.82 -20.99 -20.52
CA CYS B 257 -7.81 -21.67 -19.72
C CYS B 257 -6.92 -20.66 -19.01
N ALA B 258 -6.39 -21.07 -17.86
CA ALA B 258 -5.38 -20.32 -17.12
C ALA B 258 -4.04 -21.00 -17.30
N ARG B 259 -3.00 -20.37 -16.76
CA ARG B 259 -1.64 -20.87 -16.91
C ARG B 259 -1.23 -21.70 -15.69
N ASP B 260 -0.34 -22.66 -15.92
CA ASP B 260 0.02 -23.63 -14.89
C ASP B 260 0.52 -22.94 -13.62
N LYS B 261 1.24 -21.83 -13.76
CA LYS B 261 1.81 -21.15 -12.61
C LYS B 261 0.77 -20.46 -11.74
N GLU B 262 -0.51 -20.49 -12.13
CA GLU B 262 -1.55 -19.71 -11.48
C GLU B 262 -2.47 -20.53 -10.58
N VAL B 263 -2.27 -21.84 -10.48
CA VAL B 263 -3.18 -22.63 -9.66
C VAL B 263 -2.98 -22.34 -8.17
N GLY B 264 -1.78 -21.95 -7.76
CA GLY B 264 -1.61 -21.43 -6.42
C GLY B 264 -2.58 -20.31 -6.11
N ASN B 265 -2.81 -19.43 -7.10
CA ASN B 265 -3.83 -18.40 -6.95
C ASN B 265 -5.24 -19.00 -6.96
N LEU B 266 -5.46 -20.06 -7.74
CA LEU B 266 -6.79 -20.63 -7.89
C LEU B 266 -7.19 -21.50 -6.70
N TYR B 267 -6.23 -22.17 -6.05
CA TYR B 267 -6.52 -22.78 -4.76
C TYR B 267 -7.06 -21.74 -3.79
N ASP B 268 -6.46 -20.54 -3.78
CA ASP B 268 -6.90 -19.47 -2.87
C ASP B 268 -8.33 -19.04 -3.17
N MET B 269 -8.71 -19.01 -4.45
CA MET B 269 -10.08 -18.64 -4.80
C MET B 269 -11.07 -19.63 -4.22
N PHE B 270 -10.77 -20.93 -4.36
CA PHE B 270 -11.71 -21.93 -3.84
C PHE B 270 -11.75 -21.92 -2.32
N HIS B 271 -10.67 -21.51 -1.64
CA HIS B 271 -10.72 -21.37 -0.19
C HIS B 271 -11.43 -20.09 0.25
N THR B 272 -11.32 -19.00 -0.53
CA THR B 272 -12.11 -17.82 -0.24
C THR B 272 -13.60 -18.08 -0.42
N ARG B 273 -13.95 -18.82 -1.48
CA ARG B 273 -15.34 -19.24 -1.69
C ARG B 273 -15.91 -19.91 -0.44
N ASN B 274 -15.15 -20.86 0.14
CA ASN B 274 -15.69 -21.67 1.23
C ASN B 274 -15.60 -20.93 2.55
N SER B 275 -14.62 -20.03 2.68
CA SER B 275 -14.55 -19.20 3.88
C SER B 275 -15.74 -18.25 3.93
N LEU B 276 -16.11 -17.68 2.77
CA LEU B 276 -17.26 -16.79 2.68
C LEU B 276 -18.57 -17.53 2.91
N HIS B 277 -18.63 -18.81 2.54
CA HIS B 277 -19.86 -19.59 2.72
C HIS B 277 -20.03 -19.99 4.19
N ARG B 278 -18.96 -20.49 4.84
CA ARG B 278 -19.05 -20.84 6.27
C ARG B 278 -19.42 -19.65 7.12
N ARG B 279 -18.74 -18.53 6.92
CA ARG B 279 -18.78 -17.43 7.86
C ARG B 279 -19.94 -16.47 7.63
N ALA B 280 -20.38 -16.31 6.38
CA ALA B 280 -21.35 -15.26 6.05
C ALA B 280 -22.60 -15.83 5.37
N TYR B 281 -22.47 -16.40 4.17
CA TYR B 281 -23.65 -16.80 3.39
C TYR B 281 -24.51 -17.79 4.17
N GLN B 282 -23.87 -18.68 4.92
CA GLN B 282 -24.56 -19.71 5.69
C GLN B 282 -24.55 -19.45 7.19
N HIS B 283 -24.38 -18.18 7.59
CA HIS B 283 -24.39 -17.83 9.01
C HIS B 283 -25.70 -18.28 9.65
N LYS B 284 -25.61 -18.82 10.87
CA LYS B 284 -26.79 -19.40 11.50
C LYS B 284 -27.82 -18.35 11.88
N VAL B 285 -27.38 -17.24 12.46
CA VAL B 285 -28.32 -16.17 12.83
C VAL B 285 -28.75 -15.38 11.61
N GLY B 286 -27.83 -15.16 10.66
CA GLY B 286 -28.19 -14.44 9.45
C GLY B 286 -29.27 -15.12 8.64
N ASN B 287 -29.19 -16.45 8.52
CA ASN B 287 -30.19 -17.18 7.74
C ASN B 287 -31.54 -17.23 8.46
N ILE B 288 -31.51 -17.21 9.80
CA ILE B 288 -32.77 -17.18 10.55
C ILE B 288 -33.48 -15.86 10.31
N ILE B 289 -32.72 -14.77 10.27
CA ILE B 289 -33.33 -13.46 10.00
C ILE B 289 -33.88 -13.42 8.57
N ASP B 290 -33.19 -14.07 7.63
CA ASP B 290 -33.73 -14.20 6.28
C ASP B 290 -35.11 -14.86 6.30
N THR B 291 -35.22 -15.97 7.02
CA THR B 291 -36.51 -16.65 7.12
C THR B 291 -37.48 -15.90 8.01
N MET B 292 -36.98 -15.04 8.90
CA MET B 292 -37.88 -14.14 9.63
C MET B 292 -38.45 -13.10 8.71
N ILE B 293 -37.62 -12.52 7.84
CA ILE B 293 -38.08 -11.53 6.87
C ILE B 293 -39.03 -12.17 5.87
N THR B 294 -38.75 -13.41 5.45
CA THR B 294 -39.63 -14.06 4.49
C THR B 294 -41.01 -14.31 5.08
N ASP B 295 -41.11 -14.63 6.38
CA ASP B 295 -42.42 -14.81 7.02
C ASP B 295 -43.22 -13.51 7.04
N ALA B 296 -42.55 -12.39 7.36
CA ALA B 296 -43.28 -11.13 7.39
C ALA B 296 -43.78 -10.77 6.00
N PHE B 297 -43.02 -11.10 4.95
CA PHE B 297 -43.48 -10.86 3.59
C PHE B 297 -44.74 -11.66 3.29
N LEU B 298 -44.74 -12.95 3.63
CA LEU B 298 -45.92 -13.79 3.42
C LEU B 298 -47.10 -13.26 4.23
N LYS B 299 -46.84 -12.79 5.46
CA LYS B 299 -47.90 -12.24 6.30
C LYS B 299 -48.36 -10.87 5.81
N ALA B 300 -47.58 -10.24 4.94
CA ALA B 300 -47.95 -8.97 4.32
C ALA B 300 -48.43 -9.13 2.88
N ASP B 301 -48.30 -10.32 2.31
CA ASP B 301 -48.40 -10.48 0.87
C ASP B 301 -49.77 -10.08 0.34
N ASP B 302 -50.83 -10.26 1.14
CA ASP B 302 -52.21 -9.99 0.74
C ASP B 302 -52.60 -8.52 0.90
N TYR B 303 -51.87 -7.72 1.69
CA TYR B 303 -52.32 -6.36 2.01
C TYR B 303 -51.36 -5.26 1.50
N ILE B 304 -50.29 -5.63 0.82
CA ILE B 304 -49.32 -4.63 0.31
C ILE B 304 -49.27 -4.33 -1.19
N GLU B 305 -49.96 -3.29 -1.64
CA GLU B 305 -50.17 -3.10 -3.09
C GLU B 305 -49.10 -2.28 -3.82
N ILE B 306 -48.66 -2.79 -4.98
CA ILE B 306 -47.74 -2.12 -5.92
C ILE B 306 -48.38 -2.03 -7.31
N THR B 307 -48.46 -0.83 -7.86
CA THR B 307 -49.09 -0.60 -9.17
C THR B 307 -48.09 -0.82 -10.30
N GLY B 308 -48.45 -1.66 -11.27
CA GLY B 308 -47.58 -1.99 -12.39
C GLY B 308 -48.00 -1.32 -13.69
N ALA B 309 -47.66 -1.98 -14.80
CA ALA B 309 -47.92 -1.44 -16.13
C ALA B 309 -49.41 -1.26 -16.39
N GLY B 310 -49.78 -0.11 -16.95
CA GLY B 310 -51.15 0.11 -17.32
C GLY B 310 -52.12 0.17 -16.16
N GLY B 311 -51.67 0.64 -15.00
CA GLY B 311 -52.51 0.75 -13.83
C GLY B 311 -52.74 -0.55 -13.09
N LYS B 312 -52.28 -1.68 -13.63
CA LYS B 312 -52.45 -2.96 -12.94
C LYS B 312 -51.85 -2.90 -11.57
N LYS B 313 -52.58 -3.37 -10.58
CA LYS B 313 -52.06 -3.43 -9.22
C LYS B 313 -51.53 -4.85 -9.01
N TYR B 314 -50.27 -4.96 -8.61
CA TYR B 314 -49.64 -6.22 -8.26
C TYR B 314 -49.10 -6.10 -6.85
N ARG B 315 -48.74 -7.24 -6.30
CA ARG B 315 -48.30 -7.30 -4.94
C ARG B 315 -46.99 -8.11 -4.86
N ILE B 316 -46.38 -8.18 -3.66
CA ILE B 316 -45.01 -8.68 -3.49
C ILE B 316 -44.78 -10.02 -4.19
N SER B 317 -45.74 -10.95 -4.11
CA SER B 317 -45.42 -12.30 -4.59
C SER B 317 -45.52 -12.45 -6.11
N THR B 318 -46.34 -11.67 -6.80
CA THR B 318 -46.44 -11.77 -8.25
C THR B 318 -45.96 -10.53 -8.99
N ALA B 319 -45.39 -9.54 -8.28
CA ALA B 319 -44.82 -8.38 -8.94
C ALA B 319 -43.71 -8.77 -9.92
N ILE B 320 -43.16 -9.98 -9.79
CA ILE B 320 -42.19 -10.52 -10.71
C ILE B 320 -42.77 -10.74 -12.10
N ASP B 321 -44.08 -10.61 -12.26
CA ASP B 321 -44.76 -10.80 -13.55
C ASP B 321 -44.82 -9.54 -14.39
N ASP B 322 -44.57 -8.37 -13.79
CA ASP B 322 -44.57 -7.10 -14.51
C ASP B 322 -43.36 -6.29 -14.05
N MET B 323 -42.46 -6.00 -14.97
CA MET B 323 -41.21 -5.34 -14.61
C MET B 323 -41.42 -3.90 -14.17
N GLU B 324 -42.48 -3.23 -14.65
CA GLU B 324 -42.75 -1.89 -14.17
C GLU B 324 -43.13 -1.91 -12.69
N ALA B 325 -43.76 -2.99 -12.24
CA ALA B 325 -44.02 -3.17 -10.82
C ALA B 325 -42.77 -3.63 -10.07
N TYR B 326 -42.03 -4.58 -10.66
CA TYR B 326 -40.81 -5.09 -10.05
C TYR B 326 -39.81 -3.98 -9.81
N THR B 327 -39.79 -2.96 -10.69
CA THR B 327 -38.91 -1.81 -10.52
C THR B 327 -39.08 -1.16 -9.15
N LYS B 328 -40.30 -1.14 -8.63
CA LYS B 328 -40.57 -0.49 -7.35
C LYS B 328 -40.67 -1.50 -6.21
N LEU B 329 -40.12 -2.70 -6.37
CA LEU B 329 -40.02 -3.73 -5.33
C LEU B 329 -38.55 -3.92 -4.93
N THR B 330 -38.17 -3.37 -3.77
CA THR B 330 -36.79 -3.46 -3.31
C THR B 330 -36.81 -3.76 -1.82
N ASP B 331 -35.63 -3.66 -1.17
CA ASP B 331 -35.56 -3.81 0.27
C ASP B 331 -36.40 -2.77 1.00
N ASN B 332 -36.81 -1.72 0.29
CA ASN B 332 -37.71 -0.72 0.85
C ASN B 332 -38.99 -1.36 1.38
N ILE B 333 -39.41 -2.48 0.78
CA ILE B 333 -40.61 -3.17 1.21
C ILE B 333 -40.52 -3.63 2.66
N PHE B 334 -39.30 -3.85 3.16
CA PHE B 334 -39.07 -4.14 4.58
C PHE B 334 -39.60 -3.01 5.46
N LEU B 335 -39.15 -1.78 5.20
CA LEU B 335 -39.50 -0.67 6.09
C LEU B 335 -40.95 -0.25 5.94
N GLU B 336 -41.55 -0.47 4.77
CA GLU B 336 -42.97 -0.16 4.64
C GLU B 336 -43.82 -1.06 5.53
N ILE B 337 -43.45 -2.33 5.64
CA ILE B 337 -44.10 -3.20 6.61
C ILE B 337 -43.86 -2.68 8.02
N LEU B 338 -42.61 -2.37 8.34
CA LEU B 338 -42.26 -1.92 9.69
C LEU B 338 -42.92 -0.59 10.00
N TYR B 339 -43.11 0.25 9.00
CA TYR B 339 -43.69 1.58 9.18
C TYR B 339 -45.20 1.61 8.94
N SER B 340 -45.82 0.47 8.65
CA SER B 340 -47.25 0.43 8.34
C SER B 340 -48.10 0.69 9.58
N THR B 341 -49.26 1.32 9.36
CA THR B 341 -50.31 1.41 10.37
C THR B 341 -51.48 0.47 10.09
N ASP B 342 -51.59 -0.05 8.88
CA ASP B 342 -52.73 -0.88 8.49
C ASP B 342 -52.92 -2.03 9.46
N PRO B 343 -54.13 -2.21 10.01
CA PRO B 343 -54.38 -3.40 10.83
C PRO B 343 -54.28 -4.68 10.02
N LYS B 344 -54.47 -4.60 8.69
CA LYS B 344 -54.30 -5.77 7.85
C LYS B 344 -52.86 -6.25 7.82
N LEU B 345 -51.91 -5.45 8.31
CA LEU B 345 -50.49 -5.78 8.29
C LEU B 345 -49.86 -5.95 9.67
N LYS B 346 -50.63 -6.21 10.72
CA LYS B 346 -50.00 -6.19 12.03
C LYS B 346 -49.37 -7.53 12.43
N ASP B 347 -49.76 -8.63 11.76
CA ASP B 347 -49.02 -9.87 11.94
C ASP B 347 -47.65 -9.77 11.28
N ALA B 348 -47.60 -9.22 10.07
CA ALA B 348 -46.34 -9.02 9.37
C ALA B 348 -45.50 -7.96 10.08
N ARG B 349 -46.09 -6.81 10.39
CA ARG B 349 -45.31 -5.74 11.00
C ARG B 349 -44.72 -6.17 12.33
N GLU B 350 -45.36 -7.04 13.06
CA GLU B 350 -44.63 -7.32 14.27
C GLU B 350 -43.57 -8.40 14.09
N ILE B 351 -43.57 -9.23 13.06
CA ILE B 351 -42.42 -10.11 13.02
C ILE B 351 -41.17 -9.29 12.74
N LEU B 352 -41.27 -8.26 11.91
CA LEU B 352 -40.14 -7.39 11.67
C LEU B 352 -39.75 -6.56 12.90
N LYS B 353 -40.72 -6.15 13.72
CA LYS B 353 -40.38 -5.39 14.93
C LYS B 353 -39.72 -6.27 15.98
N GLN B 354 -39.81 -7.59 15.82
CA GLN B 354 -39.20 -8.63 16.63
C GLN B 354 -37.78 -8.93 16.12
N ILE B 355 -37.43 -8.39 14.95
CA ILE B 355 -36.04 -8.37 14.50
C ILE B 355 -35.25 -7.30 15.25
N GLU B 356 -35.83 -6.11 15.40
CA GLU B 356 -35.13 -5.00 16.03
C GLU B 356 -34.86 -5.27 17.51
N TYR B 357 -35.82 -5.88 18.21
CA TYR B 357 -35.63 -6.21 19.61
C TYR B 357 -34.73 -7.42 19.80
N ARG B 358 -34.26 -8.01 18.70
CA ARG B 358 -33.36 -9.16 18.72
C ARG B 358 -34.00 -10.35 19.42
N ASN B 359 -35.34 -10.41 19.37
CA ASN B 359 -36.09 -11.59 19.80
C ASN B 359 -36.45 -12.35 18.53
N LEU B 360 -35.63 -13.32 18.19
CA LEU B 360 -35.69 -13.99 16.89
C LEU B 360 -36.22 -15.40 17.05
N PHE B 361 -36.58 -16.00 15.92
CA PHE B 361 -36.86 -17.43 15.91
C PHE B 361 -35.63 -18.17 16.43
N LYS B 362 -35.85 -19.31 17.08
CA LYS B 362 -34.74 -20.04 17.66
C LYS B 362 -34.54 -21.38 16.97
N LYS B 374 -32.61 -35.04 -2.70
CA LYS B 374 -32.44 -33.60 -2.86
C LYS B 374 -33.81 -32.92 -2.89
N ILE B 375 -34.01 -31.96 -1.99
CA ILE B 375 -35.30 -31.32 -1.84
C ILE B 375 -35.46 -30.24 -2.90
N LYS B 376 -36.66 -30.14 -3.46
CA LYS B 376 -36.95 -29.17 -4.49
C LYS B 376 -37.81 -28.05 -3.93
N ARG B 377 -37.71 -26.87 -4.56
CA ARG B 377 -38.42 -25.69 -4.08
C ARG B 377 -39.93 -25.81 -4.25
N GLU B 378 -40.39 -26.64 -5.18
CA GLU B 378 -41.82 -26.92 -5.27
C GLU B 378 -42.35 -27.51 -3.97
N ASP B 379 -41.48 -28.18 -3.21
CA ASP B 379 -41.86 -28.83 -1.96
C ASP B 379 -41.54 -27.99 -0.73
N TYR B 380 -41.09 -26.73 -0.91
CA TYR B 380 -40.66 -25.93 0.22
C TYR B 380 -41.82 -25.63 1.16
N GLU B 381 -42.96 -25.21 0.60
CA GLU B 381 -44.14 -24.99 1.42
C GLU B 381 -44.62 -26.27 2.10
N SER B 382 -44.24 -27.44 1.55
CA SER B 382 -44.75 -28.70 2.08
C SER B 382 -44.10 -29.09 3.41
N LEU B 383 -43.01 -28.46 3.80
CA LEU B 383 -42.30 -29.10 4.91
C LEU B 383 -42.53 -28.51 6.31
N PRO B 384 -42.96 -27.25 6.47
CA PRO B 384 -43.53 -26.90 7.78
C PRO B 384 -44.74 -27.76 8.08
N LYS B 385 -45.56 -28.01 7.06
CA LYS B 385 -46.60 -29.02 7.12
C LYS B 385 -46.11 -30.33 7.76
N GLU B 386 -44.91 -30.77 7.40
CA GLU B 386 -44.53 -32.17 7.56
C GLU B 386 -43.76 -32.48 8.83
N VAL B 387 -43.06 -31.52 9.44
CA VAL B 387 -42.27 -31.80 10.63
C VAL B 387 -43.18 -32.01 11.84
N ALA B 388 -44.28 -31.24 11.92
CA ALA B 388 -45.30 -31.53 12.91
C ALA B 388 -46.10 -32.78 12.57
N SER B 389 -46.16 -33.14 11.28
CA SER B 389 -46.83 -34.37 10.88
C SER B 389 -46.08 -35.59 11.39
N ALA B 390 -44.75 -35.56 11.33
CA ALA B 390 -43.95 -36.68 11.80
C ALA B 390 -44.11 -36.85 13.30
N LYS B 391 -44.32 -38.08 13.72
CA LYS B 391 -44.60 -38.36 15.12
C LYS B 391 -43.52 -39.19 15.76
N PRO B 392 -42.79 -38.61 16.71
CA PRO B 392 -42.18 -39.38 17.78
C PRO B 392 -43.22 -39.60 18.87
N LYS B 393 -43.13 -40.76 19.52
CA LYS B 393 -44.13 -41.05 20.53
C LYS B 393 -43.45 -41.34 21.87
N VAL B 394 -42.67 -40.36 22.31
CA VAL B 394 -42.38 -40.12 23.72
C VAL B 394 -42.93 -38.72 24.01
N LEU B 395 -44.00 -38.66 24.81
CA LEU B 395 -44.52 -37.38 25.30
C LEU B 395 -45.53 -37.61 26.41
N GLU B 403 -47.60 -23.54 11.49
CA GLU B 403 -47.58 -22.11 11.75
C GLU B 403 -46.38 -21.73 12.61
N ASP B 404 -46.02 -22.60 13.54
CA ASP B 404 -44.88 -22.38 14.42
C ASP B 404 -43.56 -22.83 13.80
N PHE B 405 -43.59 -23.38 12.60
CA PHE B 405 -42.41 -23.99 11.98
C PHE B 405 -41.87 -23.13 10.85
N ILE B 406 -40.57 -22.85 10.90
CA ILE B 406 -39.77 -22.32 9.81
C ILE B 406 -38.58 -23.25 9.65
N VAL B 407 -38.44 -23.88 8.49
CA VAL B 407 -37.29 -24.76 8.26
C VAL B 407 -36.68 -24.45 6.89
N ASP B 408 -35.35 -24.38 6.85
CA ASP B 408 -34.57 -23.72 5.82
C ASP B 408 -33.77 -24.74 5.03
N VAL B 409 -33.79 -24.67 3.70
CA VAL B 409 -32.97 -25.55 2.86
C VAL B 409 -31.86 -24.72 2.26
N ILE B 410 -30.63 -25.01 2.67
CA ILE B 410 -29.45 -24.22 2.32
C ILE B 410 -28.63 -25.03 1.31
N ASN B 411 -28.45 -24.48 0.12
CA ASN B 411 -27.79 -25.18 -0.97
C ASN B 411 -26.53 -24.43 -1.39
N MET B 412 -25.65 -25.15 -2.09
CA MET B 412 -24.45 -24.54 -2.66
C MET B 412 -24.46 -24.69 -4.18
N LEU B 456 -27.88 -28.82 3.03
CA LEU B 456 -28.05 -28.61 4.47
C LEU B 456 -29.49 -28.17 4.72
N ILE B 457 -30.14 -28.82 5.67
CA ILE B 457 -31.50 -28.49 6.10
C ILE B 457 -31.42 -28.03 7.54
N ARG B 458 -32.26 -27.08 7.89
CA ARG B 458 -32.10 -26.29 9.10
C ARG B 458 -33.50 -25.91 9.56
N VAL B 459 -33.78 -26.12 10.84
CA VAL B 459 -35.13 -26.08 11.37
C VAL B 459 -35.18 -25.14 12.56
N TYR B 460 -36.09 -24.17 12.50
CA TYR B 460 -36.30 -23.24 13.58
C TYR B 460 -37.77 -23.25 13.98
N CYS B 461 -38.05 -22.87 15.22
CA CYS B 461 -39.42 -22.73 15.67
C CYS B 461 -39.61 -21.37 16.31
N LYS B 462 -40.81 -20.83 16.14
CA LYS B 462 -41.08 -19.48 16.60
C LYS B 462 -41.58 -19.37 18.04
N LYS B 463 -41.82 -20.47 18.76
CA LYS B 463 -42.10 -20.32 20.18
C LYS B 463 -40.82 -20.81 20.82
N VAL B 464 -40.26 -19.89 21.60
CA VAL B 464 -38.90 -19.98 22.21
C VAL B 464 -38.92 -20.62 23.60
N ASP B 465 -40.03 -20.46 24.33
CA ASP B 465 -40.11 -20.93 25.75
C ASP B 465 -39.32 -22.23 25.94
N ARG B 466 -38.87 -22.48 27.17
CA ARG B 466 -38.05 -23.69 27.50
C ARG B 466 -38.79 -24.95 27.04
N LYS B 467 -39.92 -25.25 27.67
CA LYS B 467 -40.75 -26.45 27.37
C LYS B 467 -40.94 -26.57 25.85
N SER B 468 -41.52 -25.54 25.24
CA SER B 468 -41.77 -25.53 23.77
C SER B 468 -40.50 -25.92 23.02
N LEU B 469 -39.42 -25.18 23.20
CA LEU B 469 -38.12 -25.45 22.52
C LEU B 469 -37.73 -26.92 22.67
N TYR B 470 -37.67 -27.42 23.91
CA TYR B 470 -37.27 -28.83 24.14
C TYR B 470 -38.14 -29.78 23.32
N ALA B 471 -39.46 -29.71 23.51
CA ALA B 471 -40.38 -30.63 22.77
C ALA B 471 -40.22 -30.46 21.26
N ALA B 472 -40.13 -29.21 20.81
CA ALA B 472 -40.01 -28.82 19.40
C ALA B 472 -38.97 -29.69 18.70
N ARG B 473 -37.73 -29.77 19.21
CA ARG B 473 -36.85 -30.61 18.42
C ARG B 473 -37.11 -32.11 18.60
N GLN B 474 -38.03 -32.52 19.49
CA GLN B 474 -38.52 -33.88 19.35
C GLN B 474 -39.71 -33.97 18.43
N TYR B 475 -39.87 -33.09 17.46
CA TYR B 475 -40.72 -33.46 16.33
C TYR B 475 -39.93 -33.40 15.02
N PHE B 476 -38.70 -32.86 15.13
CA PHE B 476 -37.69 -32.77 14.02
C PHE B 476 -36.89 -34.08 13.89
N VAL B 477 -36.39 -34.59 15.01
CA VAL B 477 -35.55 -35.83 15.05
C VAL B 477 -36.20 -36.95 14.22
N GLN B 478 -37.38 -37.43 14.67
CA GLN B 478 -38.11 -38.55 14.00
C GLN B 478 -38.33 -38.27 12.51
N TRP B 479 -38.71 -37.03 12.16
CA TRP B 479 -39.00 -36.63 10.75
C TRP B 479 -37.92 -37.13 9.78
N CYS B 480 -36.69 -36.62 9.92
CA CYS B 480 -35.59 -36.98 9.02
C CYS B 480 -35.04 -38.38 9.13
N ALA B 481 -35.37 -39.06 10.22
CA ALA B 481 -35.12 -40.49 10.18
C ALA B 481 -36.05 -41.11 9.15
N ASP B 482 -37.25 -40.55 9.00
CA ASP B 482 -38.18 -40.90 7.94
C ASP B 482 -37.54 -40.61 6.58
N THR C 21 -17.27 -12.55 28.81
CA THR C 21 -18.68 -12.92 28.70
C THR C 21 -19.48 -11.88 27.90
N MET C 22 -18.93 -11.49 26.75
CA MET C 22 -19.41 -10.35 25.99
C MET C 22 -19.95 -10.81 24.64
N LYS C 23 -20.75 -9.94 24.02
CA LYS C 23 -21.21 -10.14 22.65
C LYS C 23 -20.23 -9.52 21.67
N VAL C 24 -19.96 -10.21 20.58
CA VAL C 24 -18.90 -9.83 19.64
C VAL C 24 -19.53 -9.45 18.31
N ILE C 25 -19.11 -8.32 17.76
CA ILE C 25 -19.54 -7.86 16.45
C ILE C 25 -18.32 -7.78 15.55
N ASN C 26 -18.38 -8.48 14.42
CA ASN C 26 -17.27 -8.44 13.48
C ASN C 26 -17.39 -7.18 12.64
N ASP C 27 -16.34 -6.37 12.64
CA ASP C 27 -16.28 -5.10 11.96
C ASP C 27 -15.12 -5.07 10.98
N PRO C 28 -15.31 -4.52 9.79
CA PRO C 28 -14.21 -4.45 8.82
C PRO C 28 -13.09 -3.51 9.22
N ILE C 29 -13.38 -2.47 10.01
CA ILE C 29 -12.38 -1.51 10.43
C ILE C 29 -11.66 -1.94 11.69
N HIS C 30 -12.42 -2.36 12.71
CA HIS C 30 -11.89 -2.66 14.03
C HIS C 30 -11.77 -4.15 14.31
N GLY C 31 -12.11 -5.01 13.35
CA GLY C 31 -12.07 -6.44 13.65
C GLY C 31 -13.17 -6.79 14.63
N HIS C 32 -12.83 -7.56 15.65
CA HIS C 32 -13.81 -7.97 16.64
C HIS C 32 -14.07 -6.85 17.63
N ILE C 33 -15.35 -6.53 17.83
CA ILE C 33 -15.78 -5.54 18.80
C ILE C 33 -16.57 -6.25 19.88
N GLU C 34 -16.00 -6.33 21.08
CA GLU C 34 -16.71 -6.90 22.22
C GLU C 34 -17.63 -5.85 22.83
N LEU C 35 -18.87 -6.25 23.14
CA LEU C 35 -19.89 -5.33 23.60
C LEU C 35 -20.42 -5.76 24.97
N HIS C 36 -20.38 -4.83 25.92
CA HIS C 36 -20.95 -5.06 27.24
C HIS C 36 -22.44 -5.34 27.13
N PRO C 37 -22.97 -6.26 27.96
CA PRO C 37 -24.41 -6.59 27.89
C PRO C 37 -25.34 -5.38 27.89
N LEU C 38 -24.97 -4.33 28.63
CA LEU C 38 -25.79 -3.13 28.72
C LEU C 38 -25.88 -2.42 27.38
N LEU C 39 -24.76 -2.30 26.68
CA LEU C 39 -24.78 -1.69 25.36
C LEU C 39 -25.62 -2.50 24.38
N VAL C 40 -25.55 -3.83 24.49
CA VAL C 40 -26.28 -4.71 23.57
C VAL C 40 -27.77 -4.43 23.63
N ARG C 41 -28.30 -4.14 24.81
CA ARG C 41 -29.73 -3.88 24.92
C ARG C 41 -30.05 -2.41 24.70
N ILE C 42 -29.03 -1.57 24.48
CA ILE C 42 -29.22 -0.24 23.92
C ILE C 42 -29.23 -0.32 22.39
N ILE C 43 -28.39 -1.20 21.84
CA ILE C 43 -28.32 -1.38 20.41
C ILE C 43 -29.58 -2.06 19.89
N ASP C 44 -30.10 -3.03 20.64
CA ASP C 44 -31.20 -3.88 20.19
C ASP C 44 -32.56 -3.22 20.38
N THR C 45 -32.64 -1.92 20.18
CA THR C 45 -33.90 -1.21 20.22
C THR C 45 -34.25 -0.62 18.86
N PRO C 46 -35.53 -0.39 18.59
CA PRO C 46 -35.90 0.20 17.29
C PRO C 46 -35.33 1.58 17.10
N GLN C 47 -35.09 2.32 18.18
CA GLN C 47 -34.56 3.67 18.06
C GLN C 47 -33.09 3.65 17.65
N PHE C 48 -32.34 2.63 18.06
CA PHE C 48 -30.95 2.51 17.62
C PHE C 48 -30.82 1.78 16.29
N GLN C 49 -31.56 0.69 16.09
CA GLN C 49 -31.48 -0.02 14.81
C GLN C 49 -31.93 0.87 13.67
N ARG C 50 -32.68 1.93 14.00
CA ARG C 50 -33.06 2.95 13.03
C ARG C 50 -31.86 3.44 12.23
N LEU C 51 -30.69 3.48 12.86
CA LEU C 51 -29.52 4.03 12.19
C LEU C 51 -28.98 3.13 11.09
N ARG C 52 -29.52 1.91 10.94
CA ARG C 52 -29.19 1.09 9.78
C ARG C 52 -29.75 1.68 8.49
N TYR C 53 -30.70 2.60 8.61
CA TYR C 53 -31.44 3.12 7.47
C TYR C 53 -31.14 4.60 7.21
N ILE C 54 -30.00 5.10 7.70
CA ILE C 54 -29.56 6.47 7.41
C ILE C 54 -28.13 6.39 6.90
N LYS C 55 -27.91 6.74 5.64
CA LYS C 55 -26.58 6.60 5.06
C LYS C 55 -25.64 7.68 5.60
N GLN C 56 -24.40 7.25 5.91
CA GLN C 56 -23.44 8.13 6.55
C GLN C 56 -23.14 9.37 5.71
N LEU C 57 -22.90 9.16 4.41
CA LEU C 57 -22.49 10.26 3.54
C LEU C 57 -23.66 10.86 2.77
N GLY C 58 -24.90 10.47 3.10
CA GLY C 58 -26.04 11.08 2.45
C GLY C 58 -26.05 10.77 0.96
N GLY C 59 -26.15 11.84 0.16
CA GLY C 59 -26.14 11.72 -1.28
C GLY C 59 -24.81 11.38 -1.89
N GLY C 60 -23.74 11.29 -1.10
CA GLY C 60 -22.45 10.89 -1.62
C GLY C 60 -22.45 9.49 -2.23
N TYR C 61 -23.35 8.61 -1.77
CA TYR C 61 -23.47 7.28 -2.36
C TYR C 61 -23.81 7.37 -3.84
N TYR C 62 -24.44 8.45 -4.28
CA TYR C 62 -24.74 8.62 -5.69
C TYR C 62 -23.55 9.11 -6.51
N VAL C 63 -22.37 9.28 -5.89
CA VAL C 63 -21.14 9.61 -6.59
C VAL C 63 -20.09 8.53 -6.37
N PHE C 64 -19.90 8.09 -5.12
CA PHE C 64 -19.01 6.99 -4.77
C PHE C 64 -19.86 5.77 -4.43
N PRO C 65 -19.96 4.78 -5.32
CA PRO C 65 -20.84 3.63 -5.03
C PRO C 65 -20.34 2.79 -3.89
N GLY C 66 -19.05 2.87 -3.58
CA GLY C 66 -18.52 2.17 -2.43
C GLY C 66 -19.01 2.70 -1.11
N ALA C 67 -19.61 3.88 -1.09
CA ALA C 67 -19.99 4.53 0.16
C ALA C 67 -21.44 4.22 0.48
N SER C 68 -21.67 2.96 0.81
CA SER C 68 -23.01 2.46 1.15
C SER C 68 -23.24 2.39 2.65
N HIS C 69 -22.25 2.76 3.46
CA HIS C 69 -22.34 2.53 4.89
C HIS C 69 -23.33 3.50 5.55
N ASN C 70 -23.85 3.08 6.70
CA ASN C 70 -24.88 3.80 7.42
C ASN C 70 -24.37 4.22 8.79
N ARG C 71 -25.16 5.08 9.45
CA ARG C 71 -24.78 5.60 10.74
C ARG C 71 -24.67 4.51 11.80
N PHE C 72 -25.37 3.38 11.61
CA PHE C 72 -25.36 2.31 12.61
C PHE C 72 -23.95 1.77 12.84
N GLU C 73 -23.31 1.27 11.79
CA GLU C 73 -21.99 0.68 11.94
C GLU C 73 -20.95 1.73 12.33
N HIS C 74 -21.15 2.99 11.93
CA HIS C 74 -20.23 4.04 12.32
C HIS C 74 -20.23 4.27 13.81
N SER C 75 -21.42 4.37 14.40
CA SER C 75 -21.52 4.67 15.82
C SER C 75 -21.09 3.49 16.67
N LEU C 76 -21.30 2.27 16.17
CA LEU C 76 -20.71 1.12 16.83
C LEU C 76 -19.21 1.27 16.93
N GLY C 77 -18.57 1.76 15.85
CA GLY C 77 -17.13 1.90 15.86
C GLY C 77 -16.63 2.94 16.84
N VAL C 78 -17.34 4.07 16.96
CA VAL C 78 -16.85 5.11 17.86
C VAL C 78 -17.09 4.71 19.31
N GLY C 79 -18.21 4.04 19.60
CA GLY C 79 -18.42 3.52 20.94
C GLY C 79 -17.32 2.54 21.33
N TYR C 80 -16.87 1.72 20.38
CA TYR C 80 -15.74 0.84 20.61
C TYR C 80 -14.48 1.65 20.86
N LEU C 81 -14.21 2.60 19.96
CA LEU C 81 -13.05 3.47 20.08
C LEU C 81 -13.07 4.29 21.35
N ALA C 82 -14.24 4.86 21.68
CA ALA C 82 -14.37 5.63 22.91
C ALA C 82 -14.02 4.79 24.13
N GLY C 83 -14.56 3.57 24.18
CA GLY C 83 -14.27 2.69 25.29
C GLY C 83 -12.81 2.32 25.37
N CYS C 84 -12.15 2.18 24.22
CA CYS C 84 -10.76 1.77 24.22
C CYS C 84 -9.82 2.93 24.56
N LEU C 85 -10.28 4.18 24.49
CA LEU C 85 -9.43 5.29 24.89
C LEU C 85 -9.49 5.58 26.39
N VAL C 86 -10.68 5.56 26.99
CA VAL C 86 -10.75 5.89 28.41
C VAL C 86 -10.41 4.66 29.26
N HIS C 87 -10.68 3.44 28.77
CA HIS C 87 -10.20 2.25 29.47
C HIS C 87 -8.68 2.19 29.42
N ALA C 88 -8.07 2.67 28.34
CA ALA C 88 -6.62 2.75 28.27
C ALA C 88 -6.06 3.79 29.22
N LEU C 89 -6.78 4.90 29.41
CA LEU C 89 -6.33 5.94 30.32
C LEU C 89 -6.28 5.44 31.75
N GLY C 90 -7.30 4.71 32.18
CA GLY C 90 -7.31 4.18 33.53
C GLY C 90 -6.29 3.09 33.75
N GLU C 91 -5.89 2.39 32.68
CA GLU C 91 -4.95 1.28 32.84
C GLU C 91 -3.51 1.75 32.92
N LYS C 92 -3.17 2.83 32.20
CA LYS C 92 -1.84 3.39 32.36
C LYS C 92 -1.73 4.17 33.65
N GLN C 93 -2.86 4.65 34.18
CA GLN C 93 -2.88 5.53 35.34
C GLN C 93 -4.15 5.35 36.20
N PRO C 94 -4.12 4.45 37.19
CA PRO C 94 -5.30 4.32 38.08
C PRO C 94 -5.59 5.51 39.01
N GLU C 95 -4.62 6.36 39.34
CA GLU C 95 -4.89 7.53 40.18
C GLU C 95 -6.08 8.34 39.68
N LEU C 96 -6.41 8.22 38.38
CA LEU C 96 -7.33 9.12 37.68
C LEU C 96 -8.79 8.66 37.68
N GLN C 97 -9.35 8.21 38.80
CA GLN C 97 -10.78 8.28 38.98
C GLN C 97 -11.54 7.37 38.03
N ILE C 98 -10.79 6.57 37.27
CA ILE C 98 -11.38 5.83 36.18
C ILE C 98 -12.25 4.73 36.66
N SER C 99 -13.48 5.11 37.00
CA SER C 99 -14.53 4.22 37.53
C SER C 99 -15.04 3.27 36.43
N GLU C 100 -15.61 2.13 36.84
CA GLU C 100 -16.15 1.13 35.87
C GLU C 100 -17.32 1.74 35.10
N ARG C 101 -18.22 2.46 35.77
CA ARG C 101 -19.37 3.09 35.08
C ARG C 101 -18.87 4.17 34.11
N ASP C 102 -17.85 4.92 34.52
CA ASP C 102 -17.27 6.04 33.73
C ASP C 102 -17.10 5.67 32.25
N VAL C 103 -16.57 4.48 31.95
CA VAL C 103 -16.35 4.11 30.56
C VAL C 103 -17.62 3.58 29.93
N LEU C 104 -18.47 2.92 30.71
CA LEU C 104 -19.73 2.46 30.14
C LEU C 104 -20.62 3.63 29.76
N CYS C 105 -20.52 4.76 30.47
CA CYS C 105 -21.27 5.93 30.07
C CYS C 105 -20.59 6.67 28.93
N VAL C 106 -19.27 6.53 28.82
CA VAL C 106 -18.56 7.08 27.67
C VAL C 106 -18.88 6.28 26.42
N GLN C 107 -18.94 4.95 26.55
CA GLN C 107 -19.32 4.13 25.42
C GLN C 107 -20.75 4.40 25.00
N ILE C 108 -21.67 4.51 25.96
CA ILE C 108 -23.05 4.82 25.59
C ILE C 108 -23.10 6.17 24.89
N ALA C 109 -22.25 7.11 25.31
CA ALA C 109 -22.16 8.40 24.62
C ALA C 109 -21.67 8.21 23.20
N GLY C 110 -20.63 7.40 23.01
CA GLY C 110 -20.17 7.12 21.66
C GLY C 110 -21.23 6.40 20.83
N LEU C 111 -21.90 5.42 21.45
CA LEU C 111 -22.87 4.63 20.71
C LEU C 111 -24.06 5.46 20.25
N CYS C 112 -24.49 6.46 21.03
CA CYS C 112 -25.74 7.16 20.80
C CYS C 112 -25.56 8.62 20.38
N HIS C 113 -24.35 9.04 20.03
CA HIS C 113 -24.15 10.43 19.64
C HIS C 113 -24.92 10.77 18.37
N ASP C 114 -25.00 9.82 17.43
CA ASP C 114 -25.58 10.07 16.13
C ASP C 114 -27.05 9.69 16.06
N LEU C 115 -27.67 9.37 17.20
CA LEU C 115 -29.05 8.90 17.19
C LEU C 115 -30.00 9.91 16.57
N GLY C 116 -29.65 11.20 16.62
CA GLY C 116 -30.53 12.25 16.19
C GLY C 116 -30.40 12.66 14.75
N HIS C 117 -29.60 11.97 13.96
CA HIS C 117 -29.50 12.29 12.54
C HIS C 117 -30.80 11.95 11.84
N GLY C 118 -31.08 12.68 10.77
CA GLY C 118 -32.26 12.45 10.00
C GLY C 118 -31.86 11.89 8.65
N PRO C 119 -32.82 11.76 7.74
CA PRO C 119 -32.52 11.16 6.44
C PRO C 119 -31.32 11.83 5.79
N PHE C 120 -30.37 11.01 5.32
CA PHE C 120 -29.19 11.50 4.61
C PHE C 120 -28.32 12.38 5.49
N SER C 121 -28.40 12.17 6.80
CA SER C 121 -27.50 12.79 7.76
C SER C 121 -27.45 14.31 7.65
N HIS C 122 -26.26 14.85 7.38
CA HIS C 122 -26.02 16.29 7.49
C HIS C 122 -26.89 17.12 6.55
N MET C 123 -27.41 16.51 5.48
CA MET C 123 -28.35 17.22 4.62
C MET C 123 -29.62 17.60 5.38
N PHE C 124 -30.05 16.75 6.31
CA PHE C 124 -31.35 16.94 6.95
C PHE C 124 -31.35 18.16 7.86
N ASP C 125 -30.45 18.20 8.84
CA ASP C 125 -30.40 19.33 9.75
C ASP C 125 -29.57 20.49 9.22
N GLY C 126 -28.69 20.24 8.27
CA GLY C 126 -27.84 21.29 7.73
C GLY C 126 -28.48 22.10 6.64
N ARG C 127 -29.53 21.55 6.01
CA ARG C 127 -30.19 22.25 4.92
C ARG C 127 -31.72 22.14 4.97
N PHE C 128 -32.26 20.93 5.11
CA PHE C 128 -33.70 20.74 4.92
C PHE C 128 -34.54 21.49 5.96
N ILE C 129 -34.32 21.27 7.25
CA ILE C 129 -35.10 22.01 8.25
C ILE C 129 -34.80 23.50 8.26
N PRO C 130 -33.60 23.95 7.89
CA PRO C 130 -33.47 25.39 7.63
C PRO C 130 -34.37 25.88 6.50
N LEU C 131 -34.54 25.11 5.42
CA LEU C 131 -35.37 25.56 4.29
C LEU C 131 -36.85 25.31 4.52
N ALA C 132 -37.20 24.26 5.28
CA ALA C 132 -38.60 23.96 5.53
C ALA C 132 -39.16 24.77 6.68
N ARG C 133 -38.38 24.97 7.73
CA ARG C 133 -38.80 25.73 8.90
C ARG C 133 -37.66 26.62 9.33
N PRO C 134 -37.47 27.74 8.66
CA PRO C 134 -36.30 28.58 8.92
C PRO C 134 -36.13 29.07 10.34
N GLU C 135 -37.20 29.32 11.06
CA GLU C 135 -37.11 29.82 12.41
C GLU C 135 -36.46 28.92 13.47
N VAL C 136 -36.71 27.61 13.45
CA VAL C 136 -36.15 26.70 14.45
C VAL C 136 -34.66 26.53 14.46
N LYS C 137 -34.08 26.36 15.64
CA LYS C 137 -32.68 26.11 15.85
C LYS C 137 -32.68 24.62 16.18
N TRP C 138 -32.35 23.80 15.19
CA TRP C 138 -32.38 22.36 15.33
C TRP C 138 -31.05 21.82 14.84
N THR C 139 -30.45 20.95 15.63
CA THR C 139 -29.25 20.22 15.26
C THR C 139 -29.46 18.75 15.57
N HIS C 140 -28.73 17.89 14.86
CA HIS C 140 -28.87 16.46 15.11
C HIS C 140 -28.39 16.08 16.51
N GLU C 141 -27.47 16.86 17.08
CA GLU C 141 -27.02 16.57 18.44
C GLU C 141 -28.15 16.74 19.45
N GLN C 142 -28.93 17.81 19.32
CA GLN C 142 -30.13 17.94 20.14
C GLN C 142 -31.13 16.84 19.84
N GLY C 143 -31.22 16.42 18.58
CA GLY C 143 -32.04 15.27 18.25
C GLY C 143 -31.59 14.02 18.98
N SER C 144 -30.28 13.83 19.12
CA SER C 144 -29.81 12.59 19.73
C SER C 144 -30.15 12.52 21.21
N VAL C 145 -30.03 13.63 21.95
CA VAL C 145 -30.41 13.64 23.36
C VAL C 145 -31.89 13.27 23.51
N MET C 146 -32.76 13.88 22.71
CA MET C 146 -34.18 13.53 22.77
C MET C 146 -34.40 12.07 22.40
N MET C 147 -33.85 11.62 21.26
CA MET C 147 -33.99 10.24 20.85
C MET C 147 -33.29 9.29 21.81
N PHE C 148 -32.17 9.73 22.39
CA PHE C 148 -31.53 8.96 23.45
C PHE C 148 -32.51 8.80 24.61
N GLU C 149 -33.30 9.85 24.88
CA GLU C 149 -34.14 9.68 26.04
C GLU C 149 -35.38 8.87 25.73
N HIS C 150 -35.89 8.97 24.50
CA HIS C 150 -37.03 8.14 24.09
C HIS C 150 -36.66 6.66 24.12
N LEU C 151 -35.41 6.34 23.81
CA LEU C 151 -34.95 4.95 23.84
C LEU C 151 -35.03 4.39 25.25
N ILE C 152 -34.56 5.15 26.23
CA ILE C 152 -34.43 4.60 27.58
C ILE C 152 -35.80 4.38 28.22
N ASN C 153 -36.78 5.22 27.93
CA ASN C 153 -38.07 5.08 28.60
C ASN C 153 -38.92 3.99 27.96
N SER C 154 -38.94 3.93 26.63
CA SER C 154 -39.78 2.94 25.96
C SER C 154 -39.23 1.54 26.08
N ASN C 155 -37.92 1.40 26.28
CA ASN C 155 -37.28 0.10 26.33
C ASN C 155 -36.80 -0.29 27.72
N GLY C 156 -37.17 0.49 28.74
CA GLY C 156 -36.90 0.14 30.12
C GLY C 156 -35.43 -0.08 30.43
N ILE C 157 -34.58 0.88 30.06
CA ILE C 157 -33.14 0.66 30.20
C ILE C 157 -32.62 1.00 31.59
N LYS C 158 -33.17 2.04 32.22
CA LYS C 158 -32.65 2.42 33.54
C LYS C 158 -32.85 1.34 34.59
N PRO C 159 -33.90 0.51 34.58
CA PRO C 159 -33.88 -0.64 35.49
C PRO C 159 -32.59 -1.40 35.22
N VAL C 160 -32.32 -1.74 33.95
CA VAL C 160 -31.09 -2.43 33.56
C VAL C 160 -29.85 -1.63 33.89
N MET C 161 -29.95 -0.31 34.08
CA MET C 161 -28.72 0.46 34.19
C MET C 161 -27.97 0.26 35.52
N GLU C 162 -28.68 0.21 36.65
CA GLU C 162 -27.93 0.16 37.90
C GLU C 162 -27.80 -1.29 38.42
N GLN C 163 -28.25 -2.31 37.65
CA GLN C 163 -27.78 -3.70 37.89
C GLN C 163 -26.29 -3.80 37.64
N TYR C 164 -25.79 -3.00 36.71
CA TYR C 164 -24.36 -2.98 36.45
C TYR C 164 -23.69 -1.83 37.18
N GLY C 165 -24.40 -1.19 38.11
CA GLY C 165 -23.79 -0.21 38.97
C GLY C 165 -23.82 1.20 38.44
N LEU C 166 -24.81 1.51 37.63
CA LEU C 166 -24.90 2.84 37.10
C LEU C 166 -26.07 3.56 37.72
N ILE C 167 -25.88 4.84 37.98
CA ILE C 167 -26.92 5.65 38.56
C ILE C 167 -27.40 6.51 37.42
N PRO C 168 -28.68 6.40 37.10
CA PRO C 168 -29.12 7.18 35.95
C PRO C 168 -29.03 8.68 35.99
N GLU C 169 -29.56 9.34 37.02
CA GLU C 169 -29.56 10.79 37.02
C GLU C 169 -28.17 11.35 37.06
N GLU C 170 -27.35 10.70 37.85
CA GLU C 170 -26.00 11.10 38.01
C GLU C 170 -25.33 10.94 36.70
N ASP C 171 -25.90 10.21 35.77
CA ASP C 171 -24.97 9.99 34.68
C ASP C 171 -25.62 9.99 33.32
N ILE C 172 -26.95 9.84 33.28
CA ILE C 172 -27.67 9.92 31.97
C ILE C 172 -27.35 11.32 31.43
N CYS C 173 -27.40 12.31 32.32
CA CYS C 173 -27.07 13.72 31.95
C CYS C 173 -25.60 13.77 31.52
N PHE C 174 -24.73 13.06 32.24
CA PHE C 174 -23.29 13.04 31.87
C PHE C 174 -23.18 12.59 30.40
N ILE C 175 -23.94 11.57 30.01
CA ILE C 175 -23.88 11.15 28.61
C ILE C 175 -24.50 12.21 27.71
N LYS C 176 -25.66 12.76 28.09
CA LYS C 176 -26.27 13.85 27.33
C LYS C 176 -25.32 15.02 27.23
N GLU C 177 -24.58 15.29 28.32
CA GLU C 177 -23.61 16.36 28.28
C GLU C 177 -22.51 16.04 27.27
N GLN C 178 -22.12 14.78 27.18
CA GLN C 178 -21.10 14.42 26.20
C GLN C 178 -21.60 14.60 24.78
N ILE C 179 -22.90 14.39 24.55
CA ILE C 179 -23.45 14.49 23.21
C ILE C 179 -23.77 15.94 22.86
N VAL C 180 -24.42 16.64 23.79
CA VAL C 180 -24.99 17.96 23.52
C VAL C 180 -24.18 19.09 24.13
N GLY C 181 -23.28 18.81 25.07
CA GLY C 181 -22.60 19.86 25.79
C GLY C 181 -23.40 20.29 27.01
N PRO C 182 -22.90 21.29 27.72
CA PRO C 182 -23.65 21.82 28.87
C PRO C 182 -24.85 22.67 28.45
N ARG C 197 -21.12 15.28 36.20
CA ARG C 197 -19.82 14.84 36.79
C ARG C 197 -19.15 16.03 37.49
N PRO C 198 -18.01 15.83 38.18
CA PRO C 198 -17.31 16.92 38.88
C PRO C 198 -16.32 17.66 37.97
N GLU C 199 -15.13 17.96 38.50
CA GLU C 199 -14.08 18.68 37.73
C GLU C 199 -12.82 17.82 37.68
N ASN C 200 -12.59 17.01 38.72
CA ASN C 200 -11.39 16.13 38.77
C ASN C 200 -11.30 15.31 37.47
N LYS C 201 -12.39 14.65 37.08
CA LYS C 201 -12.42 13.84 35.84
C LYS C 201 -12.98 14.69 34.69
N SER C 202 -12.35 15.84 34.43
CA SER C 202 -12.80 16.76 33.35
C SER C 202 -12.52 16.12 31.98
N PHE C 203 -11.67 15.08 31.96
CA PHE C 203 -11.33 14.39 30.71
C PHE C 203 -12.50 13.75 29.91
N LEU C 204 -13.52 13.21 30.59
CA LEU C 204 -14.60 12.48 29.88
C LEU C 204 -15.30 13.41 28.80
N TYR C 205 -15.39 14.75 28.95
CA TYR C 205 -16.03 15.54 27.91
C TYR C 205 -15.11 15.75 26.72
N GLU C 206 -13.88 15.24 26.79
CA GLU C 206 -12.89 15.39 25.73
C GLU C 206 -12.89 14.26 24.71
N ILE C 207 -13.66 13.20 24.93
CA ILE C 207 -13.44 11.99 24.14
C ILE C 207 -14.43 11.78 23.00
N VAL C 208 -15.73 11.67 23.32
CA VAL C 208 -16.69 11.22 22.31
C VAL C 208 -16.96 12.33 21.30
N SER C 209 -17.32 13.53 21.76
CA SER C 209 -17.59 14.64 20.85
C SER C 209 -16.84 15.87 21.37
N ASN C 210 -15.70 16.14 20.76
CA ASN C 210 -14.78 17.18 21.19
C ASN C 210 -14.72 18.25 20.09
N ILE C 215 -10.65 17.19 18.14
CA ILE C 215 -10.19 15.83 17.87
C ILE C 215 -10.95 14.83 18.76
N ASP C 216 -12.03 14.26 18.24
CA ASP C 216 -12.75 13.21 18.95
C ASP C 216 -12.42 11.84 18.35
N VAL C 217 -12.74 10.80 19.12
CA VAL C 217 -12.65 9.45 18.61
C VAL C 217 -13.73 9.19 17.55
N ALA C 218 -14.74 10.06 17.45
CA ALA C 218 -15.74 9.90 16.39
C ALA C 218 -15.14 10.21 15.02
N LYS C 219 -14.31 11.26 14.92
CA LYS C 219 -13.64 11.51 13.64
C LYS C 219 -12.60 10.44 13.36
N TRP C 220 -12.07 9.75 14.38
CA TRP C 220 -11.16 8.64 14.12
C TRP C 220 -11.85 7.56 13.32
N ASP C 221 -13.06 7.17 13.73
CA ASP C 221 -13.75 6.08 13.05
C ASP C 221 -14.16 6.48 11.65
N TYR C 222 -14.87 7.61 11.51
CA TYR C 222 -15.34 7.89 10.18
C TYR C 222 -14.21 8.33 9.26
N PHE C 223 -13.05 8.70 9.79
CA PHE C 223 -11.88 8.82 8.92
C PHE C 223 -11.50 7.46 8.35
N ALA C 224 -11.34 6.46 9.21
CA ALA C 224 -11.00 5.12 8.75
C ALA C 224 -12.14 4.52 7.93
N ARG C 225 -13.36 4.65 8.43
CA ARG C 225 -14.49 4.00 7.76
C ARG C 225 -14.72 4.63 6.38
N ASP C 226 -14.75 5.97 6.31
CA ASP C 226 -15.04 6.59 5.01
C ASP C 226 -13.94 6.27 4.01
N CYS C 227 -12.68 6.23 4.46
CA CYS C 227 -11.62 5.94 3.52
C CYS C 227 -11.70 4.49 3.05
N HIS C 228 -12.14 3.60 3.93
CA HIS C 228 -12.34 2.21 3.55
C HIS C 228 -13.35 2.10 2.43
N HIS C 229 -14.49 2.76 2.57
CA HIS C 229 -15.58 2.66 1.61
C HIS C 229 -15.37 3.51 0.35
N LEU C 230 -14.55 4.57 0.43
CA LEU C 230 -14.32 5.45 -0.70
C LEU C 230 -13.11 5.06 -1.54
N GLY C 231 -12.28 4.15 -1.06
CA GLY C 231 -11.03 3.86 -1.75
C GLY C 231 -9.97 4.90 -1.52
N ILE C 232 -10.05 5.61 -0.42
CA ILE C 232 -9.07 6.61 -0.04
C ILE C 232 -8.14 5.98 1.00
N GLN C 233 -6.87 6.36 0.94
CA GLN C 233 -5.88 5.84 1.88
C GLN C 233 -5.93 6.67 3.16
N ASN C 234 -5.79 5.99 4.30
CA ASN C 234 -5.82 6.62 5.60
C ASN C 234 -4.43 6.51 6.20
N ASN C 235 -3.78 7.66 6.39
CA ASN C 235 -2.43 7.67 6.94
C ASN C 235 -2.41 7.97 8.42
N PHE C 236 -3.59 8.19 9.01
CA PHE C 236 -3.70 8.28 10.46
C PHE C 236 -3.69 6.89 11.07
N ASP C 237 -2.83 6.72 12.06
CA ASP C 237 -2.78 5.51 12.86
C ASP C 237 -3.44 5.90 14.17
N TYR C 238 -4.68 5.50 14.30
CA TYR C 238 -5.45 5.76 15.50
C TYR C 238 -5.10 4.77 16.61
N LYS C 239 -4.82 3.52 16.30
CA LYS C 239 -4.73 2.55 17.40
C LYS C 239 -3.54 2.77 18.32
N ARG C 240 -2.49 3.39 17.80
CA ARG C 240 -1.32 3.73 18.58
C ARG C 240 -1.39 5.12 19.17
N PHE C 241 -2.26 6.02 18.65
CA PHE C 241 -2.46 7.30 19.35
C PHE C 241 -3.07 7.08 20.73
N ILE C 242 -3.91 6.04 20.87
CA ILE C 242 -4.53 5.73 22.13
C ILE C 242 -3.48 5.28 23.15
N LYS C 243 -2.47 4.55 22.69
CA LYS C 243 -1.51 3.94 23.60
C LYS C 243 -0.65 4.99 24.32
N PHE C 244 -0.36 6.11 23.65
CA PHE C 244 0.46 7.16 24.23
C PHE C 244 -0.36 8.37 24.69
N ALA C 245 -1.66 8.21 24.84
CA ALA C 245 -2.51 9.30 25.29
C ALA C 245 -2.53 9.36 26.81
N ARG C 246 -2.57 10.58 27.34
CA ARG C 246 -2.29 10.83 28.75
C ARG C 246 -3.17 11.99 29.22
N VAL C 247 -3.04 12.33 30.49
CA VAL C 247 -3.64 13.54 31.04
C VAL C 247 -2.51 14.45 31.50
N CYS C 248 -2.75 15.75 31.42
CA CYS C 248 -1.77 16.74 31.85
C CYS C 248 -2.40 18.14 31.93
N GLU C 262 5.07 12.04 17.81
CA GLU C 262 3.75 11.60 17.39
C GLU C 262 2.97 12.75 16.74
N VAL C 263 3.59 13.92 16.64
CA VAL C 263 2.95 15.03 15.92
C VAL C 263 2.98 14.79 14.41
N GLY C 264 3.88 13.92 13.93
CA GLY C 264 3.80 13.49 12.55
C GLY C 264 2.61 12.59 12.30
N ASN C 265 2.22 11.83 13.32
CA ASN C 265 1.01 10.97 13.20
C ASN C 265 -0.18 11.91 13.08
N LEU C 266 -0.19 12.97 13.88
CA LEU C 266 -1.25 14.00 13.87
C LEU C 266 -1.27 14.70 12.52
N TYR C 267 -0.09 14.96 11.95
CA TYR C 267 0.02 15.63 10.63
C TYR C 267 -0.67 14.76 9.57
N ASP C 268 -0.45 13.44 9.65
CA ASP C 268 -1.06 12.48 8.70
C ASP C 268 -2.58 12.61 8.77
N MET C 269 -3.14 12.64 9.98
CA MET C 269 -4.59 12.74 10.09
C MET C 269 -5.10 14.03 9.46
N PHE C 270 -4.34 15.12 9.59
CA PHE C 270 -4.79 16.37 8.98
C PHE C 270 -4.72 16.30 7.46
N HIS C 271 -3.85 15.44 6.92
CA HIS C 271 -3.83 15.21 5.48
C HIS C 271 -5.01 14.35 5.05
N THR C 272 -5.40 13.36 5.86
CA THR C 272 -6.53 12.52 5.51
C THR C 272 -7.83 13.32 5.56
N ARG C 273 -7.99 14.15 6.59
CA ARG C 273 -9.18 14.99 6.66
C ARG C 273 -9.25 15.94 5.48
N ASN C 274 -8.11 16.55 5.12
CA ASN C 274 -8.09 17.37 3.91
C ASN C 274 -8.41 16.55 2.67
N SER C 275 -7.98 15.29 2.64
CA SER C 275 -8.25 14.44 1.48
C SER C 275 -9.73 14.08 1.38
N LEU C 276 -10.36 13.78 2.51
CA LEU C 276 -11.78 13.46 2.49
C LEU C 276 -12.66 14.65 2.14
N HIS C 277 -12.32 15.83 2.64
CA HIS C 277 -13.16 16.99 2.33
C HIS C 277 -13.18 17.36 0.85
N ARG C 278 -12.00 17.43 0.25
CA ARG C 278 -11.91 17.77 -1.17
C ARG C 278 -12.44 16.72 -2.14
N ARG C 279 -12.13 15.45 -1.89
CA ARG C 279 -12.51 14.42 -2.83
C ARG C 279 -13.93 13.92 -2.59
N ALA C 280 -14.41 13.98 -1.34
CA ALA C 280 -15.68 13.34 -1.00
C ALA C 280 -16.70 14.27 -0.37
N TYR C 281 -16.42 14.77 0.84
CA TYR C 281 -17.42 15.51 1.60
C TYR C 281 -17.92 16.74 0.84
N GLN C 282 -17.04 17.41 0.10
CA GLN C 282 -17.39 18.61 -0.64
C GLN C 282 -17.48 18.36 -2.15
N HIS C 283 -17.72 17.12 -2.55
CA HIS C 283 -17.83 16.80 -3.98
C HIS C 283 -18.91 17.65 -4.63
N LYS C 284 -18.62 18.14 -5.84
CA LYS C 284 -19.54 19.07 -6.48
C LYS C 284 -20.83 18.38 -6.91
N VAL C 285 -20.74 17.19 -7.49
CA VAL C 285 -21.94 16.49 -7.93
C VAL C 285 -22.69 15.91 -6.74
N GLY C 286 -21.97 15.39 -5.75
CA GLY C 286 -22.62 14.85 -4.57
C GLY C 286 -23.44 15.91 -3.84
N ASN C 287 -22.91 17.13 -3.77
CA ASN C 287 -23.62 18.20 -3.09
C ASN C 287 -24.82 18.69 -3.90
N ILE C 288 -24.72 18.70 -5.24
CA ILE C 288 -25.88 19.06 -6.06
C ILE C 288 -26.99 18.04 -5.86
N ILE C 289 -26.63 16.75 -5.81
CA ILE C 289 -27.64 15.72 -5.58
C ILE C 289 -28.26 15.89 -4.19
N ASP C 290 -27.46 16.32 -3.20
CA ASP C 290 -28.00 16.63 -1.88
C ASP C 290 -29.09 17.68 -1.97
N THR C 291 -28.85 18.77 -2.72
CA THR C 291 -29.86 19.82 -2.85
C THR C 291 -31.03 19.40 -3.72
N MET C 292 -30.86 18.41 -4.60
CA MET C 292 -32.00 17.88 -5.34
C MET C 292 -32.91 17.06 -4.44
N ILE C 293 -32.33 16.23 -3.57
CA ILE C 293 -33.11 15.42 -2.66
C ILE C 293 -33.88 16.31 -1.67
N THR C 294 -33.25 17.39 -1.21
CA THR C 294 -33.89 18.29 -0.26
C THR C 294 -35.07 19.02 -0.91
N ASP C 295 -34.92 19.41 -2.18
CA ASP C 295 -36.01 20.06 -2.88
C ASP C 295 -37.20 19.12 -3.02
N ALA C 296 -36.96 17.85 -3.33
CA ALA C 296 -38.05 16.90 -3.42
C ALA C 296 -38.74 16.70 -2.08
N PHE C 297 -38.00 16.78 -0.98
CA PHE C 297 -38.61 16.71 0.35
C PHE C 297 -39.55 17.89 0.57
N LEU C 298 -39.10 19.09 0.20
CA LEU C 298 -39.91 20.30 0.39
C LEU C 298 -41.23 20.22 -0.35
N LYS C 299 -41.21 19.71 -1.58
CA LYS C 299 -42.42 19.57 -2.38
C LYS C 299 -43.28 18.39 -1.94
N ALA C 300 -42.73 17.48 -1.12
CA ALA C 300 -43.48 16.37 -0.57
C ALA C 300 -43.94 16.62 0.87
N ASP C 301 -43.52 17.72 1.48
CA ASP C 301 -43.69 17.87 2.93
C ASP C 301 -45.15 17.98 3.32
N ASP C 302 -46.01 18.55 2.49
CA ASP C 302 -47.41 18.70 2.89
C ASP C 302 -48.21 17.42 2.77
N TYR C 303 -47.78 16.49 1.92
CA TYR C 303 -48.60 15.34 1.56
C TYR C 303 -48.10 14.00 2.08
N ILE C 304 -46.96 13.96 2.76
CA ILE C 304 -46.44 12.73 3.35
C ILE C 304 -46.71 12.79 4.86
N GLU C 305 -47.25 11.72 5.41
CA GLU C 305 -47.66 11.68 6.81
C GLU C 305 -46.84 10.63 7.53
N ILE C 306 -46.31 10.98 8.71
CA ILE C 306 -45.60 10.05 9.57
C ILE C 306 -46.36 10.00 10.89
N THR C 307 -46.73 8.79 11.30
CA THR C 307 -47.57 8.60 12.48
C THR C 307 -46.73 8.65 13.74
N GLY C 308 -47.07 9.55 14.65
CA GLY C 308 -46.31 9.72 15.88
C GLY C 308 -46.97 9.21 17.14
N ALA C 309 -46.63 9.81 18.27
CA ALA C 309 -47.20 9.37 19.54
C ALA C 309 -48.71 9.58 19.54
N GLY C 310 -49.45 8.55 19.94
CA GLY C 310 -50.89 8.67 20.08
C GLY C 310 -51.61 8.91 18.77
N GLY C 311 -51.10 8.40 17.65
CA GLY C 311 -51.74 8.57 16.37
C GLY C 311 -51.57 9.92 15.71
N LYS C 312 -50.98 10.90 16.41
CA LYS C 312 -50.79 12.22 15.81
C LYS C 312 -49.95 12.11 14.55
N LYS C 313 -50.41 12.72 13.47
CA LYS C 313 -49.70 12.58 12.20
C LYS C 313 -48.69 13.71 12.10
N TYR C 314 -47.48 13.36 11.69
CA TYR C 314 -46.42 14.33 11.50
C TYR C 314 -45.98 14.28 10.05
N ARG C 315 -45.20 15.27 9.67
CA ARG C 315 -44.62 15.41 8.34
C ARG C 315 -43.10 15.44 8.43
N ILE C 316 -42.43 15.39 7.27
CA ILE C 316 -40.97 15.26 7.27
C ILE C 316 -40.34 16.35 8.14
N SER C 317 -40.87 17.57 8.03
CA SER C 317 -40.33 18.69 8.77
C SER C 317 -40.85 18.73 10.20
N THR C 318 -41.96 18.04 10.48
CA THR C 318 -42.55 18.07 11.81
C THR C 318 -42.32 16.79 12.61
N ALA C 319 -41.67 15.77 12.03
CA ALA C 319 -41.32 14.56 12.78
C ALA C 319 -40.29 14.82 13.88
N ILE C 320 -39.49 15.88 13.75
CA ILE C 320 -38.48 16.20 14.77
C ILE C 320 -39.08 16.60 16.09
N ASP C 321 -40.38 16.85 16.16
CA ASP C 321 -41.04 17.26 17.40
C ASP C 321 -41.55 16.08 18.20
N ASP C 322 -41.63 14.88 17.61
CA ASP C 322 -42.08 13.68 18.30
C ASP C 322 -41.15 12.53 17.94
N MET C 323 -40.48 11.98 18.95
CA MET C 323 -39.49 10.94 18.69
C MET C 323 -40.13 9.66 18.19
N GLU C 324 -41.37 9.38 18.59
CA GLU C 324 -42.04 8.19 18.09
C GLU C 324 -42.26 8.26 16.59
N ALA C 325 -42.47 9.46 16.05
CA ALA C 325 -42.52 9.64 14.61
C ALA C 325 -41.12 9.69 14.01
N TYR C 326 -40.19 10.39 14.66
CA TYR C 326 -38.83 10.50 14.14
C TYR C 326 -38.15 9.15 13.98
N THR C 327 -38.49 8.17 14.82
CA THR C 327 -37.90 6.84 14.73
C THR C 327 -38.04 6.25 13.32
N LYS C 328 -39.17 6.48 12.67
CA LYS C 328 -39.44 5.94 11.34
C LYS C 328 -39.25 6.96 10.25
N LEU C 329 -38.47 8.01 10.53
CA LEU C 329 -38.06 9.01 9.56
C LEU C 329 -36.61 8.71 9.22
N THR C 330 -36.39 8.07 8.07
CA THR C 330 -35.06 7.66 7.64
C THR C 330 -34.95 7.92 6.14
N ASP C 331 -33.90 7.36 5.54
CA ASP C 331 -33.74 7.46 4.09
C ASP C 331 -34.86 6.77 3.33
N ASN C 332 -35.65 5.93 3.99
CA ASN C 332 -36.77 5.25 3.33
C ASN C 332 -37.75 6.23 2.70
N ILE C 333 -37.99 7.39 3.32
CA ILE C 333 -38.99 8.32 2.78
C ILE C 333 -38.59 8.81 1.39
N PHE C 334 -37.30 8.75 1.06
CA PHE C 334 -36.85 8.97 -0.32
C PHE C 334 -37.58 8.02 -1.25
N LEU C 335 -37.52 6.73 -0.95
CA LEU C 335 -38.13 5.73 -1.83
C LEU C 335 -39.64 5.76 -1.76
N GLU C 336 -40.22 6.23 -0.64
CA GLU C 336 -41.66 6.37 -0.58
C GLU C 336 -42.15 7.42 -1.56
N ILE C 337 -41.40 8.51 -1.70
CA ILE C 337 -41.72 9.48 -2.75
C ILE C 337 -41.56 8.87 -4.13
N LEU C 338 -40.44 8.18 -4.36
CA LEU C 338 -40.16 7.67 -5.70
C LEU C 338 -41.15 6.60 -6.12
N TYR C 339 -41.62 5.80 -5.17
CA TYR C 339 -42.56 4.72 -5.43
C TYR C 339 -44.01 5.15 -5.26
N SER C 340 -44.25 6.42 -4.95
CA SER C 340 -45.58 6.90 -4.63
C SER C 340 -46.51 6.89 -5.84
N THR C 341 -47.79 6.67 -5.56
CA THR C 341 -48.85 6.82 -6.55
C THR C 341 -49.63 8.13 -6.41
N ASP C 342 -49.53 8.78 -5.25
CA ASP C 342 -50.28 10.00 -4.96
C ASP C 342 -50.04 11.04 -6.05
N PRO C 343 -51.10 11.58 -6.67
CA PRO C 343 -50.89 12.65 -7.65
C PRO C 343 -50.35 13.94 -7.04
N LYS C 344 -50.67 14.22 -5.76
CA LYS C 344 -50.15 15.39 -5.06
C LYS C 344 -48.65 15.32 -4.78
N LEU C 345 -48.03 14.18 -5.01
CA LEU C 345 -46.61 14.00 -4.84
C LEU C 345 -45.90 13.89 -6.18
N LYS C 346 -46.51 14.38 -7.25
CA LYS C 346 -45.89 14.18 -8.55
C LYS C 346 -44.86 15.24 -8.86
N ASP C 347 -44.89 16.36 -8.14
CA ASP C 347 -43.83 17.35 -8.21
C ASP C 347 -42.58 16.82 -7.54
N ALA C 348 -42.73 16.24 -6.35
CA ALA C 348 -41.60 15.65 -5.65
C ALA C 348 -41.05 14.42 -6.37
N ARG C 349 -41.94 13.50 -6.75
CA ARG C 349 -41.47 12.26 -7.38
C ARG C 349 -40.73 12.54 -8.67
N GLU C 350 -41.03 13.65 -9.34
CA GLU C 350 -40.30 13.90 -10.55
C GLU C 350 -38.99 14.63 -10.27
N ILE C 351 -38.77 15.06 -9.03
CA ILE C 351 -37.41 15.48 -8.72
C ILE C 351 -36.53 14.26 -8.49
N LEU C 352 -37.03 13.26 -7.75
CA LEU C 352 -36.25 12.05 -7.54
C LEU C 352 -36.06 11.27 -8.83
N LYS C 353 -37.05 11.29 -9.71
CA LYS C 353 -36.90 10.58 -10.97
C LYS C 353 -35.88 11.26 -11.87
N GLN C 354 -35.57 12.52 -11.63
CA GLN C 354 -34.55 13.13 -12.47
C GLN C 354 -33.17 12.99 -11.87
N ILE C 355 -33.10 12.47 -10.63
CA ILE C 355 -31.84 11.96 -10.13
C ILE C 355 -31.54 10.61 -10.78
N GLU C 356 -32.55 9.74 -10.91
CA GLU C 356 -32.34 8.43 -11.53
C GLU C 356 -31.94 8.57 -12.99
N TYR C 357 -32.57 9.50 -13.73
CA TYR C 357 -32.19 9.69 -15.12
C TYR C 357 -30.90 10.49 -15.27
N ARG C 358 -30.30 10.91 -14.15
CA ARG C 358 -29.04 11.65 -14.16
C ARG C 358 -29.16 12.98 -14.90
N ASN C 359 -30.35 13.58 -14.87
CA ASN C 359 -30.53 14.94 -15.37
C ASN C 359 -30.59 15.86 -14.14
N LEU C 360 -29.45 16.43 -13.79
CA LEU C 360 -29.34 17.11 -12.50
C LEU C 360 -29.31 18.62 -12.69
N PHE C 361 -29.51 19.32 -11.57
CA PHE C 361 -29.22 20.75 -11.56
C PHE C 361 -27.77 20.94 -11.98
N LYS C 362 -27.47 22.07 -12.61
CA LYS C 362 -26.14 22.27 -13.15
C LYS C 362 -25.40 23.36 -12.41
N TYR C 363 -24.08 23.23 -12.40
CA TYR C 363 -23.20 24.03 -11.54
C TYR C 363 -22.96 25.38 -12.19
N VAL C 364 -23.36 26.44 -11.49
CA VAL C 364 -23.22 27.80 -12.01
C VAL C 364 -21.93 28.45 -11.53
N GLY C 365 -21.54 28.18 -10.28
CA GLY C 365 -20.34 28.75 -9.72
C GLY C 365 -20.37 28.67 -8.21
N GLU C 366 -19.35 29.28 -7.60
CA GLU C 366 -19.28 29.26 -6.14
C GLU C 366 -18.39 30.40 -5.66
N THR C 367 -18.57 30.74 -4.38
CA THR C 367 -17.90 31.88 -3.80
C THR C 367 -17.67 31.63 -2.31
N GLN C 368 -17.10 32.64 -1.65
CA GLN C 368 -16.74 32.57 -0.24
C GLN C 368 -16.88 33.94 0.39
N PRO C 369 -17.46 34.03 1.60
CA PRO C 369 -17.57 35.32 2.30
C PRO C 369 -16.25 35.76 2.94
N ILE C 375 -23.07 33.58 6.74
CA ILE C 375 -24.44 33.23 6.37
C ILE C 375 -24.99 32.21 7.35
N LYS C 376 -26.25 32.38 7.74
CA LYS C 376 -26.84 31.51 8.75
C LYS C 376 -28.16 30.94 8.22
N ARG C 377 -28.61 29.89 8.91
CA ARG C 377 -29.69 29.05 8.39
C ARG C 377 -31.03 29.76 8.33
N GLU C 378 -31.25 30.78 9.18
CA GLU C 378 -32.51 31.51 9.14
C GLU C 378 -32.71 32.21 7.80
N ASP C 379 -31.62 32.53 7.11
CA ASP C 379 -31.65 33.19 5.81
C ASP C 379 -31.45 32.21 4.65
N TYR C 380 -31.49 30.90 4.92
CA TYR C 380 -31.28 29.95 3.83
C TYR C 380 -32.38 30.06 2.77
N GLU C 381 -33.64 30.12 3.21
CA GLU C 381 -34.75 30.29 2.26
C GLU C 381 -34.69 31.63 1.54
N SER C 382 -34.04 32.63 2.14
CA SER C 382 -34.09 33.99 1.58
C SER C 382 -33.31 34.12 0.28
N LEU C 383 -32.22 33.38 0.13
CA LEU C 383 -31.23 33.64 -0.91
C LEU C 383 -31.63 33.25 -2.32
N PRO C 384 -32.51 32.27 -2.55
CA PRO C 384 -33.03 32.05 -3.91
C PRO C 384 -33.84 33.22 -4.48
N LYS C 385 -34.16 34.24 -3.69
CA LYS C 385 -34.88 35.40 -4.19
C LYS C 385 -33.94 36.56 -4.52
N GLU C 386 -32.93 36.78 -3.68
CA GLU C 386 -31.84 37.67 -4.07
C GLU C 386 -31.12 37.18 -5.31
N VAL C 387 -31.30 35.91 -5.65
CA VAL C 387 -30.76 35.34 -6.89
C VAL C 387 -31.02 36.26 -8.07
N ALA C 388 -32.27 36.42 -8.45
CA ALA C 388 -32.63 36.92 -9.76
C ALA C 388 -33.07 38.37 -9.77
N SER C 389 -33.09 39.00 -8.59
CA SER C 389 -33.38 40.41 -8.44
C SER C 389 -32.13 41.27 -8.45
N ALA C 390 -30.96 40.69 -8.20
CA ALA C 390 -29.71 41.43 -8.23
C ALA C 390 -29.33 41.84 -9.66
N ALA C 402 -36.86 32.56 -9.61
CA ALA C 402 -36.18 32.30 -8.35
C ALA C 402 -36.16 30.81 -8.03
N GLU C 403 -37.30 30.15 -8.24
CA GLU C 403 -37.35 28.70 -8.05
C GLU C 403 -36.44 27.97 -9.02
N ASP C 404 -36.02 28.63 -10.10
CA ASP C 404 -35.05 28.05 -11.02
C ASP C 404 -33.64 28.16 -10.47
N PHE C 405 -33.50 28.21 -9.15
CA PHE C 405 -32.20 28.46 -8.55
C PHE C 405 -32.11 27.73 -7.22
N ILE C 406 -30.90 27.25 -6.92
CA ILE C 406 -30.58 26.57 -5.67
C ILE C 406 -29.23 27.08 -5.19
N VAL C 407 -29.19 27.67 -4.00
CA VAL C 407 -27.96 28.17 -3.40
C VAL C 407 -27.70 27.32 -2.16
N ASP C 408 -26.52 26.71 -2.09
CA ASP C 408 -26.18 25.71 -1.08
C ASP C 408 -25.03 26.21 -0.22
N VAL C 409 -25.28 26.38 1.07
CA VAL C 409 -24.28 26.87 2.00
C VAL C 409 -23.50 25.70 2.57
N ILE C 410 -22.18 25.77 2.50
CA ILE C 410 -21.30 24.67 2.89
C ILE C 410 -20.35 25.17 3.97
N ASN C 411 -20.35 24.48 5.11
CA ASN C 411 -19.46 24.81 6.22
C ASN C 411 -18.47 23.68 6.51
N GLN C 455 -16.54 29.07 5.37
CA GLN C 455 -17.83 28.81 4.75
C GLN C 455 -17.76 29.04 3.24
N LEU C 456 -18.38 28.14 2.46
CA LEU C 456 -18.43 28.27 1.01
C LEU C 456 -19.85 28.10 0.49
N ILE C 457 -20.19 28.90 -0.52
CA ILE C 457 -21.55 28.97 -1.07
C ILE C 457 -21.47 28.60 -2.55
N ARG C 458 -22.40 27.75 -2.99
CA ARG C 458 -22.49 27.32 -4.38
C ARG C 458 -23.88 27.61 -4.93
N VAL C 459 -23.94 27.83 -6.25
CA VAL C 459 -25.19 28.19 -6.91
C VAL C 459 -25.41 27.25 -8.08
N TYR C 460 -26.60 26.67 -8.16
CA TYR C 460 -27.00 25.77 -9.23
C TYR C 460 -28.28 26.33 -9.85
N CYS C 461 -28.58 25.87 -11.06
CA CYS C 461 -29.82 26.24 -11.73
C CYS C 461 -30.56 24.97 -12.15
N LYS C 462 -31.88 25.02 -12.07
CA LYS C 462 -32.70 23.85 -12.34
C LYS C 462 -33.01 23.71 -13.81
N LYS C 463 -32.61 24.69 -14.61
CA LYS C 463 -32.75 24.66 -16.05
C LYS C 463 -31.37 24.50 -16.67
N VAL C 464 -31.30 23.74 -17.76
CA VAL C 464 -30.02 23.30 -18.26
C VAL C 464 -29.75 23.69 -19.72
N ASP C 465 -30.67 24.41 -20.37
CA ASP C 465 -30.39 24.98 -21.68
C ASP C 465 -29.30 26.05 -21.60
N ARG C 466 -28.68 26.34 -22.75
CA ARG C 466 -27.48 27.18 -22.77
C ARG C 466 -27.74 28.63 -22.33
N LYS C 467 -28.83 29.26 -22.80
CA LYS C 467 -29.04 30.67 -22.59
C LYS C 467 -29.25 30.98 -21.12
N SER C 468 -30.11 30.20 -20.49
CA SER C 468 -30.41 30.44 -19.10
C SER C 468 -29.18 30.20 -18.29
N LEU C 469 -28.52 29.10 -18.55
CA LEU C 469 -27.36 28.87 -17.70
C LEU C 469 -26.41 30.07 -17.75
N TYR C 470 -26.27 30.62 -18.95
CA TYR C 470 -25.48 31.83 -19.14
C TYR C 470 -26.07 32.99 -18.36
N ALA C 471 -27.40 33.15 -18.44
CA ALA C 471 -28.08 34.13 -17.60
C ALA C 471 -27.84 33.84 -16.13
N ALA C 472 -27.94 32.56 -15.73
CA ALA C 472 -27.80 32.19 -14.33
C ALA C 472 -26.43 32.56 -13.77
N ARG C 473 -25.39 32.48 -14.61
CA ARG C 473 -24.02 32.85 -14.24
C ARG C 473 -23.81 34.35 -14.33
N GLN C 474 -24.77 35.06 -14.89
CA GLN C 474 -24.69 36.50 -15.05
C GLN C 474 -25.43 37.25 -13.96
N TYR C 475 -26.36 36.60 -13.27
CA TYR C 475 -27.00 37.06 -12.06
C TYR C 475 -26.25 36.61 -10.82
N PHE C 476 -25.35 35.63 -10.96
CA PHE C 476 -24.51 35.16 -9.87
C PHE C 476 -23.36 36.12 -9.57
N VAL C 477 -22.68 36.60 -10.61
CA VAL C 477 -21.55 37.51 -10.37
C VAL C 477 -22.06 38.86 -9.87
N GLN C 478 -23.30 39.23 -10.18
CA GLN C 478 -23.71 40.54 -9.68
C GLN C 478 -24.45 40.36 -8.37
N TRP C 479 -24.82 39.12 -8.03
CA TRP C 479 -25.19 38.73 -6.67
C TRP C 479 -23.99 38.66 -5.74
N CYS C 480 -22.77 38.53 -6.28
CA CYS C 480 -21.57 38.48 -5.46
C CYS C 480 -20.80 39.80 -5.45
N ALA C 481 -21.12 40.75 -6.32
CA ALA C 481 -20.65 42.11 -6.11
C ALA C 481 -21.50 42.84 -5.08
N ASP C 482 -22.81 42.56 -5.08
CA ASP C 482 -23.71 43.21 -4.13
C ASP C 482 -23.32 42.91 -2.68
N ARG C 483 -22.99 41.66 -2.39
CA ARG C 483 -22.68 41.23 -1.02
C ARG C 483 -21.20 41.16 -0.74
N ASN C 484 -20.36 41.66 -1.65
CA ASN C 484 -18.91 41.73 -1.45
C ASN C 484 -18.29 40.36 -1.24
N PHE C 485 -18.79 39.37 -1.98
CA PHE C 485 -18.18 38.06 -2.01
C PHE C 485 -17.12 38.00 -3.10
N THR C 486 -16.18 37.07 -2.95
CA THR C 486 -15.05 37.00 -3.87
C THR C 486 -15.41 36.32 -5.19
N THR D 21 9.90 -1.79 26.52
CA THR D 21 10.69 -0.70 25.96
C THR D 21 11.96 -1.24 25.26
N MET D 22 11.87 -1.37 23.93
CA MET D 22 12.97 -1.89 23.14
C MET D 22 13.02 -1.17 21.79
N LYS D 23 14.21 -1.21 21.18
CA LYS D 23 14.51 -0.36 20.02
C LYS D 23 13.88 -0.87 18.74
N VAL D 24 13.57 0.07 17.85
CA VAL D 24 12.84 -0.21 16.62
C VAL D 24 13.69 0.29 15.44
N ILE D 25 13.80 -0.54 14.41
CA ILE D 25 14.46 -0.19 13.16
C ILE D 25 13.43 -0.27 12.05
N ASN D 26 13.29 0.80 11.28
CA ASN D 26 12.31 0.86 10.21
C ASN D 26 12.79 0.12 8.98
N ASP D 27 11.98 -0.82 8.47
CA ASP D 27 12.37 -1.61 7.32
C ASP D 27 11.30 -1.54 6.23
N PRO D 28 11.70 -1.37 4.97
CA PRO D 28 10.69 -1.25 3.91
C PRO D 28 9.90 -2.52 3.69
N ILE D 29 10.47 -3.68 4.02
CA ILE D 29 9.77 -4.94 3.82
C ILE D 29 8.86 -5.25 5.00
N HIS D 30 9.39 -5.20 6.23
CA HIS D 30 8.66 -5.65 7.40
C HIS D 30 8.10 -4.50 8.23
N GLY D 31 8.29 -3.26 7.80
CA GLY D 31 7.90 -2.14 8.63
C GLY D 31 8.83 -2.02 9.82
N HIS D 32 8.24 -1.82 11.00
CA HIS D 32 9.01 -1.66 12.22
C HIS D 32 9.49 -3.00 12.73
N ILE D 33 10.79 -3.09 13.03
CA ILE D 33 11.40 -4.29 13.58
C ILE D 33 11.82 -3.97 15.01
N GLU D 34 11.14 -4.59 15.98
CA GLU D 34 11.51 -4.40 17.37
C GLU D 34 12.70 -5.29 17.72
N LEU D 35 13.66 -4.73 18.44
CA LEU D 35 14.92 -5.41 18.73
C LEU D 35 15.13 -5.45 20.24
N HIS D 36 15.20 -6.66 20.78
CA HIS D 36 15.57 -6.87 22.17
C HIS D 36 16.95 -6.24 22.43
N PRO D 37 17.15 -5.63 23.60
CA PRO D 37 18.44 -4.97 23.88
C PRO D 37 19.66 -5.81 23.58
N LEU D 38 19.59 -7.12 23.82
CA LEU D 38 20.72 -8.00 23.54
C LEU D 38 21.02 -8.06 22.06
N LEU D 39 19.98 -8.11 21.22
CA LEU D 39 20.21 -8.08 19.78
C LEU D 39 20.89 -6.78 19.39
N VAL D 40 20.52 -5.67 20.03
CA VAL D 40 21.12 -4.38 19.69
C VAL D 40 22.61 -4.42 19.94
N ARG D 41 23.06 -5.13 20.98
CA ARG D 41 24.48 -5.13 21.29
C ARG D 41 25.25 -6.17 20.50
N ILE D 42 24.56 -7.01 19.73
CA ILE D 42 25.24 -7.82 18.72
C ILE D 42 25.34 -7.06 17.39
N ILE D 43 24.31 -6.26 17.08
CA ILE D 43 24.27 -5.51 15.83
C ILE D 43 25.29 -4.39 15.84
N ASP D 44 25.42 -3.69 16.97
CA ASP D 44 26.23 -2.49 17.05
C ASP D 44 27.72 -2.78 17.28
N THR D 45 28.22 -3.82 16.64
CA THR D 45 29.62 -4.20 16.64
C THR D 45 30.22 -4.11 15.24
N PRO D 46 31.54 -3.97 15.14
CA PRO D 46 32.15 -3.90 13.79
C PRO D 46 31.93 -5.16 12.97
N GLN D 47 31.80 -6.31 13.64
CA GLN D 47 31.65 -7.58 12.93
C GLN D 47 30.28 -7.69 12.29
N PHE D 48 29.25 -7.13 12.93
CA PHE D 48 27.94 -7.15 12.31
C PHE D 48 27.75 -6.01 11.32
N GLN D 49 28.18 -4.80 11.67
CA GLN D 49 28.05 -3.69 10.74
C GLN D 49 28.84 -3.92 9.47
N ARG D 50 29.81 -4.83 9.52
CA ARG D 50 30.55 -5.25 8.33
C ARG D 50 29.61 -5.60 7.18
N LEU D 51 28.44 -6.15 7.50
CA LEU D 51 27.51 -6.62 6.49
C LEU D 51 26.87 -5.47 5.72
N ARG D 52 27.09 -4.22 6.13
CA ARG D 52 26.64 -3.07 5.34
C ARG D 52 27.44 -2.92 4.06
N TYR D 53 28.62 -3.53 3.97
CA TYR D 53 29.56 -3.34 2.87
C TYR D 53 29.69 -4.58 2.00
N ILE D 54 28.68 -5.46 2.01
CA ILE D 54 28.67 -6.66 1.16
C ILE D 54 27.32 -6.74 0.47
N LYS D 55 27.32 -6.63 -0.86
CA LYS D 55 26.06 -6.59 -1.59
C LYS D 55 25.41 -7.97 -1.59
N GLN D 56 24.10 -8.00 -1.35
CA GLN D 56 23.38 -9.27 -1.25
C GLN D 56 23.51 -10.10 -2.53
N LEU D 57 23.32 -9.48 -3.69
CA LEU D 57 23.28 -10.19 -4.97
C LEU D 57 24.61 -10.15 -5.70
N GLY D 58 25.68 -9.71 -5.04
CA GLY D 58 26.99 -9.70 -5.66
C GLY D 58 27.00 -8.78 -6.87
N GLY D 59 27.51 -9.29 -7.98
CA GLY D 59 27.58 -8.54 -9.22
C GLY D 59 26.24 -8.36 -9.92
N GLY D 60 25.17 -8.94 -9.39
CA GLY D 60 23.85 -8.72 -9.99
C GLY D 60 23.47 -7.26 -10.04
N TYR D 61 24.05 -6.44 -9.15
CA TYR D 61 23.82 -5.00 -9.13
C TYR D 61 24.23 -4.35 -10.45
N TYR D 62 25.20 -4.95 -11.14
CA TYR D 62 25.67 -4.42 -12.41
C TYR D 62 24.73 -4.77 -13.56
N VAL D 63 23.65 -5.47 -13.23
CA VAL D 63 22.58 -5.80 -14.16
C VAL D 63 21.26 -5.23 -13.69
N PHE D 64 20.95 -5.36 -12.40
CA PHE D 64 19.77 -4.76 -11.77
C PHE D 64 20.17 -3.58 -10.89
N PRO D 65 20.02 -2.34 -11.36
CA PRO D 65 20.48 -1.18 -10.57
C PRO D 65 19.65 -0.93 -9.32
N GLY D 66 18.45 -1.48 -9.24
CA GLY D 66 17.65 -1.49 -8.03
C GLY D 66 18.17 -2.41 -6.95
N ALA D 67 19.13 -3.29 -7.27
CA ALA D 67 19.64 -4.27 -6.30
C ALA D 67 20.92 -3.74 -5.65
N SER D 68 20.73 -2.70 -4.84
CA SER D 68 21.84 -2.05 -4.15
C SER D 68 21.98 -2.56 -2.74
N HIS D 69 21.12 -3.47 -2.31
CA HIS D 69 21.03 -3.84 -0.91
C HIS D 69 22.17 -4.76 -0.48
N ASN D 70 22.44 -4.74 0.81
CA ASN D 70 23.55 -5.48 1.37
C ASN D 70 23.02 -6.52 2.35
N ARG D 71 23.91 -7.42 2.79
CA ARG D 71 23.48 -8.46 3.73
C ARG D 71 22.96 -7.88 5.04
N PHE D 72 23.35 -6.66 5.38
CA PHE D 72 23.02 -6.07 6.67
C PHE D 72 21.51 -6.00 6.90
N GLU D 73 20.81 -5.28 6.03
CA GLU D 73 19.37 -5.15 6.22
C GLU D 73 18.69 -6.50 6.01
N HIS D 74 19.27 -7.35 5.18
CA HIS D 74 18.68 -8.67 5.01
C HIS D 74 18.72 -9.43 6.32
N SER D 75 19.86 -9.38 7.01
CA SER D 75 19.98 -10.17 8.23
C SER D 75 19.09 -9.62 9.35
N LEU D 76 18.85 -8.31 9.36
CA LEU D 76 17.83 -7.76 10.25
C LEU D 76 16.47 -8.37 9.94
N GLY D 77 16.16 -8.55 8.65
CA GLY D 77 14.89 -9.15 8.28
C GLY D 77 14.78 -10.60 8.70
N VAL D 78 15.89 -11.34 8.61
CA VAL D 78 15.86 -12.75 8.95
C VAL D 78 15.75 -12.91 10.46
N GLY D 79 16.46 -12.08 11.21
CA GLY D 79 16.33 -12.13 12.66
C GLY D 79 14.93 -11.80 13.11
N TYR D 80 14.29 -10.82 12.46
CA TYR D 80 12.93 -10.46 12.78
C TYR D 80 11.96 -11.59 12.45
N LEU D 81 12.05 -12.13 11.22
CA LEU D 81 11.16 -13.20 10.78
C LEU D 81 11.32 -14.45 11.64
N ALA D 82 12.55 -14.80 11.97
CA ALA D 82 12.77 -15.95 12.84
C ALA D 82 12.05 -15.76 14.17
N GLY D 83 12.22 -14.60 14.79
CA GLY D 83 11.59 -14.34 16.08
C GLY D 83 10.08 -14.32 16.01
N CYS D 84 9.52 -13.89 14.89
CA CYS D 84 8.07 -13.82 14.82
C CYS D 84 7.46 -15.18 14.54
N LEU D 85 8.24 -16.13 14.04
CA LEU D 85 7.70 -17.46 13.77
C LEU D 85 7.66 -18.33 15.02
N VAL D 86 8.69 -18.30 15.85
CA VAL D 86 8.68 -19.15 17.03
C VAL D 86 7.87 -18.51 18.15
N HIS D 87 7.82 -17.17 18.22
CA HIS D 87 6.90 -16.57 19.17
C HIS D 87 5.45 -16.87 18.80
N ALA D 88 5.14 -16.96 17.50
CA ALA D 88 3.81 -17.38 17.09
C ALA D 88 3.58 -18.85 17.39
N LEU D 89 4.62 -19.68 17.23
CA LEU D 89 4.51 -21.09 17.57
C LEU D 89 4.32 -21.28 19.08
N GLY D 90 5.09 -20.54 19.88
CA GLY D 90 4.97 -20.67 21.33
C GLY D 90 3.66 -20.16 21.88
N GLU D 91 3.03 -19.20 21.22
CA GLU D 91 1.74 -18.72 21.73
C GLU D 91 0.58 -19.58 21.28
N LYS D 92 0.68 -20.23 20.12
CA LYS D 92 -0.37 -21.16 19.67
C LYS D 92 -0.26 -22.52 20.32
N GLN D 93 0.91 -22.87 20.86
CA GLN D 93 1.14 -24.19 21.45
C GLN D 93 2.10 -24.02 22.62
N PRO D 94 1.59 -23.58 23.78
CA PRO D 94 2.46 -23.44 24.95
C PRO D 94 3.00 -24.75 25.48
N GLU D 95 2.29 -25.87 25.22
CA GLU D 95 2.78 -27.20 25.57
C GLU D 95 4.19 -27.47 25.07
N LEU D 96 4.67 -26.72 24.07
CA LEU D 96 5.99 -27.03 23.53
C LEU D 96 7.12 -26.34 24.29
N GLN D 97 6.85 -25.54 25.35
CA GLN D 97 7.91 -25.28 26.32
C GLN D 97 8.94 -24.32 25.79
N ILE D 98 8.48 -23.48 24.86
CA ILE D 98 9.30 -22.52 24.16
C ILE D 98 9.45 -21.37 25.13
N SER D 99 10.58 -21.35 25.84
CA SER D 99 10.94 -20.20 26.64
C SER D 99 11.10 -18.98 25.74
N GLU D 100 11.01 -17.81 26.35
CA GLU D 100 11.46 -16.63 25.63
C GLU D 100 12.99 -16.63 25.51
N ARG D 101 13.69 -17.49 26.28
CA ARG D 101 15.11 -17.68 26.05
C ARG D 101 15.33 -18.35 24.70
N ASP D 102 14.44 -19.28 24.35
CA ASP D 102 14.55 -19.96 23.07
C ASP D 102 14.31 -18.99 21.92
N VAL D 103 13.42 -18.01 22.10
CA VAL D 103 13.16 -17.02 21.06
C VAL D 103 14.39 -16.12 20.86
N LEU D 104 15.09 -15.81 21.94
CA LEU D 104 16.27 -14.94 21.82
C LEU D 104 17.41 -15.60 21.06
N CYS D 105 17.56 -16.92 21.15
CA CYS D 105 18.63 -17.58 20.42
C CYS D 105 18.26 -17.87 18.98
N VAL D 106 16.97 -18.05 18.69
CA VAL D 106 16.53 -18.17 17.31
C VAL D 106 16.66 -16.82 16.61
N GLN D 107 16.34 -15.75 17.31
CA GLN D 107 16.55 -14.42 16.74
C GLN D 107 18.03 -14.17 16.46
N ILE D 108 18.90 -14.51 17.43
CA ILE D 108 20.33 -14.32 17.22
C ILE D 108 20.84 -15.15 16.05
N ALA D 109 20.31 -16.36 15.90
CA ALA D 109 20.76 -17.22 14.80
C ALA D 109 20.40 -16.61 13.44
N GLY D 110 19.16 -16.15 13.29
CA GLY D 110 18.78 -15.48 12.05
C GLY D 110 19.61 -14.24 11.79
N LEU D 111 19.91 -13.49 12.86
CA LEU D 111 20.69 -12.26 12.72
C LEU D 111 22.09 -12.54 12.21
N CYS D 112 22.68 -13.66 12.62
CA CYS D 112 24.10 -13.86 12.34
C CYS D 112 24.36 -15.00 11.36
N HIS D 113 23.32 -15.61 10.80
N HIS D 113 23.32 -15.61 10.80
CA HIS D 113 23.54 -16.72 9.87
CA HIS D 113 23.54 -16.72 9.87
C HIS D 113 24.36 -16.31 8.66
C HIS D 113 24.41 -16.30 8.70
N ASP D 114 24.38 -15.03 8.30
CA ASP D 114 25.14 -14.54 7.16
C ASP D 114 26.42 -13.81 7.56
N LEU D 115 26.81 -13.88 8.84
CA LEU D 115 27.97 -13.12 9.30
C LEU D 115 29.23 -13.47 8.53
N GLY D 116 29.29 -14.69 7.98
CA GLY D 116 30.48 -15.20 7.35
C GLY D 116 30.62 -14.98 5.85
N HIS D 117 29.70 -14.23 5.24
CA HIS D 117 29.85 -13.93 3.83
C HIS D 117 31.04 -13.02 3.59
N GLY D 118 31.63 -13.14 2.41
CA GLY D 118 32.73 -12.31 1.99
C GLY D 118 32.26 -11.45 0.85
N PRO D 119 33.20 -10.76 0.20
CA PRO D 119 32.84 -9.82 -0.88
C PRO D 119 31.90 -10.42 -1.93
N PHE D 120 30.81 -9.72 -2.19
CA PHE D 120 29.83 -10.11 -3.21
C PHE D 120 29.19 -11.47 -2.91
N SER D 121 29.09 -11.81 -1.64
CA SER D 121 28.31 -12.96 -1.17
C SER D 121 28.71 -14.25 -1.89
N HIS D 122 27.73 -14.92 -2.51
CA HIS D 122 27.94 -16.30 -3.01
C HIS D 122 29.07 -16.38 -4.02
N MET D 123 29.44 -15.28 -4.64
CA MET D 123 30.62 -15.30 -5.49
C MET D 123 31.86 -15.69 -4.69
N PHE D 124 31.96 -15.23 -3.44
CA PHE D 124 33.21 -15.34 -2.69
C PHE D 124 33.53 -16.80 -2.31
N ASP D 125 32.61 -17.45 -1.61
CA ASP D 125 32.84 -18.85 -1.25
C ASP D 125 32.38 -19.83 -2.32
N GLY D 126 31.53 -19.38 -3.25
CA GLY D 126 31.09 -20.28 -4.29
C GLY D 126 32.03 -20.37 -5.47
N ARG D 127 32.89 -19.37 -5.66
CA ARG D 127 33.79 -19.39 -6.81
C ARG D 127 35.22 -19.01 -6.46
N PHE D 128 35.41 -17.84 -5.83
CA PHE D 128 36.76 -17.31 -5.67
C PHE D 128 37.65 -18.23 -4.85
N ILE D 129 37.18 -18.67 -3.68
CA ILE D 129 38.05 -19.45 -2.78
C ILE D 129 38.23 -20.85 -3.34
N PRO D 130 37.23 -21.44 -4.01
CA PRO D 130 37.53 -22.68 -4.76
C PRO D 130 38.64 -22.52 -5.79
N LEU D 131 38.68 -21.40 -6.51
CA LEU D 131 39.69 -21.24 -7.54
C LEU D 131 41.04 -20.79 -6.97
N ALA D 132 41.04 -20.03 -5.87
CA ALA D 132 42.30 -19.60 -5.28
C ALA D 132 42.90 -20.64 -4.36
N ARG D 133 42.06 -21.46 -3.71
CA ARG D 133 42.53 -22.49 -2.78
C ARG D 133 41.62 -23.69 -2.83
N PRO D 134 41.73 -24.53 -3.89
CA PRO D 134 40.85 -25.70 -4.02
C PRO D 134 40.96 -26.71 -2.89
N GLU D 135 42.02 -26.61 -2.11
CA GLU D 135 42.32 -27.57 -1.05
C GLU D 135 41.37 -27.38 0.13
N VAL D 136 41.18 -26.14 0.57
CA VAL D 136 40.37 -25.82 1.73
C VAL D 136 38.92 -26.07 1.42
N LYS D 137 38.18 -26.50 2.43
CA LYS D 137 36.73 -26.57 2.37
C LYS D 137 36.19 -25.41 3.19
N TRP D 138 35.66 -24.40 2.49
CA TRP D 138 35.23 -23.17 3.13
C TRP D 138 33.80 -22.87 2.70
N THR D 139 32.96 -22.56 3.68
CA THR D 139 31.60 -22.10 3.43
C THR D 139 31.35 -20.84 4.24
N HIS D 140 30.42 -20.02 3.77
CA HIS D 140 30.12 -18.81 4.53
C HIS D 140 29.49 -19.16 5.88
N GLU D 141 28.79 -20.29 5.96
CA GLU D 141 28.20 -20.67 7.23
C GLU D 141 29.29 -20.98 8.26
N GLN D 142 30.36 -21.67 7.87
CA GLN D 142 31.49 -21.80 8.80
C GLN D 142 32.06 -20.43 9.12
N GLY D 143 32.16 -19.55 8.12
CA GLY D 143 32.59 -18.20 8.39
C GLY D 143 31.73 -17.53 9.43
N SER D 144 30.42 -17.81 9.40
CA SER D 144 29.51 -17.17 10.35
C SER D 144 29.78 -17.67 11.75
N VAL D 145 30.00 -18.98 11.90
CA VAL D 145 30.35 -19.55 13.20
C VAL D 145 31.61 -18.89 13.73
N MET D 146 32.67 -18.85 12.92
CA MET D 146 33.92 -18.22 13.36
C MET D 146 33.70 -16.75 13.70
N MET D 147 33.09 -16.01 12.78
CA MET D 147 32.88 -14.59 13.02
C MET D 147 31.94 -14.36 14.21
N PHE D 148 30.97 -15.26 14.41
CA PHE D 148 30.09 -15.10 15.57
C PHE D 148 30.88 -15.20 16.87
N GLU D 149 31.84 -16.12 16.95
CA GLU D 149 32.60 -16.23 18.18
C GLU D 149 33.58 -15.07 18.31
N HIS D 150 34.13 -14.61 17.18
CA HIS D 150 34.97 -13.41 17.21
C HIS D 150 34.15 -12.20 17.63
N LEU D 151 32.89 -12.14 17.20
CA LEU D 151 32.01 -11.07 17.64
C LEU D 151 31.77 -11.15 19.14
N ILE D 152 31.51 -12.37 19.65
CA ILE D 152 31.11 -12.53 21.04
C ILE D 152 32.26 -12.17 21.97
N ASN D 153 33.49 -12.54 21.59
CA ASN D 153 34.64 -12.36 22.47
C ASN D 153 35.18 -10.94 22.43
N SER D 154 35.24 -10.33 21.26
CA SER D 154 35.83 -9.01 21.11
C SER D 154 34.97 -7.91 21.73
N ASN D 155 33.68 -8.15 21.90
CA ASN D 155 32.78 -7.11 22.41
C ASN D 155 32.16 -7.46 23.76
N GLY D 156 32.64 -8.52 24.42
CA GLY D 156 32.20 -8.88 25.76
C GLY D 156 30.71 -9.19 25.88
N ILE D 157 30.22 -10.05 24.98
CA ILE D 157 28.79 -10.34 24.90
C ILE D 157 28.37 -11.44 25.88
N LYS D 158 29.27 -12.34 26.25
CA LYS D 158 28.88 -13.45 27.13
C LYS D 158 28.31 -12.97 28.46
N PRO D 159 28.87 -11.97 29.14
CA PRO D 159 28.17 -11.40 30.31
C PRO D 159 26.82 -10.82 29.98
N VAL D 160 26.70 -10.08 28.88
CA VAL D 160 25.42 -9.50 28.53
C VAL D 160 24.39 -10.60 28.24
N MET D 161 24.84 -11.77 27.78
CA MET D 161 23.90 -12.83 27.45
C MET D 161 23.19 -13.38 28.69
N GLU D 162 23.91 -13.56 29.80
CA GLU D 162 23.26 -14.15 30.97
C GLU D 162 22.41 -13.12 31.68
N GLN D 163 22.77 -11.85 31.52
CA GLN D 163 22.01 -10.77 32.10
C GLN D 163 20.57 -10.78 31.57
N TYR D 164 20.38 -11.18 30.32
CA TYR D 164 19.06 -11.24 29.71
C TYR D 164 18.48 -12.65 29.72
N GLY D 165 19.04 -13.55 30.53
CA GLY D 165 18.44 -14.84 30.78
C GLY D 165 18.89 -15.98 29.89
N LEU D 166 20.06 -15.87 29.28
CA LEU D 166 20.58 -16.91 28.39
C LEU D 166 21.70 -17.66 29.11
N ILE D 167 21.79 -18.95 28.86
CA ILE D 167 22.89 -19.75 29.39
C ILE D 167 23.93 -19.82 28.29
N PRO D 168 25.03 -19.07 28.39
CA PRO D 168 25.92 -18.90 27.22
C PRO D 168 26.49 -20.18 26.65
N GLU D 169 27.03 -21.08 27.48
CA GLU D 169 27.76 -22.22 26.94
C GLU D 169 26.85 -23.14 26.13
N GLU D 170 25.67 -23.44 26.65
CA GLU D 170 24.72 -24.24 25.89
C GLU D 170 24.02 -23.42 24.82
N ASP D 171 23.85 -22.12 25.02
CA ASP D 171 23.05 -21.34 24.08
C ASP D 171 23.89 -20.77 22.95
N ILE D 172 25.20 -20.55 23.17
CA ILE D 172 26.06 -20.16 22.06
C ILE D 172 26.17 -21.31 21.07
N CYS D 173 26.31 -22.53 21.59
CA CYS D 173 26.42 -23.69 20.73
C CYS D 173 25.08 -23.98 20.05
N PHE D 174 23.96 -23.71 20.74
CA PHE D 174 22.66 -23.74 20.07
C PHE D 174 22.64 -22.77 18.89
N ILE D 175 23.17 -21.57 19.08
CA ILE D 175 23.17 -20.59 18.00
C ILE D 175 24.05 -21.10 16.86
N LYS D 176 25.26 -21.56 17.18
CA LYS D 176 26.15 -22.09 16.17
C LYS D 176 25.54 -23.28 15.43
N GLU D 177 24.78 -24.13 16.14
CA GLU D 177 24.16 -25.28 15.47
C GLU D 177 23.09 -24.84 14.47
N GLN D 178 22.32 -23.80 14.78
CA GLN D 178 21.31 -23.31 13.86
C GLN D 178 21.92 -22.79 12.57
N ILE D 179 23.16 -22.29 12.62
CA ILE D 179 23.77 -21.74 11.41
C ILE D 179 24.41 -22.83 10.56
N VAL D 180 25.13 -23.76 11.18
CA VAL D 180 26.04 -24.63 10.44
C VAL D 180 25.59 -26.09 10.40
N GLY D 181 24.58 -26.48 11.16
CA GLY D 181 24.10 -27.85 11.15
C GLY D 181 24.77 -28.72 12.20
N PRO D 182 24.59 -30.03 12.09
CA PRO D 182 25.12 -30.95 13.11
C PRO D 182 26.62 -31.16 12.96
N LEU D 183 27.19 -31.78 13.98
CA LEU D 183 28.61 -32.14 13.99
C LEU D 183 28.82 -33.42 13.19
N LEU D 191 21.07 -41.57 16.36
CA LEU D 191 20.20 -40.70 17.14
C LEU D 191 20.62 -39.21 17.07
N TRP D 192 20.42 -38.49 18.18
CA TRP D 192 20.44 -37.02 18.23
C TRP D 192 21.81 -36.42 17.92
N PRO D 193 21.95 -35.66 16.82
CA PRO D 193 23.23 -35.00 16.54
C PRO D 193 23.44 -33.64 17.19
N TYR D 194 22.43 -33.05 17.83
CA TYR D 194 22.54 -31.68 18.34
C TYR D 194 22.73 -31.65 19.86
N LYS D 195 23.62 -30.77 20.33
CA LYS D 195 23.95 -30.62 21.73
C LYS D 195 23.32 -29.40 22.37
N GLY D 196 22.81 -28.46 21.57
CA GLY D 196 22.33 -27.19 22.07
C GLY D 196 20.91 -27.22 22.58
N ARG D 197 20.09 -28.11 22.04
CA ARG D 197 18.73 -28.25 22.52
C ARG D 197 18.34 -29.71 22.52
N PRO D 198 17.49 -30.13 23.47
CA PRO D 198 17.04 -31.52 23.47
C PRO D 198 16.21 -31.85 22.25
N GLU D 199 15.78 -33.09 22.23
CA GLU D 199 15.19 -33.65 21.04
C GLU D 199 13.68 -33.39 20.98
N ASN D 200 13.07 -33.01 22.11
CA ASN D 200 11.72 -32.45 22.24
C ASN D 200 11.60 -31.07 21.61
N LYS D 201 12.71 -30.33 21.46
CA LYS D 201 12.70 -29.01 20.86
C LYS D 201 13.29 -29.02 19.45
N SER D 202 13.38 -30.19 18.85
CA SER D 202 13.91 -30.42 17.50
C SER D 202 13.37 -29.44 16.46
N PHE D 203 12.10 -29.03 16.61
CA PHE D 203 11.47 -28.14 15.64
C PHE D 203 12.19 -26.80 15.54
N LEU D 204 12.79 -26.34 16.65
CA LEU D 204 13.43 -25.03 16.65
C LEU D 204 14.53 -24.93 15.61
N TYR D 205 15.14 -26.05 15.23
CA TYR D 205 16.24 -26.03 14.28
C TYR D 205 15.78 -25.93 12.84
N GLU D 206 14.48 -25.95 12.57
CA GLU D 206 13.93 -25.83 11.23
C GLU D 206 13.59 -24.39 10.86
N ILE D 207 13.86 -23.43 11.75
CA ILE D 207 13.34 -22.08 11.58
C ILE D 207 14.29 -21.22 10.77
N VAL D 208 15.53 -21.09 11.24
CA VAL D 208 16.46 -20.16 10.61
C VAL D 208 17.02 -20.72 9.30
N SER D 209 17.52 -21.95 9.34
CA SER D 209 18.03 -22.63 8.16
C SER D 209 17.55 -24.07 8.18
N ASN D 210 16.54 -24.38 7.37
CA ASN D 210 16.07 -25.76 7.18
C ASN D 210 16.68 -26.27 5.88
N LYS D 211 17.71 -27.10 6.00
CA LYS D 211 18.42 -27.61 4.83
C LYS D 211 17.90 -28.97 4.37
N ARG D 212 16.77 -29.42 4.90
CA ARG D 212 16.10 -30.60 4.36
C ARG D 212 14.75 -30.20 3.76
N ILE D 215 12.62 -24.78 3.36
CA ILE D 215 11.84 -23.61 3.70
C ILE D 215 12.23 -23.08 5.09
N ASP D 216 12.88 -21.93 5.09
CA ASP D 216 13.37 -21.29 6.30
C ASP D 216 13.07 -19.80 6.19
N VAL D 217 13.14 -19.11 7.33
CA VAL D 217 12.84 -17.68 7.33
C VAL D 217 13.86 -16.86 6.56
N ALA D 218 15.00 -17.43 6.20
CA ALA D 218 15.98 -16.72 5.39
C ALA D 218 15.46 -16.50 3.98
N LYS D 219 14.85 -17.53 3.39
CA LYS D 219 14.30 -17.37 2.05
C LYS D 219 13.05 -16.50 2.07
N TRP D 220 12.32 -16.50 3.17
CA TRP D 220 11.18 -15.59 3.29
C TRP D 220 11.62 -14.14 3.11
N ASP D 221 12.69 -13.74 3.82
CA ASP D 221 13.13 -12.36 3.73
C ASP D 221 13.71 -12.06 2.35
N TYR D 222 14.67 -12.86 1.90
CA TYR D 222 15.34 -12.47 0.67
C TYR D 222 14.48 -12.71 -0.58
N PHE D 223 13.41 -13.52 -0.50
CA PHE D 223 12.44 -13.54 -1.59
C PHE D 223 11.73 -12.19 -1.70
N ALA D 224 11.21 -11.70 -0.58
CA ALA D 224 10.51 -10.41 -0.54
C ALA D 224 11.47 -9.26 -0.80
N ARG D 225 12.62 -9.27 -0.12
CA ARG D 225 13.57 -8.17 -0.31
C ARG D 225 14.09 -8.12 -1.73
N ASP D 226 14.52 -9.28 -2.27
CA ASP D 226 15.15 -9.27 -3.58
C ASP D 226 14.19 -8.84 -4.67
N CYS D 227 12.91 -9.24 -4.59
CA CYS D 227 11.96 -8.82 -5.62
C CYS D 227 11.57 -7.37 -5.49
N HIS D 228 11.56 -6.87 -4.26
CA HIS D 228 11.35 -5.45 -4.00
C HIS D 228 12.38 -4.62 -4.74
N HIS D 229 13.64 -5.03 -4.65
CA HIS D 229 14.71 -4.31 -5.32
C HIS D 229 14.83 -4.66 -6.80
N LEU D 230 14.34 -5.84 -7.22
CA LEU D 230 14.44 -6.24 -8.61
C LEU D 230 13.22 -5.88 -9.44
N GLY D 231 12.12 -5.49 -8.82
CA GLY D 231 10.89 -5.28 -9.56
C GLY D 231 10.19 -6.54 -9.99
N ILE D 232 10.39 -7.64 -9.29
CA ILE D 232 9.70 -8.91 -9.53
C ILE D 232 8.59 -9.01 -8.50
N GLN D 233 7.46 -9.59 -8.88
CA GLN D 233 6.34 -9.68 -7.95
C GLN D 233 6.44 -10.92 -7.08
N ASN D 234 6.05 -10.77 -5.81
CA ASN D 234 6.13 -11.85 -4.83
C ASN D 234 4.71 -12.25 -4.46
N ASN D 235 4.32 -13.47 -4.77
CA ASN D 235 2.99 -13.92 -4.43
C ASN D 235 3.01 -14.79 -3.19
N PHE D 236 4.18 -15.02 -2.59
CA PHE D 236 4.26 -15.63 -1.28
C PHE D 236 3.97 -14.62 -0.18
N ASP D 237 3.04 -14.97 0.70
CA ASP D 237 2.68 -14.18 1.88
C ASP D 237 3.24 -14.92 3.08
N TYR D 238 4.31 -14.40 3.68
CA TYR D 238 4.91 -15.07 4.83
C TYR D 238 4.08 -14.89 6.09
N LYS D 239 3.44 -13.73 6.27
CA LYS D 239 2.68 -13.52 7.50
C LYS D 239 1.46 -14.43 7.55
N ARG D 240 1.00 -14.87 6.39
CA ARG D 240 -0.12 -15.81 6.34
C ARG D 240 0.36 -17.25 6.52
N PHE D 241 1.61 -17.52 6.19
CA PHE D 241 2.22 -18.80 6.55
C PHE D 241 2.51 -18.87 8.05
N ILE D 242 2.89 -17.76 8.67
CA ILE D 242 3.23 -17.79 10.09
C ILE D 242 2.00 -18.04 10.93
N LYS D 243 0.89 -17.38 10.60
CA LYS D 243 -0.26 -17.44 11.50
C LYS D 243 -0.93 -18.81 11.48
N PHE D 244 -0.87 -19.54 10.36
CA PHE D 244 -1.47 -20.85 10.28
C PHE D 244 -0.46 -21.98 10.41
N ALA D 245 0.76 -21.69 10.86
CA ALA D 245 1.78 -22.70 11.06
C ALA D 245 1.70 -23.29 12.46
N ARG D 246 1.89 -24.60 12.55
CA ARG D 246 1.96 -25.32 13.82
C ARG D 246 3.05 -26.37 13.75
N VAL D 247 3.36 -26.98 14.89
CA VAL D 247 4.26 -28.12 14.94
C VAL D 247 3.43 -29.40 14.95
N CYS D 248 3.68 -30.26 13.98
CA CYS D 248 2.98 -31.54 13.87
C CYS D 248 3.98 -32.67 14.12
N GLU D 249 3.53 -33.93 13.98
CA GLU D 249 4.41 -35.07 14.11
C GLU D 249 4.42 -35.88 12.81
N VAL D 250 5.61 -36.14 12.30
CA VAL D 250 5.89 -37.20 11.35
C VAL D 250 7.05 -37.98 11.94
N ASP D 251 7.15 -39.27 11.63
CA ASP D 251 8.34 -40.05 11.93
C ASP D 251 8.55 -40.22 13.44
N ASN D 252 7.61 -39.75 14.26
CA ASN D 252 7.77 -39.49 15.70
C ASN D 252 8.65 -38.26 15.94
N GLU D 253 8.94 -37.49 14.90
CA GLU D 253 9.76 -36.29 14.97
C GLU D 253 8.89 -35.06 14.83
N LEU D 254 9.26 -34.00 15.55
CA LEU D 254 8.50 -32.75 15.55
C LEU D 254 8.95 -31.85 14.40
N ARG D 255 7.99 -31.34 13.64
CA ARG D 255 8.23 -30.58 12.42
C ARG D 255 7.32 -29.36 12.40
N ILE D 256 7.70 -28.36 11.63
CA ILE D 256 6.84 -27.19 11.40
C ILE D 256 5.94 -27.49 10.22
N CYS D 257 4.63 -27.23 10.37
CA CYS D 257 3.62 -27.68 9.43
C CYS D 257 2.57 -26.60 9.21
N ALA D 258 2.05 -26.50 7.98
CA ALA D 258 1.06 -25.50 7.61
C ALA D 258 -0.28 -26.15 7.28
N ARG D 259 -1.33 -25.34 7.23
CA ARG D 259 -2.66 -25.83 6.94
C ARG D 259 -2.82 -26.14 5.45
N ASP D 260 -3.69 -27.12 5.17
CA ASP D 260 -4.11 -27.38 3.79
C ASP D 260 -4.56 -26.10 3.09
N LYS D 261 -5.10 -25.15 3.84
CA LYS D 261 -5.54 -23.88 3.28
C LYS D 261 -4.39 -23.06 2.72
N GLU D 262 -3.15 -23.48 2.93
CA GLU D 262 -1.97 -22.69 2.58
C GLU D 262 -1.16 -23.31 1.44
N VAL D 263 -1.67 -24.35 0.78
CA VAL D 263 -0.92 -24.95 -0.31
C VAL D 263 -0.86 -24.03 -1.53
N GLY D 264 -1.91 -23.23 -1.75
CA GLY D 264 -1.84 -22.23 -2.80
C GLY D 264 -0.72 -21.24 -2.55
N ASN D 265 -0.54 -20.83 -1.28
CA ASN D 265 0.56 -19.94 -0.91
C ASN D 265 1.91 -20.57 -1.21
N LEU D 266 2.08 -21.86 -0.92
CA LEU D 266 3.37 -22.51 -1.12
C LEU D 266 3.64 -22.81 -2.59
N TYR D 267 2.60 -23.07 -3.38
CA TYR D 267 2.79 -23.07 -4.83
C TYR D 267 3.37 -21.73 -5.28
N ASP D 268 2.94 -20.64 -4.65
CA ASP D 268 3.46 -19.32 -5.00
C ASP D 268 4.90 -19.16 -4.52
N MET D 269 5.21 -19.68 -3.34
CA MET D 269 6.58 -19.56 -2.83
C MET D 269 7.58 -20.22 -3.77
N PHE D 270 7.23 -21.39 -4.28
CA PHE D 270 8.12 -22.09 -5.20
C PHE D 270 8.14 -21.43 -6.58
N HIS D 271 7.08 -20.75 -6.98
CA HIS D 271 7.09 -20.08 -8.27
C HIS D 271 7.98 -18.84 -8.25
N THR D 272 7.91 -18.02 -7.20
CA THR D 272 8.76 -16.84 -7.19
C THR D 272 10.22 -17.20 -6.99
N ARG D 273 10.49 -18.26 -6.22
CA ARG D 273 11.85 -18.79 -6.17
C ARG D 273 12.34 -19.18 -7.57
N ASN D 274 11.46 -19.71 -8.41
CA ASN D 274 11.89 -20.10 -9.75
C ASN D 274 12.13 -18.88 -10.64
N SER D 275 11.27 -17.86 -10.53
CA SER D 275 11.46 -16.65 -11.32
C SER D 275 12.66 -15.85 -10.83
N LEU D 276 12.91 -15.84 -9.52
CA LEU D 276 14.10 -15.17 -9.01
C LEU D 276 15.37 -15.84 -9.54
N HIS D 277 15.34 -17.16 -9.71
CA HIS D 277 16.53 -17.85 -10.19
C HIS D 277 16.69 -17.63 -11.68
N ARG D 278 15.62 -17.83 -12.47
CA ARG D 278 15.73 -17.68 -13.91
C ARG D 278 16.08 -16.24 -14.27
N ARG D 279 15.47 -15.27 -13.59
CA ARG D 279 15.57 -13.86 -13.96
C ARG D 279 16.74 -13.14 -13.31
N ALA D 280 17.19 -13.53 -12.12
CA ALA D 280 18.20 -12.76 -11.39
C ALA D 280 19.41 -13.60 -11.01
N TYR D 281 19.26 -14.58 -10.10
CA TYR D 281 20.42 -15.26 -9.56
C TYR D 281 21.24 -15.93 -10.65
N GLN D 282 20.57 -16.45 -11.69
CA GLN D 282 21.22 -17.14 -12.80
C GLN D 282 21.28 -16.28 -14.05
N HIS D 283 21.18 -14.96 -13.92
CA HIS D 283 21.22 -14.08 -15.08
C HIS D 283 22.51 -14.29 -15.86
N LYS D 284 22.40 -14.28 -17.19
CA LYS D 284 23.56 -14.59 -18.03
C LYS D 284 24.62 -13.51 -17.92
N VAL D 285 24.22 -12.23 -17.94
CA VAL D 285 25.21 -11.16 -17.83
C VAL D 285 25.66 -11.02 -16.37
N GLY D 286 24.75 -11.17 -15.43
CA GLY D 286 25.13 -11.09 -14.03
C GLY D 286 26.14 -12.15 -13.61
N ASN D 287 25.97 -13.39 -14.10
CA ASN D 287 26.92 -14.44 -13.74
C ASN D 287 28.28 -14.26 -14.41
N ILE D 288 28.31 -13.74 -15.63
CA ILE D 288 29.60 -13.44 -16.25
C ILE D 288 30.35 -12.39 -15.44
N ILE D 289 29.66 -11.34 -15.00
CA ILE D 289 30.34 -10.27 -14.26
C ILE D 289 30.89 -10.78 -12.93
N ASP D 290 30.17 -11.69 -12.28
CA ASP D 290 30.69 -12.33 -11.08
C ASP D 290 32.03 -13.02 -11.37
N THR D 291 32.10 -13.77 -12.47
CA THR D 291 33.36 -14.43 -12.76
C THR D 291 34.42 -13.45 -13.23
N MET D 292 34.03 -12.29 -13.75
CA MET D 292 35.01 -11.24 -14.05
C MET D 292 35.57 -10.64 -12.77
N ILE D 293 34.73 -10.39 -11.77
CA ILE D 293 35.24 -9.90 -10.50
C ILE D 293 36.14 -10.95 -9.87
N THR D 294 35.76 -12.22 -9.97
CA THR D 294 36.56 -13.28 -9.37
C THR D 294 37.91 -13.36 -10.03
N ASP D 295 37.95 -13.14 -11.35
CA ASP D 295 39.21 -13.08 -12.07
C ASP D 295 40.10 -11.93 -11.58
N ALA D 296 39.51 -10.75 -11.38
CA ALA D 296 40.29 -9.62 -10.88
C ALA D 296 40.82 -9.88 -9.47
N PHE D 297 40.06 -10.57 -8.63
CA PHE D 297 40.56 -10.93 -7.31
C PHE D 297 41.76 -11.87 -7.43
N LEU D 298 41.66 -12.89 -8.28
CA LEU D 298 42.74 -13.87 -8.43
C LEU D 298 44.03 -13.19 -8.89
N LYS D 299 43.93 -12.27 -9.85
CA LYS D 299 45.13 -11.58 -10.33
C LYS D 299 45.61 -10.53 -9.35
N ALA D 300 44.81 -10.16 -8.36
CA ALA D 300 45.23 -9.26 -7.29
C ALA D 300 45.61 -10.01 -6.02
N ASP D 301 45.38 -11.33 -5.98
CA ASP D 301 45.42 -12.05 -4.72
C ASP D 301 46.81 -12.06 -4.10
N ASP D 302 47.87 -12.08 -4.92
CA ASP D 302 49.22 -12.15 -4.36
C ASP D 302 49.71 -10.82 -3.84
N TYR D 303 49.15 -9.70 -4.30
CA TYR D 303 49.71 -8.39 -4.01
C TYR D 303 48.86 -7.54 -3.07
N ILE D 304 47.70 -8.02 -2.63
CA ILE D 304 46.84 -7.27 -1.72
C ILE D 304 47.01 -7.81 -0.31
N GLU D 305 47.24 -6.92 0.65
CA GLU D 305 47.48 -7.32 2.04
C GLU D 305 46.46 -6.68 2.97
N ILE D 306 45.90 -7.50 3.84
CA ILE D 306 44.98 -7.08 4.90
C ILE D 306 45.60 -7.45 6.24
N THR D 307 45.68 -6.48 7.14
CA THR D 307 46.36 -6.70 8.41
C THR D 307 45.41 -7.39 9.35
N GLY D 308 45.84 -8.53 9.87
CA GLY D 308 45.06 -9.29 10.83
C GLY D 308 45.62 -9.19 12.22
N ALA D 309 45.42 -10.26 12.98
CA ALA D 309 45.90 -10.34 14.35
C ALA D 309 47.42 -10.21 14.39
N GLY D 310 47.91 -9.40 15.33
CA GLY D 310 49.34 -9.26 15.56
C GLY D 310 50.10 -8.67 14.40
N GLY D 311 49.46 -7.82 13.61
CA GLY D 311 50.12 -7.24 12.46
C GLY D 311 50.29 -8.19 11.30
N LYS D 312 49.95 -9.47 11.47
CA LYS D 312 50.12 -10.43 10.40
C LYS D 312 49.31 -9.99 9.19
N LYS D 313 49.96 -9.94 8.04
CA LYS D 313 49.30 -9.48 6.83
C LYS D 313 48.75 -10.68 6.06
N TYR D 314 47.49 -10.56 5.63
CA TYR D 314 46.81 -11.65 4.93
C TYR D 314 46.44 -11.20 3.54
N ARG D 315 45.95 -12.16 2.77
CA ARG D 315 45.51 -11.90 1.40
C ARG D 315 44.03 -12.21 1.30
N ILE D 316 43.44 -11.87 0.16
CA ILE D 316 42.01 -12.04 -0.04
C ILE D 316 41.62 -13.50 0.23
N SER D 317 42.43 -14.43 -0.28
CA SER D 317 42.14 -15.85 -0.17
C SER D 317 42.54 -16.44 1.17
N THR D 318 43.42 -15.80 1.93
CA THR D 318 43.76 -16.31 3.26
C THR D 318 43.15 -15.47 4.36
N ALA D 319 42.39 -14.42 4.03
CA ALA D 319 41.73 -13.63 5.05
C ALA D 319 40.70 -14.43 5.85
N ILE D 320 40.15 -15.49 5.25
CA ILE D 320 39.18 -16.33 5.93
C ILE D 320 39.76 -17.10 7.10
N ASP D 321 41.09 -17.09 7.25
CA ASP D 321 41.75 -17.80 8.34
C ASP D 321 41.93 -16.98 9.58
N ASP D 322 41.76 -15.66 9.51
CA ASP D 322 41.85 -14.79 10.68
C ASP D 322 40.69 -13.83 10.64
N MET D 323 39.83 -13.89 11.65
CA MET D 323 38.61 -13.10 11.63
C MET D 323 38.89 -11.61 11.74
N GLU D 324 39.97 -11.20 12.41
CA GLU D 324 40.27 -9.79 12.51
C GLU D 324 40.62 -9.21 11.15
N ALA D 325 41.28 -9.99 10.30
CA ALA D 325 41.51 -9.52 8.95
C ALA D 325 40.24 -9.61 8.12
N TYR D 326 39.50 -10.71 8.25
CA TYR D 326 38.29 -10.92 7.46
C TYR D 326 37.27 -9.79 7.68
N THR D 327 37.23 -9.24 8.90
CA THR D 327 36.34 -8.13 9.20
C THR D 327 36.52 -6.96 8.25
N LYS D 328 37.74 -6.76 7.77
CA LYS D 328 38.02 -5.66 6.86
C LYS D 328 38.07 -6.13 5.41
N LEU D 329 37.51 -7.32 5.11
CA LEU D 329 37.40 -7.84 3.74
C LEU D 329 35.93 -7.78 3.30
N THR D 330 35.61 -6.79 2.48
CA THR D 330 34.24 -6.54 2.04
C THR D 330 34.26 -6.17 0.56
N ASP D 331 33.12 -5.68 0.05
CA ASP D 331 33.11 -5.22 -1.33
C ASP D 331 34.08 -4.07 -1.57
N ASN D 332 34.57 -3.44 -0.49
CA ASN D 332 35.57 -2.38 -0.64
C ASN D 332 36.75 -2.86 -1.45
N ILE D 333 37.08 -4.16 -1.39
CA ILE D 333 38.25 -4.63 -2.13
C ILE D 333 38.09 -4.41 -3.63
N PHE D 334 36.85 -4.34 -4.13
CA PHE D 334 36.61 -3.99 -5.53
C PHE D 334 37.19 -2.60 -5.83
N LEU D 335 36.76 -1.59 -5.07
CA LEU D 335 37.17 -0.23 -5.38
C LEU D 335 38.64 0.01 -5.07
N GLU D 336 39.19 -0.71 -4.08
CA GLU D 336 40.61 -0.55 -3.80
C GLU D 336 41.46 -1.04 -4.95
N ILE D 337 41.07 -2.16 -5.56
CA ILE D 337 41.74 -2.62 -6.78
C ILE D 337 41.55 -1.60 -7.89
N LEU D 338 40.31 -1.14 -8.09
CA LEU D 338 40.01 -0.24 -9.21
C LEU D 338 40.69 1.11 -9.04
N TYR D 339 40.82 1.61 -7.81
CA TYR D 339 41.41 2.94 -7.58
C TYR D 339 42.92 2.86 -7.39
N SER D 340 43.50 1.67 -7.50
CA SER D 340 44.91 1.47 -7.20
C SER D 340 45.80 2.12 -8.26
N THR D 341 46.95 2.60 -7.81
CA THR D 341 48.07 3.01 -8.65
C THR D 341 49.19 1.97 -8.70
N ASP D 342 49.16 1.01 -7.79
CA ASP D 342 50.19 -0.01 -7.69
C ASP D 342 50.40 -0.67 -9.06
N PRO D 343 51.63 -0.68 -9.57
CA PRO D 343 51.88 -1.34 -10.87
C PRO D 343 51.70 -2.84 -10.83
N LYS D 344 51.92 -3.49 -9.69
CA LYS D 344 51.71 -4.93 -9.61
C LYS D 344 50.24 -5.32 -9.66
N LEU D 345 49.31 -4.37 -9.56
CA LEU D 345 47.88 -4.64 -9.58
C LEU D 345 47.24 -4.25 -10.89
N LYS D 346 48.02 -4.16 -11.96
CA LYS D 346 47.49 -3.62 -13.21
C LYS D 346 46.78 -4.66 -14.05
N ASP D 347 47.03 -5.95 -13.81
CA ASP D 347 46.21 -6.97 -14.48
C ASP D 347 44.81 -7.01 -13.88
N ALA D 348 44.72 -7.01 -12.56
CA ALA D 348 43.42 -6.99 -11.89
C ALA D 348 42.70 -5.67 -12.16
N ARG D 349 43.40 -4.55 -12.02
CA ARG D 349 42.77 -3.26 -12.24
C ARG D 349 42.23 -3.14 -13.66
N GLU D 350 42.88 -3.79 -14.62
CA GLU D 350 42.39 -3.66 -15.98
C GLU D 350 41.22 -4.59 -16.26
N ILE D 351 40.95 -5.57 -15.40
CA ILE D 351 39.73 -6.33 -15.57
C ILE D 351 38.54 -5.58 -15.00
N LEU D 352 38.68 -5.01 -13.80
CA LEU D 352 37.59 -4.24 -13.23
C LEU D 352 37.30 -3.03 -14.08
N LYS D 353 38.34 -2.47 -14.71
CA LYS D 353 38.08 -1.38 -15.61
C LYS D 353 37.38 -1.87 -16.88
N GLN D 354 37.36 -3.20 -17.20
CA GLN D 354 36.65 -3.46 -18.45
C GLN D 354 35.18 -3.70 -18.13
N ILE D 355 34.86 -3.86 -16.85
CA ILE D 355 33.47 -3.94 -16.40
C ILE D 355 32.80 -2.58 -16.52
N GLU D 356 33.53 -1.51 -16.18
CA GLU D 356 32.96 -0.17 -16.30
C GLU D 356 32.68 0.15 -17.76
N TYR D 357 33.59 -0.24 -18.65
CA TYR D 357 33.39 -0.02 -20.07
C TYR D 357 32.41 -1.02 -20.67
N ARG D 358 31.94 -1.98 -19.88
CA ARG D 358 30.95 -2.95 -20.35
C ARG D 358 31.48 -3.80 -21.50
N ASN D 359 32.79 -4.03 -21.53
CA ASN D 359 33.43 -4.98 -22.43
C ASN D 359 33.71 -6.25 -21.61
N LEU D 360 32.83 -7.23 -21.71
CA LEU D 360 32.80 -8.36 -20.82
C LEU D 360 33.22 -9.64 -21.55
N PHE D 361 33.48 -10.67 -20.75
CA PHE D 361 33.61 -12.01 -21.28
C PHE D 361 32.36 -12.36 -22.09
N LYS D 362 32.52 -13.27 -23.05
CA LYS D 362 31.41 -13.56 -23.94
C LYS D 362 30.86 -14.96 -23.68
N TYR D 363 29.56 -15.10 -23.92
CA TYR D 363 28.83 -16.29 -23.57
C TYR D 363 29.02 -17.31 -24.68
N VAL D 364 29.67 -18.43 -24.36
CA VAL D 364 29.92 -19.47 -25.36
C VAL D 364 28.73 -20.42 -25.40
N GLY D 365 28.41 -21.03 -24.27
CA GLY D 365 27.28 -21.95 -24.23
C GLY D 365 27.03 -22.50 -22.84
N GLU D 366 25.92 -23.22 -22.72
CA GLU D 366 25.45 -23.84 -21.49
C GLU D 366 25.38 -25.36 -21.66
N THR D 367 25.51 -26.09 -20.54
CA THR D 367 25.40 -27.57 -20.52
C THR D 367 25.12 -28.02 -19.09
N GLN D 368 24.56 -29.21 -18.90
CA GLN D 368 24.27 -29.74 -17.54
C GLN D 368 24.85 -31.14 -17.38
N PRO D 369 25.38 -31.52 -16.20
CA PRO D 369 25.95 -32.85 -15.99
C PRO D 369 24.87 -33.93 -16.12
N THR D 370 25.23 -35.05 -16.75
CA THR D 370 24.28 -36.19 -16.97
C THR D 370 23.97 -36.87 -15.63
N GLY D 371 22.74 -37.38 -15.50
CA GLY D 371 22.30 -38.08 -14.27
C GLY D 371 22.27 -37.16 -13.06
N GLN D 372 22.52 -37.72 -11.88
CA GLN D 372 22.52 -36.95 -10.61
C GLN D 372 23.96 -36.47 -10.30
N ILE D 373 24.90 -36.78 -11.19
CA ILE D 373 26.33 -36.39 -11.02
C ILE D 373 26.42 -34.86 -10.93
N LYS D 374 27.24 -34.36 -10.00
CA LYS D 374 27.45 -32.90 -9.82
C LYS D 374 28.95 -32.60 -9.71
N ILE D 375 29.39 -31.46 -10.26
CA ILE D 375 30.82 -31.06 -10.20
C ILE D 375 31.11 -30.56 -8.79
N LYS D 376 32.37 -30.64 -8.36
CA LYS D 376 32.73 -30.25 -7.00
C LYS D 376 33.78 -29.15 -7.05
N ARG D 377 33.72 -28.27 -6.02
CA ARG D 377 34.54 -27.07 -6.01
C ARG D 377 36.03 -27.37 -6.17
N GLU D 378 36.50 -28.47 -5.57
CA GLU D 378 37.90 -28.87 -5.69
C GLU D 378 38.34 -28.97 -7.14
N ASP D 379 37.43 -29.32 -8.04
CA ASP D 379 37.77 -29.50 -9.43
C ASP D 379 37.44 -28.30 -10.30
N TYR D 380 36.98 -27.19 -9.70
CA TYR D 380 36.67 -26.02 -10.51
C TYR D 380 37.90 -25.57 -11.29
N GLU D 381 39.05 -25.45 -10.60
CA GLU D 381 40.25 -24.93 -11.26
C GLU D 381 40.64 -25.77 -12.47
N SER D 382 40.40 -27.07 -12.42
CA SER D 382 40.79 -27.95 -13.51
C SER D 382 39.87 -27.86 -14.72
N LEU D 383 38.70 -27.21 -14.57
CA LEU D 383 37.71 -27.19 -15.64
C LEU D 383 38.17 -26.46 -16.90
N PRO D 384 38.70 -25.23 -16.84
CA PRO D 384 39.11 -24.59 -18.10
C PRO D 384 40.24 -25.33 -18.80
N LYS D 385 41.11 -26.00 -18.06
CA LYS D 385 42.17 -26.76 -18.71
C LYS D 385 41.62 -27.97 -19.46
N GLU D 386 40.55 -28.59 -18.96
CA GLU D 386 39.91 -29.69 -19.68
C GLU D 386 39.31 -29.21 -21.00
N VAL D 387 38.73 -28.00 -21.03
CA VAL D 387 38.07 -27.53 -22.24
C VAL D 387 39.11 -27.23 -23.32
N ALA D 388 40.22 -26.61 -22.94
CA ALA D 388 41.28 -26.31 -23.90
C ALA D 388 41.93 -27.57 -24.46
N SER D 389 41.83 -28.70 -23.77
CA SER D 389 42.50 -29.94 -24.20
C SER D 389 41.69 -30.74 -25.21
N ALA D 390 40.43 -30.39 -25.36
CA ALA D 390 39.59 -31.11 -26.25
C ALA D 390 40.00 -30.85 -27.67
N LYS D 391 39.70 -31.80 -28.52
CA LYS D 391 40.01 -31.72 -29.92
C LYS D 391 38.71 -31.70 -30.67
N PRO D 392 38.44 -30.59 -31.34
CA PRO D 392 37.23 -30.44 -32.12
C PRO D 392 37.38 -31.10 -33.46
N LYS D 393 36.27 -31.27 -34.14
CA LYS D 393 36.23 -31.90 -35.44
C LYS D 393 37.05 -31.20 -36.50
N VAL D 394 36.99 -29.88 -36.58
CA VAL D 394 37.74 -29.23 -37.62
C VAL D 394 38.68 -28.18 -37.14
N LEU D 395 39.93 -28.26 -37.57
CA LEU D 395 40.93 -27.32 -37.13
C LEU D 395 40.82 -25.91 -37.69
N LEU D 396 41.11 -24.93 -36.84
CA LEU D 396 41.16 -23.52 -37.16
C LEU D 396 42.50 -22.97 -36.69
N ASP D 397 42.94 -21.88 -37.30
CA ASP D 397 44.33 -21.44 -37.13
C ASP D 397 44.60 -21.01 -35.68
N VAL D 398 43.84 -20.04 -35.17
CA VAL D 398 44.12 -19.56 -33.82
C VAL D 398 43.57 -20.56 -32.81
N LYS D 399 44.45 -21.08 -31.97
CA LYS D 399 44.10 -22.08 -30.97
C LYS D 399 44.04 -21.42 -29.60
N LEU D 400 43.18 -21.93 -28.74
CA LEU D 400 42.94 -21.35 -27.43
C LEU D 400 43.58 -22.17 -26.32
N LYS D 401 44.08 -21.49 -25.30
CA LYS D 401 44.59 -22.13 -24.10
C LYS D 401 43.56 -22.04 -22.99
N ALA D 402 43.90 -22.60 -21.83
CA ALA D 402 42.95 -22.65 -20.73
C ALA D 402 42.56 -21.24 -20.27
N GLU D 403 43.52 -20.32 -20.22
CA GLU D 403 43.28 -18.98 -19.69
C GLU D 403 42.36 -18.14 -20.57
N ASP D 404 42.03 -18.61 -21.77
CA ASP D 404 41.04 -17.95 -22.60
C ASP D 404 39.62 -18.37 -22.24
N PHE D 405 39.45 -19.29 -21.30
CA PHE D 405 38.16 -19.89 -20.97
C PHE D 405 37.79 -19.63 -19.51
N ILE D 406 36.51 -19.38 -19.29
CA ILE D 406 35.93 -19.29 -17.96
C ILE D 406 34.84 -20.35 -17.89
N VAL D 407 34.98 -21.30 -16.98
CA VAL D 407 33.98 -22.34 -16.77
C VAL D 407 33.19 -21.98 -15.52
N ASP D 408 31.87 -21.82 -15.67
CA ASP D 408 31.01 -21.31 -14.62
C ASP D 408 30.03 -22.40 -14.19
N VAL D 409 30.08 -22.76 -12.91
CA VAL D 409 29.25 -23.83 -12.37
C VAL D 409 28.17 -23.20 -11.52
N ILE D 410 26.94 -23.24 -12.02
CA ILE D 410 25.80 -22.56 -11.42
C ILE D 410 24.94 -23.60 -10.74
N ASN D 411 24.95 -23.61 -9.41
CA ASN D 411 24.09 -24.49 -8.62
C ASN D 411 22.89 -23.72 -8.11
N MET D 412 21.72 -24.37 -8.05
CA MET D 412 20.58 -23.73 -7.43
C MET D 412 20.66 -23.82 -5.92
N ASP D 413 21.10 -24.97 -5.41
CA ASP D 413 21.28 -25.19 -3.99
C ASP D 413 22.67 -25.74 -3.68
N ILE D 422 9.08 -29.72 -2.36
CA ILE D 422 7.68 -29.32 -2.31
C ILE D 422 6.83 -30.39 -1.63
N ASP D 423 7.17 -31.66 -1.84
CA ASP D 423 6.45 -32.76 -1.21
C ASP D 423 7.12 -33.23 0.09
N HIS D 424 8.27 -32.64 0.44
CA HIS D 424 8.80 -32.75 1.79
C HIS D 424 8.11 -31.81 2.77
N VAL D 425 7.36 -30.84 2.26
CA VAL D 425 6.47 -30.06 3.11
C VAL D 425 5.44 -30.99 3.73
N SER D 426 5.27 -30.87 5.04
CA SER D 426 4.33 -31.70 5.78
C SER D 426 3.19 -30.81 6.28
N PHE D 427 1.96 -31.14 5.90
CA PHE D 427 0.81 -30.35 6.30
C PHE D 427 0.03 -31.05 7.39
N TYR D 428 -1.05 -30.41 7.79
CA TYR D 428 -2.04 -30.92 8.73
C TYR D 428 -3.31 -30.16 8.41
N CYS D 429 -4.47 -30.77 8.67
CA CYS D 429 -5.64 -29.96 8.88
C CYS D 429 -6.39 -30.43 10.11
N ALA D 453 17.02 -27.86 -13.51
CA ALA D 453 18.40 -28.32 -13.51
C ALA D 453 19.15 -27.75 -12.30
N GLU D 454 19.51 -28.63 -11.36
CA GLU D 454 20.13 -28.19 -10.12
C GLU D 454 21.60 -27.78 -10.30
N GLN D 455 22.24 -28.21 -11.38
CA GLN D 455 23.55 -27.67 -11.74
C GLN D 455 23.56 -27.27 -13.21
N LEU D 456 24.12 -26.09 -13.47
CA LEU D 456 24.32 -25.59 -14.82
C LEU D 456 25.80 -25.31 -15.00
N ILE D 457 26.31 -25.63 -16.17
CA ILE D 457 27.69 -25.33 -16.53
C ILE D 457 27.65 -24.43 -17.75
N ARG D 458 28.15 -23.21 -17.58
CA ARG D 458 28.28 -22.26 -18.67
C ARG D 458 29.76 -21.98 -18.90
N VAL D 459 30.09 -21.63 -20.13
CA VAL D 459 31.45 -21.38 -20.56
C VAL D 459 31.50 -20.03 -21.24
N TYR D 460 32.45 -19.20 -20.82
CA TYR D 460 32.68 -17.89 -21.39
C TYR D 460 34.11 -17.83 -21.91
N CYS D 461 34.36 -16.88 -22.81
CA CYS D 461 35.71 -16.71 -23.32
C CYS D 461 36.13 -15.25 -23.18
N LYS D 462 37.43 -15.05 -22.90
CA LYS D 462 37.97 -13.70 -22.70
C LYS D 462 38.45 -13.09 -24.03
N LYS D 463 38.35 -13.81 -25.11
CA LYS D 463 38.59 -13.34 -26.49
C LYS D 463 37.23 -13.00 -27.05
N VAL D 464 37.07 -11.86 -27.73
CA VAL D 464 35.74 -11.44 -28.15
C VAL D 464 35.68 -11.23 -29.67
N ASP D 465 36.77 -11.46 -30.39
CA ASP D 465 36.73 -11.49 -31.85
C ASP D 465 36.00 -12.72 -32.36
N ARG D 466 35.39 -12.59 -33.53
CA ARG D 466 34.43 -13.58 -34.03
C ARG D 466 35.09 -14.92 -34.32
N LYS D 467 36.39 -14.92 -34.63
CA LYS D 467 37.09 -16.16 -34.96
C LYS D 467 37.49 -16.91 -33.70
N SER D 468 37.88 -16.18 -32.67
CA SER D 468 38.07 -16.80 -31.37
C SER D 468 36.77 -17.34 -30.81
N LEU D 469 35.67 -16.62 -30.99
CA LEU D 469 34.41 -17.03 -30.41
C LEU D 469 33.87 -18.31 -31.04
N TYR D 470 34.03 -18.45 -32.37
CA TYR D 470 33.64 -19.72 -33.00
C TYR D 470 34.52 -20.87 -32.52
N ALA D 471 35.84 -20.65 -32.48
CA ALA D 471 36.74 -21.66 -31.97
C ALA D 471 36.36 -22.07 -30.55
N ALA D 472 36.10 -21.08 -29.69
CA ALA D 472 35.75 -21.40 -28.30
C ALA D 472 34.50 -22.27 -28.25
N ARG D 473 33.59 -22.10 -29.19
CA ARG D 473 32.37 -22.91 -29.17
C ARG D 473 32.61 -24.30 -29.73
N GLN D 474 33.73 -24.55 -30.38
CA GLN D 474 34.03 -25.91 -30.81
C GLN D 474 34.96 -26.63 -29.83
N TYR D 475 35.48 -25.96 -28.82
CA TYR D 475 36.12 -26.64 -27.71
C TYR D 475 35.11 -26.93 -26.62
N PHE D 476 33.99 -26.21 -26.65
CA PHE D 476 32.93 -26.43 -25.63
C PHE D 476 32.11 -27.67 -26.01
N VAL D 477 31.76 -27.80 -27.29
CA VAL D 477 30.96 -28.95 -27.78
C VAL D 477 31.75 -30.25 -27.58
N GLN D 478 33.04 -30.24 -27.90
CA GLN D 478 33.90 -31.45 -27.76
C GLN D 478 33.99 -31.83 -26.28
N TRP D 479 34.15 -30.82 -25.41
CA TRP D 479 34.28 -31.06 -23.94
C TRP D 479 33.03 -31.78 -23.43
N CYS D 480 31.86 -31.35 -23.91
CA CYS D 480 30.59 -31.95 -23.51
C CYS D 480 30.50 -33.39 -23.98
N ALA D 481 30.98 -33.64 -25.20
CA ALA D 481 30.96 -34.93 -25.78
C ALA D 481 31.84 -35.82 -24.93
N ASP D 482 33.01 -35.31 -24.58
CA ASP D 482 33.95 -36.07 -23.78
C ASP D 482 33.43 -36.43 -22.42
N ARG D 483 32.69 -35.56 -21.77
CA ARG D 483 32.18 -35.87 -20.46
C ARG D 483 30.78 -36.36 -20.49
N ASN D 484 30.25 -36.56 -21.68
CA ASN D 484 28.89 -37.05 -21.85
C ASN D 484 27.84 -36.21 -21.14
N PHE D 485 27.99 -34.91 -21.29
CA PHE D 485 27.06 -33.94 -20.75
C PHE D 485 26.04 -33.63 -21.83
N THR D 486 24.92 -33.09 -21.44
CA THR D 486 23.88 -32.75 -22.40
C THR D 486 24.45 -31.85 -23.49
N LYS D 487 23.97 -32.05 -24.72
CA LYS D 487 24.53 -31.37 -25.89
C LYS D 487 24.05 -29.92 -25.94
N PRO D 488 24.96 -28.97 -26.18
CA PRO D 488 24.57 -27.55 -26.22
C PRO D 488 23.61 -27.24 -27.36
N GLN D 489 22.75 -26.24 -27.12
CA GLN D 489 21.79 -25.71 -28.08
C GLN D 489 22.18 -24.28 -28.46
N ASP D 490 21.30 -23.61 -29.19
CA ASP D 490 21.58 -22.25 -29.66
C ASP D 490 20.60 -21.23 -29.07
N1 SC E 1 16.76 8.18 21.14
C2 SC E 1 15.62 7.56 21.68
N3 SC E 1 14.64 8.33 22.22
C4 SC E 1 14.78 9.67 22.22
C5 SC E 1 15.93 10.31 21.68
C6 SC E 1 16.89 9.54 21.15
O2 SC E 1 15.55 6.33 21.65
N4 SC E 1 13.79 10.39 22.76
C1' SC E 1 17.83 7.34 20.54
C2' SC E 1 18.08 7.64 19.07
C3' SC E 1 19.54 7.26 18.97
C4' SC E 1 20.07 7.88 20.24
O4' SC E 1 19.04 7.62 21.22
O3' SC E 1 19.67 5.88 19.03
C5' SC E 1 20.32 9.37 20.14
O5' SC E 1 20.31 9.95 21.43
P GS E 2 20.63 5.11 17.99
OP1 GS E 2 20.71 3.76 18.59
S2P GS E 2 22.52 5.94 17.98
O5' GS E 2 19.79 5.09 16.64
C5' GS E 2 18.57 4.36 16.57
C4' GS E 2 17.79 4.73 15.32
O4' GS E 2 18.55 4.37 14.13
C3' GS E 2 16.47 4.00 15.15
O3' GS E 2 15.65 4.75 14.28
C2' GS E 2 16.93 2.70 14.48
C1' GS E 2 17.94 3.25 13.48
N9 GS E 2 19.01 2.30 13.09
C8 GS E 2 19.30 1.91 11.80
N7 GS E 2 20.33 1.11 11.72
C5 GS E 2 20.76 0.98 13.04
C6 GS E 2 21.84 0.22 13.58
O6 GS E 2 22.65 -0.49 12.99
N1 GS E 2 21.91 0.37 14.95
C2 GS E 2 21.07 1.13 15.72
N2 GS E 2 21.33 1.13 17.04
N3 GS E 2 20.05 1.83 15.24
C4 GS E 2 19.96 1.71 13.88
N1 SC E 3 10.42 5.28 17.82
C2 SC E 3 10.21 4.45 18.93
N3 SC E 3 10.74 4.82 20.13
C4 SC E 3 11.44 5.95 20.23
C5 SC E 3 11.67 6.80 19.11
C6 SC E 3 11.14 6.43 17.95
O2 SC E 3 9.56 3.41 18.79
N4 SC E 3 11.94 6.27 21.43
C1' SC E 3 9.85 4.89 16.48
C2' SC E 3 9.53 6.07 15.56
C3' SC E 3 10.75 6.12 14.65
C4' SC E 3 11.18 4.66 14.56
O4' SC E 3 10.78 4.06 15.81
O3' SC E 3 10.49 6.70 13.34
C5' SC E 3 12.66 4.43 14.37
O5' SC E 3 13.41 5.20 15.30
P SC E 3 14.73 5.95 14.82
OP1 SC E 3 14.39 6.70 13.59
S2P SC E 3 15.25 7.24 16.18
N1 SC E 4 10.66 11.72 14.13
C2 SC E 4 11.39 11.99 15.30
N3 SC E 4 12.71 12.28 15.21
C4 SC E 4 13.30 12.32 14.02
C5 SC E 4 12.58 12.05 12.81
C6 SC E 4 11.28 11.76 12.91
O2 SC E 4 10.80 11.95 16.39
N4 SC E 4 14.59 12.61 13.97
C1' SC E 4 9.21 11.39 14.22
C2' SC E 4 8.31 12.23 13.28
C3' SC E 4 8.00 11.25 12.14
C4' SC E 4 8.06 9.90 12.82
O4' SC E 4 9.04 10.03 13.87
O3' SC E 4 6.70 11.49 11.59
C5' SC E 4 8.48 8.75 11.91
O5' SC E 4 8.22 7.49 12.54
P SC E 4 9.25 6.27 12.40
OP1 SC E 4 8.60 5.04 12.88
S2P SC E 4 9.85 6.09 10.55
C1' SC F 1 -25.64 -16.05 20.43
C2' SC F 1 -25.76 -15.79 18.94
C3' SC F 1 -27.09 -15.07 18.89
C4' SC F 1 -27.91 -15.88 19.89
O4' SC F 1 -26.96 -16.31 20.89
O3' SC F 1 -26.98 -13.74 19.34
C5' SC F 1 -28.62 -17.08 19.30
O5' SC F 1 -29.82 -17.34 20.03
P GS F 2 -27.75 -12.55 18.58
OP1 GS F 2 -27.73 -11.39 19.50
S2P GS F 2 -29.70 -13.01 18.07
O5' GS F 2 -26.80 -12.21 17.35
C5' GS F 2 -25.43 -11.96 17.56
C4' GS F 2 -24.69 -11.93 16.23
O4' GS F 2 -25.27 -10.91 15.38
C3' GS F 2 -23.22 -11.61 16.34
O3' GS F 2 -22.50 -12.26 15.30
C2' GS F 2 -23.20 -10.10 16.15
C1' GS F 2 -24.29 -9.93 15.10
N9 GS F 2 -24.94 -8.61 15.10
C8 GS F 2 -24.83 -7.64 14.15
N7 GS F 2 -25.50 -6.56 14.41
C5 GS F 2 -26.12 -6.83 15.62
C6 GS F 2 -26.99 -6.04 16.41
O6 GS F 2 -27.41 -4.89 16.16
N1 GS F 2 -27.39 -6.70 17.57
C2 GS F 2 -27.00 -7.96 17.93
N2 GS F 2 -27.49 -8.43 19.08
N3 GS F 2 -26.19 -8.72 17.21
C4 GS F 2 -25.79 -8.10 16.07
N1 SC F 3 -18.34 -15.54 18.39
C2 SC F 3 -18.12 -15.48 19.78
N3 SC F 3 -19.00 -16.08 20.61
C4 SC F 3 -20.06 -16.72 20.11
C5 SC F 3 -20.30 -16.78 18.70
C6 SC F 3 -19.43 -16.19 17.89
O2 SC F 3 -17.12 -14.88 20.20
N4 SC F 3 -20.91 -17.30 20.97
C1' SC F 3 -17.35 -14.87 17.46
C2' SC F 3 -17.12 -15.63 16.16
C3' SC F 3 -18.01 -14.88 15.16
C4' SC F 3 -18.06 -13.47 15.71
O4' SC F 3 -17.85 -13.59 17.14
O3' SC F 3 -17.46 -14.88 13.83
C5' SC F 3 -19.36 -12.73 15.47
O5' SC F 3 -20.41 -13.30 16.24
P SC F 3 -21.81 -13.68 15.56
OP1 SC F 3 -21.53 -14.28 14.24
S2P SC F 3 -22.69 -15.05 16.63
O5' SC F 4 -15.35 -16.26 13.69
P SC F 4 -15.88 -14.76 13.55
OP1 SC F 4 -15.23 -13.90 14.57
S2P SC F 4 -16.22 -14.01 11.79
C1' SC G 1 -19.08 15.50 -15.29
C2' SC G 1 -19.58 15.42 -13.85
C3' SC G 1 -21.08 15.19 -14.04
C4' SC G 1 -21.36 16.07 -15.25
O4' SC G 1 -20.17 15.98 -16.07
O3' SC G 1 -21.35 13.84 -14.36
C5' SC G 1 -21.64 17.53 -14.93
O5' SC G 1 -21.73 18.28 -16.13
P GS G 2 -22.56 13.05 -13.64
OP1 GS G 2 -23.00 12.00 -14.58
S2P GS G 2 -23.85 14.64 -13.37
O5' GS G 2 -21.83 12.33 -12.43
C5' GS G 2 -20.68 11.56 -12.68
C4' GS G 2 -19.90 11.34 -11.41
O4' GS G 2 -20.72 10.59 -10.47
C3' GS G 2 -18.65 10.50 -11.58
O3' GS G 2 -17.75 10.80 -10.52
C2' GS G 2 -19.21 9.08 -11.45
C1' GS G 2 -20.21 9.29 -10.32
N9 GS G 2 -21.34 8.34 -10.31
C8 GS G 2 -21.67 7.46 -9.30
N7 GS G 2 -22.75 6.76 -9.56
C5 GS G 2 -23.16 7.22 -10.81
C6 GS G 2 -24.28 6.82 -11.60
O6 GS G 2 -25.14 5.98 -11.36
N1 GS G 2 -24.33 7.54 -12.80
C2 GS G 2 -23.43 8.50 -13.19
N2 GS G 2 -23.65 9.07 -14.38
N3 GS G 2 -22.38 8.88 -12.45
C4 GS G 2 -22.31 8.19 -11.27
N1 SC G 3 -12.39 12.57 -13.72
C2 SC G 3 -11.47 13.28 -14.50
N3 SC G 3 -11.92 14.19 -15.39
C4 SC G 3 -13.23 14.39 -15.54
C5 SC G 3 -14.19 13.68 -14.77
C6 SC G 3 -13.74 12.78 -13.88
O2 SC G 3 -10.26 13.06 -14.34
N4 SC G 3 -13.62 15.30 -16.44
C1' SC G 3 -11.90 11.55 -12.72
C2' SC G 3 -11.64 12.13 -11.33
C3' SC G 3 -12.98 11.88 -10.64
C4' SC G 3 -13.40 10.54 -11.22
O4' SC G 3 -12.89 10.54 -12.58
O3' SC G 3 -12.88 11.82 -9.21
C5' SC G 3 -14.89 10.31 -11.25
O5' SC G 3 -15.57 11.50 -11.58
P SC G 3 -16.72 12.04 -10.61
OP1 SC G 3 -16.16 12.23 -9.26
S2P SC G 3 -17.26 13.81 -11.25
N1 SC G 4 -12.17 16.90 -7.85
C2 SC G 4 -12.99 17.50 -8.82
N3 SC G 4 -14.24 17.89 -8.48
C4 SC G 4 -14.68 17.71 -7.23
C5 SC G 4 -13.87 17.11 -6.23
C6 SC G 4 -12.64 16.72 -6.57
O2 SC G 4 -12.54 17.63 -9.96
N4 SC G 4 -15.91 18.12 -6.94
C1' SC G 4 -10.79 16.46 -8.20
C2' SC G 4 -9.74 16.69 -7.10
C3' SC G 4 -9.59 15.30 -6.48
C4' SC G 4 -9.85 14.38 -7.66
O4' SC G 4 -10.82 15.06 -8.48
O3' SC G 4 -8.28 15.08 -5.98
C5' SC G 4 -10.41 13.02 -7.27
O5' SC G 4 -10.52 12.19 -8.41
P SC G 4 -11.65 11.08 -8.47
OP1 SC G 4 -11.16 9.92 -9.24
S2P SC G 4 -12.43 10.62 -6.74
N1 SC H 1 22.62 -9.40 -25.24
C2 SC H 1 21.50 -9.09 -25.99
N3 SC H 1 20.88 -10.08 -26.69
C4 SC H 1 21.36 -11.33 -26.64
C5 SC H 1 22.51 -11.66 -25.86
C6 SC H 1 23.10 -10.68 -25.18
O2 SC H 1 21.09 -7.92 -26.01
N4 SC H 1 20.72 -12.27 -27.34
C1' SC H 1 23.30 -8.33 -24.47
C2' SC H 1 23.77 -8.77 -23.09
C3' SC H 1 24.94 -7.84 -22.88
C4' SC H 1 25.60 -7.91 -24.24
O4' SC H 1 24.47 -7.94 -25.16
O3' SC H 1 24.49 -6.54 -22.66
C5' SC H 1 26.48 -9.12 -24.48
O5' SC H 1 26.77 -9.28 -25.86
P GS H 2 25.26 -5.57 -21.64
OP1 GS H 2 25.24 -4.25 -22.29
S2P GS H 2 27.22 -6.13 -21.36
O5' GS H 2 24.29 -5.55 -20.37
C5' GS H 2 22.92 -5.27 -20.54
C4' GS H 2 22.11 -5.77 -19.36
O4' GS H 2 22.67 -5.22 -18.12
C3' GS H 2 20.67 -5.34 -19.37
O3' GS H 2 19.87 -6.30 -18.67
C2' GS H 2 20.73 -3.99 -18.65
C1' GS H 2 21.75 -4.30 -17.56
N9 GS H 2 22.49 -3.14 -17.02
C8 GS H 2 22.42 -2.66 -15.74
N7 GS H 2 23.22 -1.67 -15.51
C5 GS H 2 23.89 -1.49 -16.71
C6 GS H 2 24.89 -0.55 -17.06
O6 GS H 2 25.38 0.34 -16.36
N1 GS H 2 25.31 -0.70 -18.37
C2 GS H 2 24.82 -1.64 -19.24
N2 GS H 2 25.35 -1.63 -20.46
N3 GS H 2 23.87 -2.52 -18.93
C4 GS H 2 23.46 -2.40 -17.65
N1 SC H 3 15.63 -7.68 -23.01
C2 SC H 3 15.59 -6.98 -24.23
N3 SC H 3 16.41 -7.36 -25.24
C4 SC H 3 17.25 -8.39 -25.07
C5 SC H 3 17.29 -9.12 -23.85
C6 SC H 3 16.48 -8.74 -22.86
O2 SC H 3 14.80 -6.02 -24.36
N4 SC H 3 18.05 -8.73 -26.08
C1' SC H 3 14.70 -7.27 -21.89
C2' SC H 3 14.37 -8.41 -20.91
C3' SC H 3 15.38 -8.19 -19.81
C4' SC H 3 15.49 -6.67 -19.77
O4' SC H 3 15.31 -6.24 -21.14
O3' SC H 3 14.96 -8.73 -18.53
C5' SC H 3 16.82 -6.16 -19.30
O5' SC H 3 17.86 -6.66 -20.13
P SC H 3 19.08 -7.46 -19.46
OP1 SC H 3 18.47 -8.35 -18.46
S2P SC H 3 19.92 -8.57 -20.82
N1 SC H 4 15.91 -13.56 -20.04
C2 SC H 4 16.89 -13.07 -20.91
N3 SC H 4 18.19 -13.03 -20.50
C4 SC H 4 18.51 -13.42 -19.27
C5 SC H 4 17.52 -13.89 -18.34
C6 SC H 4 16.25 -13.94 -18.77
O2 SC H 4 16.57 -12.77 -22.08
N4 SC H 4 19.78 -13.35 -18.90
C1' SC H 4 14.49 -13.62 -20.50
C2' SC H 4 13.67 -14.71 -19.82
C3' SC H 4 12.84 -13.96 -18.78
C4' SC H 4 12.70 -12.56 -19.38
O4' SC H 4 13.87 -12.38 -20.22
O3' SC H 4 11.55 -14.54 -18.61
C5' SC H 4 12.65 -11.44 -18.35
O5' SC H 4 12.93 -10.19 -18.98
P SC H 4 13.42 -8.94 -18.11
OP1 SC H 4 12.65 -7.72 -18.47
S2P SC H 4 13.30 -9.32 -16.21
ZN ZN I . 19.19 14.27 -8.48
ZN ZN J . -23.82 -10.96 -9.22
ZN ZN K . -20.64 10.79 14.12
ZN ZN L . 20.51 -15.15 4.39
#